data_7Q8S
#
_entry.id   7Q8S
#
_cell.length_a   1.00
_cell.length_b   1.00
_cell.length_c   1.00
_cell.angle_alpha   90.00
_cell.angle_beta   90.00
_cell.angle_gamma   90.00
#
_symmetry.space_group_name_H-M   'P 1'
#
loop_
_entity.id
_entity.type
_entity.pdbx_description
1 polymer Actin
2 polymer ADF/Cofilin
3 non-polymer "ADENOSINE-5'-DIPHOSPHATE"
4 non-polymer 'MAGNESIUM ION'
#
loop_
_entity_poly.entity_id
_entity_poly.type
_entity_poly.pdbx_seq_one_letter_code
_entity_poly.pdbx_strand_id
1 'polypeptide(L)'
;MADNEQSSIVCDNGSGMVKAGFSGDDAPRHVFPSIVGRPKNMQAMMGSANKTVYVGDEAQSKRGVLSLKYPIEHGIVTNW
DDMEKIWHHTFYNELRVNPEQHNVLLTEAPMNPKQNREKMTQIMFETFNVPSLYIGIQAVLSLYSSGRTTGIVLDAGDGV
THTVPIYEGYSLPHAVRRVDMAGRDLTEYLMKIMMETGTTFTTTAEKEIVRNVKEQLCYVALDFEEEMTNSAKSANEEAF
ELPDGNVMMVGNQRFRCPEVLFKPSLIGLDEAPGFPEMVYQSINKCDIDVRRELYGNIVLSGGSTMFLNLPERLAKEISN
LAPSSIKPKVVAPPERKYSVWIGGSILSSLTTFQTMWVKKSEYDESGPSIVHNKCF
;
A,C,D,E,F
2 'polypeptide(L)'
;AISGVTLEESVRGAIDDLRMKKSRYVMMCIGADGKKIEVTEVGERGVNYTDLKEKFSAEKPCYVAFDFEYNDAGSKREKL
ILIQWIPDTARPREKMMYSASRDALSSVSEGYLPIQANDESGLDAEEIIRKVRLHRSV
;
B,G,H,I,J
#
# COMPACT_ATOMS: atom_id res chain seq x y z
N SER A 7 -10.59 -36.98 -5.65
CA SER A 7 -9.21 -37.42 -5.50
C SER A 7 -8.50 -36.62 -4.42
N SER A 8 -7.88 -35.51 -4.82
CA SER A 8 -7.18 -34.63 -3.90
C SER A 8 -8.06 -33.44 -3.55
N ILE A 9 -7.61 -32.66 -2.57
CA ILE A 9 -8.34 -31.50 -2.06
C ILE A 9 -7.55 -30.25 -2.37
N VAL A 10 -8.21 -29.27 -2.98
CA VAL A 10 -7.61 -27.98 -3.30
C VAL A 10 -8.36 -26.92 -2.52
N CYS A 11 -7.64 -26.17 -1.68
CA CYS A 11 -8.23 -25.17 -0.81
C CYS A 11 -7.54 -23.83 -1.04
N ASP A 12 -8.35 -22.78 -1.21
CA ASP A 12 -7.85 -21.41 -1.39
C ASP A 12 -8.45 -20.56 -0.27
N ASN A 13 -7.62 -20.26 0.73
CA ASN A 13 -8.11 -19.55 1.91
C ASN A 13 -8.63 -18.17 1.57
N GLY A 14 -7.89 -17.43 0.74
CA GLY A 14 -8.32 -16.08 0.42
C GLY A 14 -8.26 -15.16 1.62
N SER A 15 -9.03 -14.07 1.53
CA SER A 15 -9.13 -13.10 2.62
C SER A 15 -10.56 -12.92 3.11
N GLY A 16 -11.54 -12.97 2.23
CA GLY A 16 -12.93 -12.84 2.63
C GLY A 16 -13.71 -14.13 2.55
N MET A 17 -13.45 -14.92 1.51
CA MET A 17 -14.18 -16.16 1.27
C MET A 17 -13.21 -17.30 1.05
N VAL A 18 -13.66 -18.51 1.34
CA VAL A 18 -12.86 -19.72 1.23
C VAL A 18 -13.39 -20.56 0.07
N LYS A 19 -12.50 -20.96 -0.82
CA LYS A 19 -12.84 -21.82 -1.95
C LYS A 19 -12.24 -23.21 -1.71
N ALA A 20 -13.08 -24.23 -1.84
CA ALA A 20 -12.66 -25.61 -1.61
C ALA A 20 -13.32 -26.51 -2.64
N GLY A 21 -12.70 -27.66 -2.88
CA GLY A 21 -13.22 -28.60 -3.85
C GLY A 21 -12.25 -29.75 -4.07
N PHE A 22 -12.52 -30.51 -5.12
CA PHE A 22 -11.70 -31.66 -5.49
C PHE A 22 -10.99 -31.40 -6.81
N SER A 23 -9.77 -31.93 -6.92
CA SER A 23 -8.98 -31.71 -8.11
C SER A 23 -9.63 -32.34 -9.33
N GLY A 24 -9.52 -31.66 -10.48
CA GLY A 24 -10.12 -32.10 -11.71
C GLY A 24 -11.39 -31.38 -12.09
N ASP A 25 -12.02 -30.67 -11.14
CA ASP A 25 -13.22 -29.92 -11.45
C ASP A 25 -12.87 -28.62 -12.17
N ASP A 26 -13.86 -28.07 -12.87
CA ASP A 26 -13.68 -26.83 -13.59
C ASP A 26 -14.05 -25.59 -12.77
N ALA A 27 -14.60 -25.77 -11.58
CA ALA A 27 -14.99 -24.66 -10.72
C ALA A 27 -15.18 -25.18 -9.30
N PRO A 28 -14.88 -24.38 -8.29
CA PRO A 28 -15.10 -24.83 -6.90
C PRO A 28 -16.58 -25.01 -6.61
N ARG A 29 -16.86 -25.96 -5.72
CA ARG A 29 -18.24 -26.27 -5.34
C ARG A 29 -18.64 -25.70 -3.99
N HIS A 30 -17.68 -25.32 -3.15
CA HIS A 30 -17.95 -24.84 -1.80
C HIS A 30 -17.31 -23.48 -1.62
N VAL A 31 -18.14 -22.45 -1.49
CA VAL A 31 -17.68 -21.08 -1.24
C VAL A 31 -18.46 -20.55 -0.03
N PHE A 32 -17.72 -20.08 0.97
CA PHE A 32 -18.35 -19.55 2.19
C PHE A 32 -17.40 -18.55 2.82
N PRO A 33 -17.93 -17.51 3.46
CA PRO A 33 -17.06 -16.50 4.07
C PRO A 33 -16.26 -17.07 5.23
N SER A 34 -15.09 -16.50 5.45
CA SER A 34 -14.18 -16.94 6.52
C SER A 34 -14.33 -16.00 7.70
N ILE A 35 -15.36 -16.25 8.50
CA ILE A 35 -15.64 -15.46 9.70
C ILE A 35 -15.90 -16.40 10.87
N VAL A 36 -15.66 -15.89 12.07
CA VAL A 36 -15.91 -16.62 13.31
C VAL A 36 -16.78 -15.76 14.21
N GLY A 37 -17.87 -16.33 14.70
CA GLY A 37 -18.83 -15.60 15.52
C GLY A 37 -18.92 -16.17 16.93
N ARG A 38 -19.09 -15.29 17.90
CA ARG A 38 -19.27 -15.64 19.29
C ARG A 38 -20.44 -14.87 19.88
N PRO A 39 -21.11 -15.40 20.90
CA PRO A 39 -22.26 -14.70 21.46
C PRO A 39 -21.89 -13.33 22.02
N LYS A 40 -22.81 -12.39 21.89
CA LYS A 40 -22.59 -11.00 22.30
C LYS A 40 -22.26 -10.91 23.78
N LYS A 51 -24.18 -23.64 21.04
CA LYS A 51 -22.89 -23.59 20.36
C LYS A 51 -22.04 -22.43 20.90
N THR A 52 -20.85 -22.76 21.39
CA THR A 52 -19.96 -21.73 21.91
C THR A 52 -19.51 -20.78 20.81
N VAL A 53 -19.17 -21.32 19.64
CA VAL A 53 -18.69 -20.53 18.52
C VAL A 53 -19.46 -20.93 17.26
N TYR A 54 -19.49 -20.01 16.30
CA TYR A 54 -20.13 -20.22 15.01
C TYR A 54 -19.16 -19.86 13.90
N VAL A 55 -19.06 -20.71 12.89
CA VAL A 55 -18.10 -20.55 11.81
C VAL A 55 -18.84 -20.60 10.48
N GLY A 56 -18.51 -19.67 9.58
CA GLY A 56 -19.07 -19.67 8.25
C GLY A 56 -20.47 -19.11 8.18
N ASP A 57 -21.34 -19.75 7.39
CA ASP A 57 -22.71 -19.29 7.24
C ASP A 57 -23.52 -19.45 8.53
N GLU A 58 -23.06 -20.29 9.46
CA GLU A 58 -23.75 -20.42 10.74
C GLU A 58 -23.73 -19.11 11.50
N ALA A 59 -22.60 -18.42 11.51
CA ALA A 59 -22.53 -17.10 12.15
C ALA A 59 -23.21 -16.04 11.31
N GLN A 60 -23.25 -16.22 9.99
CA GLN A 60 -23.87 -15.24 9.11
C GLN A 60 -25.38 -15.14 9.37
N SER A 61 -26.04 -16.30 9.56
CA SER A 61 -27.48 -16.29 9.80
C SER A 61 -27.83 -15.60 11.10
N LYS A 62 -27.04 -15.84 12.16
CA LYS A 62 -27.26 -15.23 13.45
C LYS A 62 -26.38 -14.00 13.68
N ARG A 63 -26.10 -13.25 12.60
CA ARG A 63 -25.17 -12.13 12.67
C ARG A 63 -25.67 -11.01 13.58
N GLY A 64 -26.97 -10.97 13.88
CA GLY A 64 -27.50 -9.89 14.69
C GLY A 64 -26.99 -9.90 16.12
N VAL A 65 -26.86 -11.08 16.71
CA VAL A 65 -26.49 -11.22 18.11
C VAL A 65 -25.11 -11.84 18.29
N LEU A 66 -24.24 -11.72 17.28
CA LEU A 66 -22.90 -12.28 17.34
C LEU A 66 -21.87 -11.22 16.97
N SER A 67 -20.70 -11.33 17.59
CA SER A 67 -19.56 -10.50 17.25
C SER A 67 -18.65 -11.26 16.30
N LEU A 68 -18.28 -10.63 15.18
CA LEU A 68 -17.56 -11.28 14.12
C LEU A 68 -16.11 -10.81 14.08
N LYS A 69 -15.19 -11.76 13.90
CA LYS A 69 -13.78 -11.46 13.72
C LYS A 69 -13.26 -12.24 12.52
N TYR A 70 -12.24 -11.68 11.87
CA TYR A 70 -11.67 -12.29 10.68
C TYR A 70 -10.34 -12.94 11.03
N PRO A 71 -10.24 -14.27 11.04
CA PRO A 71 -8.93 -14.90 11.29
C PRO A 71 -7.89 -14.51 10.25
N ILE A 72 -8.29 -14.37 9.00
CA ILE A 72 -7.41 -13.94 7.93
C ILE A 72 -8.02 -12.70 7.30
N GLU A 73 -7.39 -11.55 7.53
CA GLU A 73 -7.74 -10.31 6.85
C GLU A 73 -6.46 -9.68 6.33
N HIS A 74 -6.58 -8.97 5.21
CA HIS A 74 -5.46 -8.37 4.49
C HIS A 74 -4.48 -9.39 3.94
N GLY A 75 -4.88 -10.67 3.90
CA GLY A 75 -4.08 -11.71 3.28
C GLY A 75 -3.11 -12.43 4.18
N ILE A 76 -2.98 -12.03 5.44
CA ILE A 76 -2.02 -12.63 6.36
C ILE A 76 -2.76 -13.14 7.58
N VAL A 77 -2.42 -14.35 8.01
CA VAL A 77 -3.08 -14.96 9.17
C VAL A 77 -2.76 -14.15 10.42
N THR A 78 -3.79 -13.81 11.18
CA THR A 78 -3.63 -13.03 12.40
C THR A 78 -3.81 -13.83 13.67
N ASN A 79 -4.66 -14.87 13.66
CA ASN A 79 -4.91 -15.69 14.83
C ASN A 79 -5.01 -17.15 14.39
N TRP A 80 -4.05 -17.97 14.81
CA TRP A 80 -4.06 -19.37 14.43
C TRP A 80 -5.11 -20.16 15.18
N ASP A 81 -5.47 -19.72 16.39
CA ASP A 81 -6.48 -20.43 17.16
C ASP A 81 -7.84 -20.41 16.46
N ASP A 82 -8.23 -19.26 15.92
CA ASP A 82 -9.49 -19.16 15.19
C ASP A 82 -9.37 -19.61 13.75
N MET A 83 -8.15 -19.74 13.22
CA MET A 83 -7.98 -20.21 11.86
C MET A 83 -8.17 -21.72 11.76
N GLU A 84 -7.79 -22.46 12.80
CA GLU A 84 -7.95 -23.91 12.78
C GLU A 84 -9.43 -24.30 12.69
N LYS A 85 -10.31 -23.50 13.28
CA LYS A 85 -11.74 -23.78 13.17
C LYS A 85 -12.24 -23.64 11.74
N ILE A 86 -11.63 -22.76 10.94
CA ILE A 86 -12.01 -22.61 9.55
C ILE A 86 -11.71 -23.90 8.78
N TRP A 87 -10.53 -24.47 8.99
CA TRP A 87 -10.16 -25.70 8.31
C TRP A 87 -10.98 -26.88 8.82
N HIS A 88 -11.23 -26.94 10.12
CA HIS A 88 -12.03 -28.02 10.67
C HIS A 88 -13.45 -27.99 10.12
N HIS A 89 -14.02 -26.80 9.96
CA HIS A 89 -15.35 -26.66 9.37
C HIS A 89 -15.36 -27.14 7.92
N THR A 90 -14.30 -26.85 7.17
CA THR A 90 -14.27 -27.21 5.76
C THR A 90 -14.22 -28.72 5.57
N PHE A 91 -13.37 -29.40 6.34
CA PHE A 91 -13.18 -30.84 6.15
C PHE A 91 -14.43 -31.62 6.52
N TYR A 92 -15.01 -31.34 7.68
CA TYR A 92 -16.11 -32.14 8.20
C TYR A 92 -17.48 -31.62 7.77
N ASN A 93 -17.76 -30.35 8.05
CA ASN A 93 -19.08 -29.81 7.76
C ASN A 93 -19.29 -29.58 6.27
N GLU A 94 -18.26 -29.10 5.57
CA GLU A 94 -18.42 -28.69 4.18
C GLU A 94 -18.05 -29.80 3.21
N LEU A 95 -16.81 -30.27 3.24
CA LEU A 95 -16.37 -31.31 2.33
C LEU A 95 -16.89 -32.69 2.74
N ARG A 96 -17.03 -32.93 4.04
CA ARG A 96 -17.51 -34.21 4.58
C ARG A 96 -16.60 -35.36 4.14
N VAL A 97 -15.30 -35.18 4.38
CA VAL A 97 -14.29 -36.19 4.07
C VAL A 97 -13.34 -36.31 5.24
N ASN A 98 -12.65 -37.45 5.31
CA ASN A 98 -11.64 -37.67 6.32
C ASN A 98 -10.34 -36.99 5.92
N PRO A 99 -9.78 -36.11 6.75
CA PRO A 99 -8.53 -35.44 6.37
C PRO A 99 -7.33 -36.38 6.24
N GLU A 100 -7.40 -37.57 6.83
CA GLU A 100 -6.27 -38.50 6.82
C GLU A 100 -6.35 -39.50 5.68
N GLN A 101 -7.16 -39.23 4.65
CA GLN A 101 -7.25 -40.13 3.51
C GLN A 101 -7.14 -39.41 2.17
N HIS A 102 -6.72 -38.16 2.14
CA HIS A 102 -6.66 -37.38 0.92
C HIS A 102 -5.42 -36.49 0.93
N ASN A 103 -5.03 -36.04 -0.26
CA ASN A 103 -3.93 -35.09 -0.40
C ASN A 103 -4.49 -33.67 -0.48
N VAL A 104 -3.86 -32.75 0.24
CA VAL A 104 -4.34 -31.39 0.38
C VAL A 104 -3.32 -30.45 -0.22
N LEU A 105 -3.78 -29.54 -1.08
CA LEU A 105 -2.95 -28.50 -1.67
C LEU A 105 -3.40 -27.14 -1.16
N LEU A 106 -2.46 -26.37 -0.63
CA LEU A 106 -2.74 -25.06 -0.05
C LEU A 106 -2.01 -23.97 -0.81
N THR A 107 -2.49 -22.74 -0.64
CA THR A 107 -1.87 -21.57 -1.25
C THR A 107 -1.60 -20.53 -0.18
N GLU A 108 -0.59 -19.70 -0.43
CA GLU A 108 -0.19 -18.65 0.51
C GLU A 108 -0.05 -17.33 -0.22
N ALA A 109 -0.28 -16.24 0.51
CA ALA A 109 -0.20 -14.91 -0.05
C ALA A 109 1.26 -14.53 -0.30
N PRO A 110 1.50 -13.59 -1.22
CA PRO A 110 2.88 -13.13 -1.46
C PRO A 110 3.47 -12.47 -0.22
N MET A 111 4.80 -12.55 -0.12
CA MET A 111 5.55 -11.98 1.01
C MET A 111 5.10 -12.58 2.33
N ASN A 112 4.83 -13.88 2.32
CA ASN A 112 4.39 -14.58 3.53
C ASN A 112 5.59 -14.95 4.37
N PRO A 113 5.66 -14.57 5.64
CA PRO A 113 6.79 -14.96 6.49
C PRO A 113 6.89 -16.47 6.63
N LYS A 114 8.13 -16.95 6.75
CA LYS A 114 8.37 -18.39 6.86
C LYS A 114 7.80 -18.98 8.14
N GLN A 115 7.58 -18.17 9.17
CA GLN A 115 6.98 -18.69 10.40
C GLN A 115 5.56 -19.20 10.16
N ASN A 116 4.79 -18.46 9.35
CA ASN A 116 3.44 -18.92 9.03
C ASN A 116 3.47 -20.21 8.22
N ARG A 117 4.40 -20.31 7.26
CA ARG A 117 4.50 -21.52 6.47
C ARG A 117 4.86 -22.73 7.32
N GLU A 118 5.80 -22.55 8.26
CA GLU A 118 6.18 -23.65 9.14
C GLU A 118 5.03 -24.08 10.04
N LYS A 119 4.25 -23.12 10.54
CA LYS A 119 3.11 -23.46 11.37
C LYS A 119 1.97 -24.05 10.55
N MET A 120 1.83 -23.63 9.29
CA MET A 120 0.76 -24.15 8.45
C MET A 120 0.93 -25.64 8.20
N THR A 121 2.16 -26.08 7.92
CA THR A 121 2.39 -27.49 7.67
C THR A 121 2.40 -28.31 8.95
N GLN A 122 2.75 -27.68 10.08
CA GLN A 122 2.72 -28.40 11.36
C GLN A 122 1.31 -28.80 11.74
N ILE A 123 0.34 -27.92 11.51
CA ILE A 123 -1.05 -28.22 11.87
C ILE A 123 -1.58 -29.38 11.04
N MET A 124 -1.32 -29.37 9.73
CA MET A 124 -1.86 -30.41 8.86
C MET A 124 -1.32 -31.79 9.23
N PHE A 125 -0.02 -31.89 9.50
CA PHE A 125 0.59 -33.18 9.80
C PHE A 125 0.24 -33.68 11.20
N GLU A 126 0.21 -32.77 12.19
CA GLU A 126 0.05 -33.19 13.58
C GLU A 126 -1.41 -33.24 14.02
N THR A 127 -2.25 -32.31 13.56
CA THR A 127 -3.64 -32.27 14.00
C THR A 127 -4.56 -33.06 13.08
N PHE A 128 -4.53 -32.76 11.78
CA PHE A 128 -5.39 -33.43 10.82
C PHE A 128 -4.78 -34.70 10.25
N ASN A 129 -3.50 -34.97 10.51
CA ASN A 129 -2.82 -36.18 10.05
C ASN A 129 -2.92 -36.33 8.53
N VAL A 130 -2.69 -35.23 7.82
CA VAL A 130 -2.75 -35.26 6.35
C VAL A 130 -1.58 -36.08 5.82
N PRO A 131 -1.81 -37.06 4.95
CA PRO A 131 -0.70 -37.89 4.46
C PRO A 131 0.29 -37.14 3.58
N SER A 132 -0.22 -36.36 2.63
CA SER A 132 0.62 -35.61 1.70
C SER A 132 0.16 -34.16 1.65
N LEU A 133 1.12 -33.24 1.63
CA LEU A 133 0.84 -31.81 1.63
C LEU A 133 1.70 -31.11 0.61
N TYR A 134 1.16 -30.03 0.03
CA TYR A 134 1.90 -29.21 -0.90
C TYR A 134 1.38 -27.78 -0.81
N ILE A 135 2.29 -26.81 -0.85
CA ILE A 135 1.96 -25.40 -0.72
C ILE A 135 2.44 -24.68 -1.97
N GLY A 136 1.54 -23.93 -2.61
CA GLY A 136 1.84 -23.18 -3.80
C GLY A 136 1.81 -21.68 -3.57
N ILE A 137 2.07 -20.95 -4.66
CA ILE A 137 2.08 -19.49 -4.65
C ILE A 137 0.91 -19.01 -5.50
N GLN A 138 0.11 -18.10 -4.94
CA GLN A 138 -1.09 -17.63 -5.64
C GLN A 138 -0.74 -16.90 -6.92
N ALA A 139 0.28 -16.05 -6.89
CA ALA A 139 0.65 -15.27 -8.08
C ALA A 139 1.16 -16.18 -9.19
N VAL A 140 1.97 -17.18 -8.83
CA VAL A 140 2.54 -18.07 -9.85
C VAL A 140 1.46 -18.91 -10.51
N LEU A 141 0.55 -19.46 -9.72
CA LEU A 141 -0.51 -20.30 -10.29
C LEU A 141 -1.43 -19.50 -11.21
N SER A 142 -1.73 -18.26 -10.84
CA SER A 142 -2.59 -17.43 -11.68
C SER A 142 -1.91 -17.09 -13.00
N LEU A 143 -0.60 -16.88 -12.98
CA LEU A 143 0.11 -16.49 -14.20
C LEU A 143 0.24 -17.67 -15.16
N TYR A 144 0.52 -18.87 -14.63
CA TYR A 144 0.70 -20.03 -15.50
C TYR A 144 -0.59 -20.40 -16.22
N SER A 145 -1.73 -20.27 -15.55
CA SER A 145 -3.00 -20.61 -16.18
C SER A 145 -3.34 -19.71 -17.35
N SER A 146 -2.66 -18.56 -17.48
CA SER A 146 -2.85 -17.66 -18.60
C SER A 146 -1.90 -17.94 -19.75
N GLY A 147 -1.14 -19.02 -19.69
CA GLY A 147 -0.18 -19.33 -20.73
C GLY A 147 0.98 -18.37 -20.84
N ARG A 148 1.56 -17.98 -19.71
CA ARG A 148 2.66 -17.03 -19.69
C ARG A 148 3.65 -17.42 -18.60
N THR A 149 4.88 -16.91 -18.75
CA THR A 149 5.93 -17.14 -17.77
C THR A 149 6.49 -15.86 -17.18
N THR A 150 6.50 -14.77 -17.92
CA THR A 150 6.96 -13.47 -17.43
C THR A 150 5.83 -12.46 -17.54
N GLY A 151 5.63 -11.70 -16.47
CA GLY A 151 4.59 -10.68 -16.48
C GLY A 151 4.38 -10.12 -15.08
N ILE A 152 3.38 -9.25 -14.97
CA ILE A 152 3.00 -8.63 -13.72
C ILE A 152 1.53 -8.95 -13.46
N VAL A 153 1.23 -9.41 -12.25
CA VAL A 153 -0.10 -9.90 -11.89
C VAL A 153 -0.75 -8.89 -10.96
N LEU A 154 -1.92 -8.40 -11.35
CA LEU A 154 -2.71 -7.49 -10.53
C LEU A 154 -3.85 -8.28 -9.90
N ASP A 155 -3.75 -8.54 -8.59
CA ASP A 155 -4.74 -9.31 -7.86
C ASP A 155 -5.58 -8.36 -7.01
N ALA A 156 -6.90 -8.40 -7.21
CA ALA A 156 -7.83 -7.54 -6.48
C ALA A 156 -8.85 -8.42 -5.77
N GLY A 157 -8.64 -8.65 -4.48
CA GLY A 157 -9.57 -9.45 -3.70
C GLY A 157 -10.66 -8.61 -3.07
N ASP A 158 -10.84 -8.73 -1.76
CA ASP A 158 -11.77 -7.88 -1.04
C ASP A 158 -11.12 -7.16 0.15
N GLY A 159 -10.21 -7.82 0.85
CA GLY A 159 -9.56 -7.20 1.99
C GLY A 159 -8.17 -6.67 1.70
N VAL A 160 -7.63 -7.00 0.52
CA VAL A 160 -6.26 -6.64 0.16
C VAL A 160 -6.12 -6.76 -1.36
N THR A 161 -5.13 -6.06 -1.90
CA THR A 161 -4.80 -6.16 -3.31
C THR A 161 -3.28 -6.15 -3.46
N HIS A 162 -2.77 -6.86 -4.45
CA HIS A 162 -1.34 -7.02 -4.66
C HIS A 162 -0.97 -6.76 -6.11
N THR A 163 0.31 -6.44 -6.31
CA THR A 163 0.92 -6.38 -7.64
C THR A 163 2.23 -7.13 -7.58
N VAL A 164 2.27 -8.31 -8.19
CA VAL A 164 3.45 -9.17 -8.10
C VAL A 164 4.07 -9.34 -9.49
N PRO A 165 5.20 -8.69 -9.77
CA PRO A 165 5.90 -8.94 -11.04
C PRO A 165 6.67 -10.26 -10.98
N ILE A 166 6.53 -11.06 -12.03
CA ILE A 166 7.15 -12.37 -12.11
C ILE A 166 8.02 -12.41 -13.36
N TYR A 167 9.27 -12.85 -13.20
CA TYR A 167 10.21 -12.94 -14.30
C TYR A 167 10.80 -14.34 -14.34
N GLU A 168 10.55 -15.06 -15.44
CA GLU A 168 11.06 -16.41 -15.65
C GLU A 168 10.67 -17.35 -14.51
N GLY A 169 9.43 -17.23 -14.04
CA GLY A 169 8.90 -18.12 -13.03
C GLY A 169 9.29 -17.77 -11.61
N TYR A 170 10.08 -16.73 -11.40
CA TYR A 170 10.47 -16.30 -10.06
C TYR A 170 10.01 -14.87 -9.84
N SER A 171 9.29 -14.65 -8.74
CA SER A 171 8.82 -13.31 -8.40
C SER A 171 9.96 -12.46 -7.87
N LEU A 172 9.77 -11.14 -7.94
CA LEU A 172 10.77 -10.20 -7.47
C LEU A 172 10.34 -9.67 -6.11
N PRO A 173 11.04 -10.02 -5.03
CA PRO A 173 10.56 -9.64 -3.68
C PRO A 173 10.55 -8.15 -3.42
N HIS A 174 11.26 -7.34 -4.20
CA HIS A 174 11.43 -5.93 -3.92
C HIS A 174 10.48 -5.03 -4.72
N ALA A 175 9.47 -5.61 -5.36
CA ALA A 175 8.51 -4.83 -6.14
C ALA A 175 7.08 -5.26 -5.84
N VAL A 176 6.83 -5.76 -4.62
CA VAL A 176 5.51 -6.20 -4.21
C VAL A 176 4.91 -5.12 -3.31
N ARG A 177 3.65 -4.76 -3.58
CA ARG A 177 2.98 -3.69 -2.85
C ARG A 177 1.61 -4.15 -2.37
N ARG A 178 1.12 -3.48 -1.33
CA ARG A 178 -0.22 -3.69 -0.79
C ARG A 178 -0.90 -2.35 -0.61
N VAL A 179 -2.23 -2.34 -0.76
CA VAL A 179 -3.00 -1.12 -0.61
C VAL A 179 -4.04 -1.31 0.50
N ASP A 180 -4.45 -2.56 0.72
CA ASP A 180 -5.49 -2.89 1.71
C ASP A 180 -6.78 -2.11 1.43
N MET A 181 -7.12 -1.96 0.16
CA MET A 181 -8.34 -1.29 -0.28
C MET A 181 -8.89 -2.05 -1.47
N ALA A 182 -9.99 -2.76 -1.28
CA ALA A 182 -10.52 -3.64 -2.31
C ALA A 182 -12.04 -3.68 -2.16
N GLY A 183 -12.67 -4.72 -2.73
CA GLY A 183 -14.11 -4.77 -2.87
C GLY A 183 -14.88 -4.69 -1.56
N ARG A 184 -14.26 -5.04 -0.43
CA ARG A 184 -14.96 -4.92 0.84
C ARG A 184 -15.30 -3.46 1.16
N ASP A 185 -14.37 -2.55 0.90
CA ASP A 185 -14.62 -1.13 1.15
C ASP A 185 -15.62 -0.56 0.14
N LEU A 186 -15.71 -1.16 -1.05
CA LEU A 186 -16.68 -0.69 -2.04
C LEU A 186 -18.11 -0.91 -1.56
N THR A 187 -18.36 -2.03 -0.88
CA THR A 187 -19.70 -2.29 -0.36
C THR A 187 -20.10 -1.25 0.67
N GLU A 188 -19.18 -0.90 1.57
CA GLU A 188 -19.48 0.11 2.59
C GLU A 188 -19.72 1.47 1.96
N TYR A 189 -18.91 1.84 0.97
CA TYR A 189 -19.10 3.12 0.30
C TYR A 189 -20.43 3.16 -0.44
N LEU A 190 -20.79 2.06 -1.10
CA LEU A 190 -22.08 2.00 -1.79
C LEU A 190 -23.23 2.08 -0.80
N MET A 191 -23.09 1.42 0.36
CA MET A 191 -24.14 1.46 1.37
C MET A 191 -24.31 2.87 1.93
N LYS A 192 -23.21 3.59 2.15
CA LYS A 192 -23.30 4.94 2.70
C LYS A 192 -23.96 5.90 1.72
N ILE A 193 -23.59 5.82 0.44
CA ILE A 193 -24.17 6.73 -0.55
C ILE A 193 -25.56 6.34 -0.98
N MET A 194 -26.07 5.20 -0.52
CA MET A 194 -27.43 4.80 -0.81
C MET A 194 -28.45 5.48 0.08
N MET A 195 -28.02 6.09 1.19
CA MET A 195 -28.93 6.81 2.08
C MET A 195 -29.42 8.12 1.49
N GLU A 196 -28.80 8.62 0.44
CA GLU A 196 -29.24 9.87 -0.17
C GLU A 196 -30.65 9.75 -0.74
N THR A 197 -31.03 8.54 -1.17
CA THR A 197 -32.38 8.28 -1.67
C THR A 197 -33.31 7.77 -0.58
N GLY A 198 -33.04 8.10 0.68
CA GLY A 198 -33.88 7.65 1.78
C GLY A 198 -33.48 6.28 2.28
N THR A 199 -34.28 5.80 3.24
CA THR A 199 -34.10 4.50 3.88
C THR A 199 -32.73 4.36 4.54
N THR A 200 -32.42 3.15 5.01
CA THR A 200 -31.14 2.89 5.66
C THR A 200 -30.84 1.40 5.57
N PHE A 201 -29.57 1.07 5.78
CA PHE A 201 -29.11 -0.32 5.67
C PHE A 201 -28.14 -0.63 6.81
N THR A 202 -28.49 -0.22 8.03
CA THR A 202 -27.59 -0.44 9.16
C THR A 202 -27.46 -1.91 9.51
N THR A 203 -28.57 -2.64 9.56
CA THR A 203 -28.55 -4.02 10.01
C THR A 203 -27.84 -4.92 9.01
N THR A 204 -27.30 -6.02 9.53
CA THR A 204 -26.55 -6.96 8.69
C THR A 204 -27.43 -7.69 7.69
N ALA A 205 -28.75 -7.76 7.95
CA ALA A 205 -29.64 -8.39 6.99
C ALA A 205 -29.66 -7.64 5.66
N GLU A 206 -29.67 -6.31 5.72
CA GLU A 206 -29.64 -5.51 4.51
C GLU A 206 -28.24 -5.32 3.94
N LYS A 207 -27.19 -5.64 4.71
CA LYS A 207 -25.83 -5.55 4.18
C LYS A 207 -25.62 -6.53 3.05
N GLU A 208 -26.15 -7.76 3.19
CA GLU A 208 -26.05 -8.74 2.11
C GLU A 208 -26.82 -8.30 0.88
N ILE A 209 -27.91 -7.56 1.06
CA ILE A 209 -28.67 -7.06 -0.08
C ILE A 209 -27.84 -6.06 -0.87
N VAL A 210 -27.10 -5.19 -0.19
CA VAL A 210 -26.27 -4.20 -0.87
C VAL A 210 -25.19 -4.89 -1.69
N ARG A 211 -24.63 -5.99 -1.16
CA ARG A 211 -23.58 -6.72 -1.89
C ARG A 211 -24.12 -7.28 -3.20
N ASN A 212 -25.34 -7.80 -3.19
CA ASN A 212 -25.92 -8.33 -4.42
C ASN A 212 -26.13 -7.25 -5.46
N VAL A 213 -26.46 -6.02 -5.04
CA VAL A 213 -26.62 -4.93 -5.98
C VAL A 213 -25.28 -4.60 -6.64
N LYS A 214 -24.18 -4.66 -5.86
CA LYS A 214 -22.87 -4.35 -6.41
C LYS A 214 -22.46 -5.33 -7.50
N GLU A 215 -22.78 -6.61 -7.30
CA GLU A 215 -22.33 -7.67 -8.20
C GLU A 215 -23.24 -7.87 -9.40
N GLN A 216 -24.31 -7.09 -9.54
CA GLN A 216 -25.25 -7.31 -10.63
C GLN A 216 -25.49 -6.05 -11.46
N LEU A 217 -25.45 -4.88 -10.82
CA LEU A 217 -25.80 -3.63 -11.49
C LEU A 217 -24.64 -2.67 -11.68
N CYS A 218 -23.64 -2.70 -10.80
CA CYS A 218 -22.55 -1.74 -10.88
C CYS A 218 -21.68 -2.00 -12.10
N TYR A 219 -21.17 -0.92 -12.69
CA TYR A 219 -20.28 -1.01 -13.84
C TYR A 219 -19.35 0.20 -13.83
N VAL A 220 -18.23 0.07 -14.54
CA VAL A 220 -17.23 1.12 -14.60
C VAL A 220 -17.53 2.01 -15.80
N ALA A 221 -17.58 3.32 -15.56
CA ALA A 221 -17.84 4.29 -16.61
C ALA A 221 -16.52 4.73 -17.25
N LEU A 222 -16.50 4.79 -18.58
CA LEU A 222 -15.29 5.16 -19.28
C LEU A 222 -14.88 6.60 -18.98
N ASP A 223 -15.85 7.52 -18.96
CA ASP A 223 -15.59 8.92 -18.66
C ASP A 223 -16.42 9.31 -17.44
N PHE A 224 -15.75 9.50 -16.30
CA PHE A 224 -16.46 9.75 -15.06
C PHE A 224 -17.16 11.10 -15.08
N GLU A 225 -16.48 12.15 -15.54
CA GLU A 225 -17.06 13.48 -15.51
C GLU A 225 -18.26 13.59 -16.44
N GLU A 226 -18.18 12.99 -17.63
CA GLU A 226 -19.28 13.08 -18.58
C GLU A 226 -20.53 12.39 -18.07
N GLU A 227 -20.37 11.22 -17.44
CA GLU A 227 -21.52 10.47 -16.96
C GLU A 227 -22.25 11.20 -15.85
N MET A 228 -21.50 11.86 -14.95
CA MET A 228 -22.14 12.54 -13.82
C MET A 228 -23.05 13.66 -14.29
N THR A 229 -22.60 14.45 -15.27
CA THR A 229 -23.40 15.59 -15.74
C THR A 229 -24.64 15.12 -16.49
N ASN A 230 -24.49 14.12 -17.36
CA ASN A 230 -25.61 13.67 -18.19
C ASN A 230 -26.55 12.75 -17.46
N SER A 231 -26.14 12.19 -16.31
CA SER A 231 -27.04 11.33 -15.54
C SER A 231 -28.20 12.14 -14.94
N ALA A 232 -27.91 13.35 -14.48
CA ALA A 232 -28.97 14.18 -13.89
C ALA A 232 -30.02 14.54 -14.92
N LYS A 233 -29.60 14.87 -16.14
CA LYS A 233 -30.56 15.18 -17.20
C LYS A 233 -31.43 13.97 -17.54
N SER A 234 -30.81 12.80 -17.65
CA SER A 234 -31.57 11.59 -17.98
C SER A 234 -32.40 11.11 -16.79
N ALA A 235 -31.82 11.15 -15.58
CA ALA A 235 -32.49 10.68 -14.36
C ALA A 235 -32.97 9.25 -14.50
N ASN A 236 -32.16 8.41 -15.15
CA ASN A 236 -32.52 7.02 -15.37
C ASN A 236 -32.22 6.19 -14.13
N GLU A 237 -33.13 5.28 -13.81
CA GLU A 237 -32.97 4.37 -12.68
C GLU A 237 -33.40 2.97 -13.08
N GLU A 238 -32.88 1.98 -12.35
CA GLU A 238 -33.17 0.58 -12.60
C GLU A 238 -33.81 -0.03 -11.35
N ALA A 239 -34.58 -1.10 -11.57
CA ALA A 239 -35.36 -1.74 -10.52
C ALA A 239 -34.64 -2.97 -9.99
N PHE A 240 -34.63 -3.12 -8.66
CA PHE A 240 -34.07 -4.28 -7.99
C PHE A 240 -35.12 -4.82 -7.02
N GLU A 241 -35.25 -6.14 -6.97
CA GLU A 241 -36.29 -6.79 -6.18
C GLU A 241 -35.72 -7.25 -4.84
N LEU A 242 -36.33 -6.79 -3.76
CA LEU A 242 -35.94 -7.20 -2.42
C LEU A 242 -36.50 -8.57 -2.09
N PRO A 243 -35.90 -9.27 -1.11
CA PRO A 243 -36.46 -10.57 -0.71
C PRO A 243 -37.89 -10.51 -0.23
N ASP A 244 -38.29 -9.41 0.41
CA ASP A 244 -39.66 -9.24 0.88
C ASP A 244 -40.66 -9.09 -0.27
N GLY A 245 -40.19 -8.85 -1.49
CA GLY A 245 -41.06 -8.63 -2.62
C GLY A 245 -41.15 -7.19 -3.07
N ASN A 246 -40.71 -6.24 -2.25
CA ASN A 246 -40.70 -4.84 -2.65
C ASN A 246 -39.63 -4.60 -3.70
N VAL A 247 -39.82 -3.53 -4.47
CA VAL A 247 -38.93 -3.17 -5.57
C VAL A 247 -38.19 -1.89 -5.20
N MET A 248 -36.87 -1.93 -5.33
CA MET A 248 -36.01 -0.79 -5.01
C MET A 248 -35.41 -0.23 -6.29
N MET A 249 -35.27 1.09 -6.34
CA MET A 249 -34.75 1.80 -7.50
C MET A 249 -33.33 2.29 -7.22
N VAL A 250 -32.42 2.02 -8.16
CA VAL A 250 -31.03 2.42 -8.05
C VAL A 250 -30.71 3.38 -9.18
N GLY A 251 -30.13 4.53 -8.84
CA GLY A 251 -29.86 5.57 -9.81
C GLY A 251 -28.44 5.61 -10.32
N ASN A 252 -27.73 6.70 -10.01
CA ASN A 252 -26.37 6.90 -10.49
C ASN A 252 -25.32 6.23 -9.61
N GLN A 253 -25.73 5.57 -8.53
CA GLN A 253 -24.77 4.86 -7.67
C GLN A 253 -24.14 3.66 -8.35
N ARG A 254 -24.65 3.24 -9.51
CA ARG A 254 -24.11 2.08 -10.19
C ARG A 254 -22.67 2.30 -10.61
N PHE A 255 -22.37 3.47 -11.18
CA PHE A 255 -21.03 3.75 -11.68
C PHE A 255 -20.19 4.59 -10.72
N ARG A 256 -20.79 5.11 -9.65
CA ARG A 256 -19.99 5.87 -8.67
C ARG A 256 -19.19 4.95 -7.77
N CYS A 257 -19.74 3.77 -7.43
CA CYS A 257 -19.05 2.86 -6.52
C CYS A 257 -17.73 2.35 -7.07
N PRO A 258 -17.63 1.84 -8.31
CA PRO A 258 -16.33 1.33 -8.78
C PRO A 258 -15.28 2.41 -9.00
N GLU A 259 -15.68 3.68 -9.06
CA GLU A 259 -14.71 4.75 -9.29
C GLU A 259 -13.74 4.92 -8.13
N VAL A 260 -14.05 4.37 -6.96
CA VAL A 260 -13.15 4.46 -5.82
C VAL A 260 -11.83 3.77 -6.10
N LEU A 261 -11.86 2.71 -6.92
CA LEU A 261 -10.63 1.97 -7.21
C LEU A 261 -9.61 2.86 -7.94
N PHE A 262 -10.06 3.66 -8.90
CA PHE A 262 -9.15 4.50 -9.66
C PHE A 262 -8.69 5.72 -8.86
N LYS A 263 -9.59 6.30 -8.08
CA LYS A 263 -9.27 7.46 -7.23
C LYS A 263 -9.71 7.16 -5.81
N PRO A 264 -8.82 6.57 -4.99
CA PRO A 264 -9.19 6.19 -3.63
C PRO A 264 -9.30 7.35 -2.65
N SER A 265 -9.27 8.60 -3.12
CA SER A 265 -9.42 9.73 -2.21
C SER A 265 -10.87 9.95 -1.79
N LEU A 266 -11.83 9.31 -2.46
CA LEU A 266 -13.23 9.48 -2.12
C LEU A 266 -13.58 8.85 -0.78
N ILE A 267 -12.76 7.94 -0.29
CA ILE A 267 -13.00 7.28 1.00
C ILE A 267 -11.98 7.73 2.05
N GLY A 268 -11.35 8.89 1.85
CA GLY A 268 -10.41 9.41 2.81
C GLY A 268 -9.00 8.88 2.69
N LEU A 269 -8.70 8.09 1.65
CA LEU A 269 -7.36 7.54 1.44
C LEU A 269 -6.66 8.42 0.40
N ASP A 270 -6.06 9.51 0.87
CA ASP A 270 -5.35 10.41 -0.04
C ASP A 270 -4.02 9.80 -0.48
N GLU A 271 -3.33 9.12 0.43
CA GLU A 271 -2.01 8.57 0.12
C GLU A 271 -2.08 7.32 -0.76
N ALA A 272 -3.21 6.64 -0.81
CA ALA A 272 -3.33 5.44 -1.62
C ALA A 272 -3.20 5.79 -3.10
N PRO A 273 -2.42 5.04 -3.88
CA PRO A 273 -2.17 5.42 -5.27
C PRO A 273 -3.29 5.07 -6.24
N GLY A 274 -3.96 3.96 -6.01
CA GLY A 274 -4.95 3.47 -6.96
C GLY A 274 -4.35 2.47 -7.94
N PHE A 275 -5.23 1.87 -8.74
CA PHE A 275 -4.79 0.82 -9.67
C PHE A 275 -3.78 1.30 -10.70
N PRO A 276 -4.03 2.36 -11.48
CA PRO A 276 -3.03 2.73 -12.50
C PRO A 276 -1.68 3.13 -11.93
N GLU A 277 -1.66 3.79 -10.77
CA GLU A 277 -0.40 4.20 -10.17
C GLU A 277 0.31 3.03 -9.49
N MET A 278 -0.43 2.07 -8.95
CA MET A 278 0.19 0.94 -8.29
C MET A 278 1.02 0.10 -9.26
N VAL A 279 0.51 -0.11 -10.47
CA VAL A 279 1.26 -0.86 -11.47
C VAL A 279 2.49 -0.09 -11.92
N TYR A 280 2.34 1.23 -12.15
CA TYR A 280 3.46 2.03 -12.63
C TYR A 280 4.59 2.07 -11.63
N GLN A 281 4.27 2.23 -10.35
CA GLN A 281 5.33 2.33 -9.33
C GLN A 281 5.99 0.98 -9.07
N SER A 282 5.28 -0.11 -9.30
CA SER A 282 5.86 -1.43 -9.08
C SER A 282 6.82 -1.83 -10.20
N ILE A 283 6.52 -1.42 -11.43
CA ILE A 283 7.39 -1.75 -12.56
C ILE A 283 8.73 -1.04 -12.43
N ASN A 284 8.71 0.24 -12.04
CA ASN A 284 9.92 1.04 -11.97
C ASN A 284 10.87 0.62 -10.84
N LYS A 285 10.43 -0.27 -9.96
CA LYS A 285 11.30 -0.81 -8.92
C LYS A 285 12.15 -1.98 -9.42
N CYS A 286 11.99 -2.38 -10.68
CA CYS A 286 12.69 -3.52 -11.25
C CYS A 286 13.85 -3.01 -12.12
N ASP A 287 14.56 -3.97 -12.73
CA ASP A 287 15.68 -3.63 -13.59
C ASP A 287 15.20 -2.89 -14.83
N ILE A 288 16.06 -2.01 -15.34
CA ILE A 288 15.66 -1.14 -16.45
C ILE A 288 15.41 -1.94 -17.72
N ASP A 289 16.23 -2.96 -17.98
CA ASP A 289 16.09 -3.74 -19.20
C ASP A 289 14.91 -4.70 -19.18
N VAL A 290 14.28 -4.91 -18.02
CA VAL A 290 13.14 -5.82 -17.90
C VAL A 290 11.80 -5.10 -17.91
N ARG A 291 11.81 -3.77 -17.74
CA ARG A 291 10.54 -3.04 -17.62
C ARG A 291 9.71 -3.13 -18.89
N ARG A 292 10.36 -3.11 -20.05
CA ARG A 292 9.62 -3.12 -21.31
C ARG A 292 8.81 -4.41 -21.47
N GLU A 293 9.37 -5.54 -21.06
CA GLU A 293 8.64 -6.80 -21.16
C GLU A 293 7.47 -6.86 -20.19
N LEU A 294 7.60 -6.25 -19.01
CA LEU A 294 6.54 -6.30 -18.02
C LEU A 294 5.33 -5.47 -18.43
N TYR A 295 5.54 -4.39 -19.18
CA TYR A 295 4.42 -3.54 -19.59
C TYR A 295 3.45 -4.26 -20.50
N GLY A 296 3.94 -5.20 -21.30
CA GLY A 296 3.10 -5.91 -22.25
C GLY A 296 2.45 -7.18 -21.75
N ASN A 297 2.58 -7.49 -20.46
CA ASN A 297 2.05 -8.73 -19.90
C ASN A 297 1.33 -8.47 -18.59
N ILE A 298 0.44 -7.49 -18.58
CA ILE A 298 -0.36 -7.17 -17.40
C ILE A 298 -1.55 -8.13 -17.35
N VAL A 299 -1.66 -8.87 -16.26
CA VAL A 299 -2.67 -9.92 -16.11
C VAL A 299 -3.57 -9.56 -14.92
N LEU A 300 -4.87 -9.54 -15.16
CA LEU A 300 -5.85 -9.23 -14.12
C LEU A 300 -6.31 -10.49 -13.41
N SER A 301 -6.61 -10.35 -12.13
CA SER A 301 -7.06 -11.48 -11.32
C SER A 301 -7.88 -10.94 -10.15
N GLY A 302 -8.63 -11.84 -9.53
CA GLY A 302 -9.44 -11.49 -8.38
C GLY A 302 -10.88 -11.18 -8.75
N GLY A 303 -11.75 -11.28 -7.75
CA GLY A 303 -13.17 -11.04 -7.98
C GLY A 303 -13.52 -9.58 -8.18
N SER A 304 -12.71 -8.68 -7.62
CA SER A 304 -12.98 -7.25 -7.74
C SER A 304 -12.68 -6.70 -9.12
N THR A 305 -12.07 -7.49 -10.00
CA THR A 305 -11.78 -7.07 -11.36
C THR A 305 -12.88 -7.47 -12.34
N MET A 306 -14.00 -7.99 -11.85
CA MET A 306 -15.07 -8.47 -12.71
C MET A 306 -16.04 -7.37 -13.13
N PHE A 307 -15.81 -6.13 -12.71
CA PHE A 307 -16.67 -5.03 -13.12
C PHE A 307 -16.62 -4.85 -14.63
N LEU A 308 -17.76 -4.46 -15.20
CA LEU A 308 -17.85 -4.27 -16.64
C LEU A 308 -17.00 -3.09 -17.08
N ASN A 309 -16.35 -3.25 -18.24
CA ASN A 309 -15.54 -2.23 -18.89
C ASN A 309 -14.30 -1.84 -18.09
N LEU A 310 -13.97 -2.60 -17.05
CA LEU A 310 -12.76 -2.29 -16.26
C LEU A 310 -11.48 -2.43 -17.06
N PRO A 311 -11.23 -3.51 -17.81
CA PRO A 311 -9.96 -3.61 -18.55
C PRO A 311 -9.74 -2.48 -19.54
N GLU A 312 -10.79 -2.03 -20.21
CA GLU A 312 -10.63 -0.95 -21.18
C GLU A 312 -10.20 0.35 -20.51
N ARG A 313 -10.80 0.67 -19.36
CA ARG A 313 -10.42 1.88 -18.64
C ARG A 313 -9.00 1.79 -18.11
N LEU A 314 -8.61 0.63 -17.58
CA LEU A 314 -7.29 0.48 -16.97
C LEU A 314 -6.17 0.67 -17.98
N ALA A 315 -6.35 0.16 -19.21
CA ALA A 315 -5.32 0.28 -20.23
C ALA A 315 -5.07 1.74 -20.58
N LYS A 316 -6.13 2.54 -20.68
CA LYS A 316 -5.98 3.96 -21.02
C LYS A 316 -5.23 4.71 -19.93
N GLU A 317 -5.52 4.42 -18.66
CA GLU A 317 -4.89 5.15 -17.56
C GLU A 317 -3.40 4.89 -17.50
N ILE A 318 -2.98 3.63 -17.67
CA ILE A 318 -1.56 3.30 -17.60
C ILE A 318 -0.80 3.92 -18.76
N SER A 319 -1.43 3.98 -19.94
CA SER A 319 -0.76 4.51 -21.11
C SER A 319 -0.34 5.96 -20.93
N ASN A 320 -1.13 6.74 -20.19
CA ASN A 320 -0.78 8.13 -19.94
C ASN A 320 0.50 8.25 -19.12
N LEU A 321 0.65 7.40 -18.11
CA LEU A 321 1.84 7.46 -17.26
C LEU A 321 3.07 6.94 -18.00
N ALA A 322 2.90 5.91 -18.82
CA ALA A 322 4.03 5.33 -19.52
C ALA A 322 4.55 6.28 -20.59
N PRO A 323 5.84 6.21 -20.91
CA PRO A 323 6.39 7.07 -21.97
C PRO A 323 5.84 6.69 -23.33
N SER A 324 6.04 7.60 -24.29
CA SER A 324 5.46 7.45 -25.61
C SER A 324 6.02 6.25 -26.38
N SER A 325 7.16 5.71 -25.95
CA SER A 325 7.77 4.58 -26.63
C SER A 325 7.30 3.24 -26.08
N ILE A 326 6.37 3.24 -25.12
CA ILE A 326 5.86 2.02 -24.50
C ILE A 326 4.37 1.92 -24.77
N LYS A 327 3.92 0.76 -25.22
CA LYS A 327 2.49 0.52 -25.48
C LYS A 327 2.02 -0.63 -24.60
N PRO A 328 1.44 -0.35 -23.43
CA PRO A 328 1.01 -1.43 -22.53
C PRO A 328 -0.14 -2.23 -23.11
N LYS A 329 -0.22 -3.49 -22.69
CA LYS A 329 -1.29 -4.39 -23.08
C LYS A 329 -1.87 -5.04 -21.83
N VAL A 330 -3.20 -5.17 -21.81
CA VAL A 330 -3.92 -5.70 -20.66
C VAL A 330 -4.60 -7.00 -21.07
N VAL A 331 -4.41 -8.04 -20.26
CA VAL A 331 -4.98 -9.36 -20.52
C VAL A 331 -5.98 -9.66 -19.41
N ALA A 332 -7.23 -9.93 -19.81
CA ALA A 332 -8.31 -10.21 -18.86
C ALA A 332 -9.01 -11.50 -19.28
N PRO A 333 -8.54 -12.65 -18.79
CA PRO A 333 -9.21 -13.90 -19.12
C PRO A 333 -10.61 -13.94 -18.53
N PRO A 334 -11.56 -14.60 -19.21
CA PRO A 334 -12.93 -14.67 -18.67
C PRO A 334 -13.02 -15.35 -17.31
N GLU A 335 -12.17 -16.34 -17.05
CA GLU A 335 -12.21 -17.10 -15.80
C GLU A 335 -11.27 -16.52 -14.74
N ARG A 336 -11.02 -15.22 -14.76
CA ARG A 336 -10.10 -14.61 -13.80
C ARG A 336 -10.65 -14.59 -12.38
N LYS A 337 -11.93 -14.89 -12.19
CA LYS A 337 -12.50 -14.85 -10.83
C LYS A 337 -11.87 -15.92 -9.94
N TYR A 338 -11.63 -17.11 -10.47
CA TYR A 338 -11.07 -18.22 -9.72
C TYR A 338 -9.79 -18.74 -10.37
N SER A 339 -8.91 -17.82 -10.77
CA SER A 339 -7.67 -18.22 -11.43
C SER A 339 -6.78 -19.04 -10.50
N VAL A 340 -6.69 -18.64 -9.23
CA VAL A 340 -5.80 -19.33 -8.30
C VAL A 340 -6.27 -20.77 -8.09
N TRP A 341 -7.57 -20.97 -7.90
CA TRP A 341 -8.07 -22.31 -7.62
C TRP A 341 -8.05 -23.18 -8.88
N ILE A 342 -8.41 -22.61 -10.03
CA ILE A 342 -8.42 -23.37 -11.27
C ILE A 342 -7.01 -23.85 -11.61
N GLY A 343 -6.02 -22.96 -11.47
CA GLY A 343 -4.65 -23.35 -11.76
C GLY A 343 -4.17 -24.46 -10.85
N GLY A 344 -4.51 -24.40 -9.56
CA GLY A 344 -4.13 -25.47 -8.65
C GLY A 344 -4.85 -26.76 -8.95
N SER A 345 -6.12 -26.68 -9.36
CA SER A 345 -6.87 -27.88 -9.69
C SER A 345 -6.28 -28.59 -10.91
N ILE A 346 -5.91 -27.85 -11.93
CA ILE A 346 -5.34 -28.45 -13.14
C ILE A 346 -4.00 -29.11 -12.82
N LEU A 347 -3.17 -28.43 -12.02
CA LEU A 347 -1.84 -28.96 -11.72
C LEU A 347 -1.93 -30.27 -10.96
N SER A 348 -2.85 -30.37 -10.00
CA SER A 348 -2.97 -31.58 -9.21
C SER A 348 -3.55 -32.75 -10.00
N SER A 349 -4.22 -32.48 -11.11
CA SER A 349 -4.79 -33.55 -11.93
C SER A 349 -3.79 -34.18 -12.88
N LEU A 350 -2.58 -33.63 -12.99
CA LEU A 350 -1.58 -34.20 -13.87
C LEU A 350 -1.11 -35.56 -13.36
N THR A 351 -0.85 -36.47 -14.28
CA THR A 351 -0.41 -37.82 -13.90
C THR A 351 1.01 -37.80 -13.33
N THR A 352 1.87 -36.91 -13.83
CA THR A 352 3.25 -36.86 -13.39
C THR A 352 3.44 -36.07 -12.11
N PHE A 353 2.39 -35.44 -11.59
CA PHE A 353 2.51 -34.63 -10.38
C PHE A 353 2.68 -35.46 -9.11
N GLN A 354 2.51 -36.78 -9.20
CA GLN A 354 2.54 -37.62 -8.01
C GLN A 354 3.91 -37.63 -7.33
N THR A 355 4.96 -37.21 -8.02
CA THR A 355 6.29 -37.15 -7.43
C THR A 355 6.61 -35.81 -6.79
N MET A 356 5.65 -34.87 -6.78
CA MET A 356 5.87 -33.53 -6.23
C MET A 356 5.31 -33.35 -4.84
N TRP A 357 4.50 -34.29 -4.36
CA TRP A 357 3.92 -34.17 -3.02
C TRP A 357 4.99 -34.35 -1.95
N VAL A 358 4.71 -33.81 -0.77
CA VAL A 358 5.59 -33.96 0.39
C VAL A 358 4.95 -34.98 1.32
N LYS A 359 5.59 -36.13 1.46
CA LYS A 359 5.05 -37.21 2.27
C LYS A 359 5.20 -36.89 3.76
N LYS A 360 4.34 -37.52 4.56
CA LYS A 360 4.38 -37.29 6.00
C LYS A 360 5.63 -37.90 6.63
N SER A 361 6.15 -38.98 6.06
CA SER A 361 7.36 -39.59 6.59
C SER A 361 8.56 -38.66 6.46
N GLU A 362 8.62 -37.87 5.38
CA GLU A 362 9.71 -36.93 5.21
C GLU A 362 9.72 -35.88 6.31
N TYR A 363 8.53 -35.42 6.71
CA TYR A 363 8.44 -34.43 7.78
C TYR A 363 8.93 -35.00 9.10
N ASP A 364 8.65 -36.27 9.37
CA ASP A 364 9.08 -36.89 10.63
C ASP A 364 10.60 -36.96 10.73
N GLU A 365 11.27 -37.27 9.62
CA GLU A 365 12.71 -37.45 9.61
C GLU A 365 13.48 -36.17 9.30
N SER A 366 12.80 -35.06 9.01
CA SER A 366 13.46 -33.81 8.69
C SER A 366 12.93 -32.59 9.43
N GLY A 367 11.68 -32.62 9.91
CA GLY A 367 11.12 -31.49 10.62
C GLY A 367 10.44 -30.50 9.68
N PRO A 368 10.09 -29.33 10.22
CA PRO A 368 9.39 -28.33 9.40
C PRO A 368 10.21 -27.74 8.27
N SER A 369 11.53 -27.95 8.27
CA SER A 369 12.38 -27.35 7.24
C SER A 369 12.19 -27.99 5.87
N ILE A 370 11.45 -29.08 5.76
CA ILE A 370 11.32 -29.77 4.48
C ILE A 370 10.55 -28.91 3.48
N VAL A 371 9.55 -28.15 3.95
CA VAL A 371 8.73 -27.36 3.04
C VAL A 371 9.55 -26.26 2.37
N HIS A 372 10.51 -25.67 3.09
CA HIS A 372 11.32 -24.61 2.50
C HIS A 372 12.15 -25.12 1.34
N ASN A 373 12.75 -26.30 1.49
CA ASN A 373 13.59 -26.85 0.41
C ASN A 373 12.73 -27.28 -0.77
N LYS A 374 11.63 -27.98 -0.52
CA LYS A 374 10.74 -28.43 -1.58
C LYS A 374 9.78 -27.30 -1.96
N CYS A 375 8.77 -27.62 -2.76
CA CYS A 375 7.76 -26.67 -3.21
C CYS A 375 8.39 -25.49 -3.94
N ALA B 1 10.89 -28.79 -13.51
CA ALA B 1 9.55 -28.26 -13.70
C ALA B 1 8.62 -28.71 -12.57
N ILE B 2 7.66 -27.86 -12.21
CA ILE B 2 6.72 -28.21 -11.16
C ILE B 2 5.68 -29.21 -11.65
N SER B 3 5.44 -29.28 -12.96
CA SER B 3 4.48 -30.24 -13.48
C SER B 3 5.00 -31.68 -13.36
N GLY B 4 6.31 -31.86 -13.41
CA GLY B 4 6.90 -33.17 -13.27
C GLY B 4 7.26 -33.88 -14.56
N VAL B 5 7.12 -33.22 -15.70
CA VAL B 5 7.46 -33.86 -16.97
C VAL B 5 8.98 -33.88 -17.15
N THR B 6 9.44 -34.75 -18.03
CA THR B 6 10.86 -34.91 -18.33
C THR B 6 11.05 -34.86 -19.84
N LEU B 7 12.31 -35.03 -20.27
CA LEU B 7 12.67 -34.95 -21.68
C LEU B 7 12.95 -36.34 -22.24
N GLU B 8 12.53 -36.54 -23.48
CA GLU B 8 12.85 -37.78 -24.18
C GLU B 8 14.35 -37.84 -24.48
N GLU B 9 14.87 -39.07 -24.59
CA GLU B 9 16.30 -39.24 -24.83
C GLU B 9 16.71 -38.69 -26.18
N SER B 10 15.82 -38.72 -27.17
CA SER B 10 16.14 -38.20 -28.50
C SER B 10 16.15 -36.68 -28.56
N VAL B 11 15.61 -36.00 -27.55
CA VAL B 11 15.56 -34.54 -27.58
C VAL B 11 16.97 -33.96 -27.47
N ARG B 12 17.80 -34.51 -26.59
CA ARG B 12 19.14 -33.98 -26.39
C ARG B 12 19.99 -34.13 -27.65
N GLY B 13 19.88 -35.27 -28.33
CA GLY B 13 20.64 -35.48 -29.54
C GLY B 13 20.23 -34.55 -30.66
N ALA B 14 18.93 -34.25 -30.76
CA ALA B 14 18.45 -33.38 -31.84
C ALA B 14 18.96 -31.96 -31.67
N ILE B 15 19.06 -31.49 -30.43
CA ILE B 15 19.53 -30.13 -30.18
C ILE B 15 20.99 -29.98 -30.62
N ASP B 16 21.82 -30.99 -30.34
CA ASP B 16 23.23 -30.91 -30.73
C ASP B 16 23.37 -30.85 -32.25
N ASP B 17 22.55 -31.60 -32.98
CA ASP B 17 22.59 -31.54 -34.43
C ASP B 17 22.21 -30.15 -34.95
N LEU B 18 21.23 -29.51 -34.31
CA LEU B 18 20.86 -28.16 -34.67
C LEU B 18 22.01 -27.18 -34.43
N ARG B 19 22.75 -27.37 -33.33
CA ARG B 19 23.86 -26.49 -33.03
C ARG B 19 24.96 -26.59 -34.09
N MET B 20 25.23 -27.79 -34.58
CA MET B 20 26.28 -28.01 -35.56
C MET B 20 25.82 -27.76 -37.00
N LYS B 21 24.75 -26.99 -37.18
CA LYS B 21 24.26 -26.59 -38.50
C LYS B 21 23.91 -27.79 -39.37
N LYS B 22 23.35 -28.83 -38.75
CA LYS B 22 22.86 -29.99 -39.48
C LYS B 22 21.36 -29.91 -39.80
N SER B 23 20.67 -28.89 -39.27
CA SER B 23 19.24 -28.73 -39.50
C SER B 23 18.88 -27.28 -39.23
N ARG B 24 17.68 -26.90 -39.65
CA ARG B 24 17.20 -25.53 -39.49
C ARG B 24 16.45 -25.34 -38.18
N TYR B 25 15.49 -26.21 -37.88
CA TYR B 25 14.69 -26.07 -36.67
C TYR B 25 14.25 -27.44 -36.19
N VAL B 26 13.91 -27.51 -34.90
CA VAL B 26 13.35 -28.70 -34.28
C VAL B 26 12.14 -28.30 -33.46
N MET B 27 11.01 -28.97 -33.68
CA MET B 27 9.78 -28.70 -32.98
C MET B 27 9.53 -29.79 -31.94
N MET B 28 9.20 -29.39 -30.73
CA MET B 28 8.98 -30.31 -29.62
C MET B 28 7.59 -30.11 -29.05
N CYS B 29 6.94 -31.21 -28.69
CA CYS B 29 5.60 -31.18 -28.12
C CYS B 29 5.48 -32.26 -27.05
N ILE B 30 4.51 -32.09 -26.16
CA ILE B 30 4.26 -33.07 -25.13
C ILE B 30 3.57 -34.29 -25.73
N GLY B 31 3.94 -35.48 -25.25
CA GLY B 31 3.43 -36.71 -25.80
C GLY B 31 1.94 -36.90 -25.57
N ALA B 32 1.41 -37.95 -26.21
CA ALA B 32 -0.02 -38.24 -26.11
C ALA B 32 -0.42 -38.56 -24.67
N ASP B 33 0.40 -39.35 -23.97
CA ASP B 33 0.13 -39.65 -22.57
C ASP B 33 0.43 -38.48 -21.65
N GLY B 34 1.07 -37.42 -22.16
CA GLY B 34 1.37 -36.26 -21.34
C GLY B 34 2.37 -36.49 -20.23
N LYS B 35 3.45 -37.23 -20.51
CA LYS B 35 4.47 -37.50 -19.51
C LYS B 35 5.87 -37.07 -19.92
N LYS B 36 6.15 -36.89 -21.21
CA LYS B 36 7.46 -36.51 -21.67
C LYS B 36 7.34 -35.59 -22.87
N ILE B 37 8.40 -34.83 -23.13
CA ILE B 37 8.50 -33.95 -24.28
C ILE B 37 9.28 -34.68 -25.37
N GLU B 38 8.69 -34.79 -26.56
CA GLU B 38 9.27 -35.57 -27.64
C GLU B 38 9.37 -34.72 -28.90
N VAL B 39 10.40 -35.01 -29.71
CA VAL B 39 10.61 -34.30 -30.96
C VAL B 39 9.52 -34.66 -31.95
N THR B 40 9.02 -33.65 -32.67
CA THR B 40 7.95 -33.83 -33.63
C THR B 40 8.41 -33.67 -35.08
N GLU B 41 9.03 -32.55 -35.42
CA GLU B 41 9.41 -32.26 -36.80
C GLU B 41 10.76 -31.58 -36.83
N VAL B 42 11.57 -31.95 -37.83
CA VAL B 42 12.89 -31.35 -38.06
C VAL B 42 12.95 -30.87 -39.50
N GLY B 43 13.40 -29.64 -39.69
CA GLY B 43 13.47 -29.03 -41.01
C GLY B 43 14.90 -28.87 -41.48
N GLU B 44 15.09 -28.92 -42.79
CA GLU B 44 16.42 -28.78 -43.37
C GLU B 44 16.77 -27.30 -43.56
N ARG B 45 18.06 -27.05 -43.77
CA ARG B 45 18.58 -25.68 -43.82
C ARG B 45 18.07 -24.90 -45.03
N GLY B 46 17.47 -25.56 -46.02
CA GLY B 46 16.94 -24.83 -47.16
C GLY B 46 15.80 -23.91 -46.81
N VAL B 47 14.96 -24.32 -45.84
CA VAL B 47 13.80 -23.51 -45.48
C VAL B 47 14.24 -22.28 -44.69
N ASN B 48 13.41 -21.25 -44.72
CA ASN B 48 13.66 -19.99 -44.04
C ASN B 48 12.62 -19.78 -42.93
N TYR B 49 12.75 -18.65 -42.22
CA TYR B 49 11.87 -18.38 -41.10
C TYR B 49 10.45 -18.11 -41.55
N THR B 50 10.28 -17.45 -42.70
CA THR B 50 8.94 -17.07 -43.15
C THR B 50 8.04 -18.27 -43.39
N ASP B 51 8.57 -19.36 -43.94
CA ASP B 51 7.75 -20.55 -44.16
C ASP B 51 7.34 -21.19 -42.83
N LEU B 52 8.23 -21.20 -41.84
CA LEU B 52 7.90 -21.79 -40.55
C LEU B 52 6.85 -20.98 -39.81
N LYS B 53 6.83 -19.66 -39.99
CA LYS B 53 5.85 -18.83 -39.31
C LYS B 53 4.42 -19.22 -39.67
N GLU B 54 4.21 -19.76 -40.88
CA GLU B 54 2.90 -20.19 -41.29
C GLU B 54 2.52 -21.57 -40.76
N LYS B 55 3.46 -22.26 -40.12
CA LYS B 55 3.19 -23.58 -39.55
C LYS B 55 2.64 -23.53 -38.14
N PHE B 56 2.60 -22.35 -37.51
CA PHE B 56 2.05 -22.24 -36.17
C PHE B 56 0.54 -22.37 -36.20
N SER B 57 0.00 -23.19 -35.31
CA SER B 57 -1.42 -23.45 -35.23
C SER B 57 -2.02 -22.75 -34.01
N ALA B 58 -3.16 -22.10 -34.21
CA ALA B 58 -3.81 -21.36 -33.13
C ALA B 58 -4.46 -22.27 -32.10
N GLU B 59 -4.55 -23.58 -32.36
CA GLU B 59 -5.18 -24.51 -31.44
C GLU B 59 -4.20 -25.44 -30.76
N LYS B 60 -2.91 -25.38 -31.09
CA LYS B 60 -1.95 -26.31 -30.53
C LYS B 60 -0.64 -25.60 -30.16
N PRO B 61 -0.36 -25.46 -28.87
CA PRO B 61 0.92 -24.90 -28.45
C PRO B 61 2.07 -25.85 -28.73
N CYS B 62 3.26 -25.29 -28.89
CA CYS B 62 4.45 -26.08 -29.17
C CYS B 62 5.69 -25.30 -28.79
N TYR B 63 6.79 -26.01 -28.65
CA TYR B 63 8.11 -25.41 -28.42
C TYR B 63 8.93 -25.53 -29.70
N VAL B 64 9.49 -24.41 -30.16
CA VAL B 64 10.22 -24.36 -31.41
C VAL B 64 11.61 -23.81 -31.13
N ALA B 65 12.65 -24.56 -31.50
CA ALA B 65 14.02 -24.11 -31.46
C ALA B 65 14.47 -23.79 -32.88
N PHE B 66 14.91 -22.55 -33.10
CA PHE B 66 15.17 -22.07 -34.46
C PHE B 66 16.52 -21.35 -34.49
N ASP B 67 17.15 -21.40 -35.66
CA ASP B 67 18.41 -20.70 -35.93
C ASP B 67 18.07 -19.50 -36.80
N PHE B 68 17.95 -18.33 -36.18
CA PHE B 68 17.42 -17.14 -36.83
C PHE B 68 18.55 -16.27 -37.36
N GLU B 69 18.43 -15.85 -38.61
CA GLU B 69 19.36 -14.92 -39.24
C GLU B 69 18.61 -13.66 -39.63
N TYR B 70 19.24 -12.51 -39.38
CA TYR B 70 18.58 -11.22 -39.58
C TYR B 70 19.30 -10.29 -40.56
N ASN B 71 20.51 -10.65 -41.01
CA ASN B 71 21.23 -9.89 -42.04
C ASN B 71 21.45 -8.44 -41.59
N ASP B 72 22.22 -8.30 -40.52
CA ASP B 72 22.51 -6.99 -39.94
C ASP B 72 23.48 -6.20 -40.82
N ALA B 73 22.94 -5.37 -41.71
CA ALA B 73 23.73 -4.47 -42.55
C ALA B 73 24.77 -5.24 -43.37
N GLY B 74 24.30 -6.24 -44.12
CA GLY B 74 25.18 -7.00 -44.97
C GLY B 74 26.02 -8.04 -44.27
N SER B 75 25.67 -8.41 -43.05
CA SER B 75 26.37 -9.43 -42.29
C SER B 75 25.47 -10.64 -42.11
N LYS B 76 25.99 -11.82 -42.45
CA LYS B 76 25.21 -13.06 -42.36
C LYS B 76 25.25 -13.61 -40.94
N ARG B 77 24.79 -12.78 -40.00
CA ARG B 77 24.77 -13.15 -38.59
C ARG B 77 23.59 -14.08 -38.31
N GLU B 78 23.82 -15.05 -37.42
CA GLU B 78 22.79 -16.00 -37.01
C GLU B 78 22.76 -16.08 -35.49
N LYS B 79 21.56 -16.29 -34.96
CA LYS B 79 21.36 -16.40 -33.52
C LYS B 79 20.40 -17.54 -33.23
N LEU B 80 20.72 -18.33 -32.20
CA LEU B 80 19.89 -19.44 -31.77
C LEU B 80 18.85 -18.93 -30.79
N ILE B 81 17.57 -19.16 -31.10
CA ILE B 81 16.47 -18.71 -30.26
C ILE B 81 15.56 -19.91 -29.98
N LEU B 82 14.82 -19.80 -28.87
CA LEU B 82 13.86 -20.81 -28.45
C LEU B 82 12.51 -20.13 -28.27
N ILE B 83 11.56 -20.48 -29.12
CA ILE B 83 10.25 -19.82 -29.15
C ILE B 83 9.26 -20.64 -28.35
N GLN B 84 8.57 -19.97 -27.43
CA GLN B 84 7.49 -20.58 -26.65
C GLN B 84 6.16 -20.05 -27.18
N TRP B 85 5.45 -20.88 -27.93
CA TRP B 85 4.21 -20.49 -28.59
C TRP B 85 3.03 -21.11 -27.85
N ILE B 86 2.32 -20.29 -27.09
CA ILE B 86 1.10 -20.72 -26.39
C ILE B 86 -0.02 -19.74 -26.75
N PRO B 87 -0.84 -20.04 -27.74
CA PRO B 87 -1.92 -19.12 -28.12
C PRO B 87 -2.96 -18.99 -27.02
N ASP B 88 -3.59 -17.82 -26.96
CA ASP B 88 -4.62 -17.57 -25.96
C ASP B 88 -5.89 -18.37 -26.21
N THR B 89 -6.07 -18.88 -27.43
CA THR B 89 -7.27 -19.63 -27.79
C THR B 89 -7.17 -21.10 -27.43
N ALA B 90 -6.06 -21.55 -26.87
CA ALA B 90 -5.89 -22.95 -26.50
C ALA B 90 -6.75 -23.29 -25.29
N ARG B 91 -6.88 -24.59 -25.03
CA ARG B 91 -7.66 -25.05 -23.89
C ARG B 91 -6.99 -24.65 -22.59
N PRO B 92 -7.77 -24.41 -21.53
CA PRO B 92 -7.17 -24.05 -20.24
C PRO B 92 -6.23 -25.11 -19.69
N ARG B 93 -6.51 -26.38 -19.93
CA ARG B 93 -5.60 -27.43 -19.47
C ARG B 93 -4.30 -27.41 -20.23
N GLU B 94 -4.35 -27.15 -21.53
CA GLU B 94 -3.13 -27.14 -22.34
C GLU B 94 -2.22 -25.98 -21.97
N LYS B 95 -2.79 -24.80 -21.73
CA LYS B 95 -1.98 -23.64 -21.39
C LYS B 95 -1.26 -23.83 -20.06
N MET B 96 -1.95 -24.40 -19.07
CA MET B 96 -1.32 -24.65 -17.78
C MET B 96 -0.21 -25.69 -17.90
N MET B 97 -0.43 -26.73 -18.69
CA MET B 97 0.56 -27.82 -18.78
C MET B 97 1.83 -27.37 -19.48
N TYR B 98 1.69 -26.61 -20.57
CA TYR B 98 2.87 -26.18 -21.32
C TYR B 98 3.66 -25.12 -20.57
N SER B 99 2.97 -24.19 -19.90
CA SER B 99 3.65 -23.11 -19.20
C SER B 99 4.50 -23.64 -18.05
N ALA B 100 3.97 -24.59 -17.28
CA ALA B 100 4.69 -25.14 -16.14
C ALA B 100 5.80 -26.10 -16.55
N SER B 101 5.83 -26.53 -17.81
CA SER B 101 6.83 -27.47 -18.29
C SER B 101 7.99 -26.80 -19.00
N ARG B 102 8.03 -25.47 -19.01
CA ARG B 102 9.10 -24.76 -19.70
C ARG B 102 10.46 -24.96 -19.04
N ASP B 103 10.46 -25.22 -17.73
CA ASP B 103 11.71 -25.36 -17.00
C ASP B 103 12.51 -26.59 -17.42
N ALA B 104 11.86 -27.59 -18.02
CA ALA B 104 12.56 -28.81 -18.40
C ALA B 104 13.62 -28.54 -19.47
N LEU B 105 13.32 -27.67 -20.42
CA LEU B 105 14.24 -27.38 -21.50
C LEU B 105 15.44 -26.55 -21.06
N SER B 106 15.42 -26.00 -19.84
CA SER B 106 16.50 -25.12 -19.41
C SER B 106 17.82 -25.86 -19.27
N SER B 107 17.77 -27.16 -18.94
CA SER B 107 18.99 -27.92 -18.74
C SER B 107 19.71 -28.25 -20.04
N VAL B 108 19.02 -28.19 -21.18
CA VAL B 108 19.61 -28.55 -22.46
C VAL B 108 19.67 -27.39 -23.44
N SER B 109 18.96 -26.29 -23.18
CA SER B 109 18.91 -25.16 -24.10
C SER B 109 19.82 -24.03 -23.69
N GLU B 110 20.99 -24.36 -23.13
CA GLU B 110 21.95 -23.33 -22.78
C GLU B 110 22.46 -22.62 -24.03
N GLY B 111 22.52 -21.29 -23.98
CA GLY B 111 22.92 -20.48 -25.11
C GLY B 111 21.77 -20.01 -25.99
N TYR B 112 20.60 -20.64 -25.88
CA TYR B 112 19.44 -20.21 -26.66
C TYR B 112 18.77 -19.01 -25.98
N LEU B 113 18.34 -18.05 -26.81
CA LEU B 113 17.66 -16.88 -26.30
C LEU B 113 16.17 -17.19 -26.14
N PRO B 114 15.62 -17.15 -24.93
CA PRO B 114 14.20 -17.46 -24.75
C PRO B 114 13.32 -16.31 -25.25
N ILE B 115 12.32 -16.64 -26.05
CA ILE B 115 11.37 -15.68 -26.59
C ILE B 115 9.97 -16.18 -26.31
N GLN B 116 9.14 -15.32 -25.72
CA GLN B 116 7.76 -15.66 -25.37
C GLN B 116 6.80 -14.96 -26.32
N ALA B 117 5.88 -15.72 -26.89
CA ALA B 117 4.89 -15.17 -27.81
C ALA B 117 3.54 -15.81 -27.53
N ASN B 118 2.49 -14.99 -27.48
CA ASN B 118 1.13 -15.46 -27.25
C ASN B 118 0.17 -15.06 -28.35
N ASP B 119 0.63 -14.33 -29.36
CA ASP B 119 -0.23 -13.91 -30.46
C ASP B 119 0.62 -13.71 -31.70
N GLU B 120 -0.04 -13.62 -32.85
CA GLU B 120 0.67 -13.50 -34.12
C GLU B 120 1.50 -12.23 -34.22
N SER B 121 1.12 -11.17 -33.48
CA SER B 121 1.91 -9.95 -33.52
C SER B 121 3.26 -10.12 -32.81
N GLY B 122 3.38 -11.09 -31.91
CA GLY B 122 4.63 -11.34 -31.23
C GLY B 122 5.63 -12.17 -32.03
N LEU B 123 5.21 -12.70 -33.18
CA LEU B 123 6.08 -13.47 -34.04
C LEU B 123 6.70 -12.63 -35.16
N ASP B 124 6.51 -11.31 -35.11
CA ASP B 124 7.06 -10.44 -36.13
C ASP B 124 8.59 -10.49 -36.12
N ALA B 125 9.18 -10.39 -37.32
CA ALA B 125 10.64 -10.42 -37.44
C ALA B 125 11.27 -9.23 -36.72
N GLU B 126 10.66 -8.05 -36.84
CA GLU B 126 11.21 -6.87 -36.18
C GLU B 126 11.22 -7.03 -34.67
N GLU B 127 10.21 -7.68 -34.11
CA GLU B 127 10.19 -7.95 -32.67
C GLU B 127 11.36 -8.84 -32.27
N ILE B 128 11.64 -9.88 -33.07
CA ILE B 128 12.73 -10.79 -32.74
C ILE B 128 14.08 -10.11 -32.93
N ILE B 129 14.21 -9.31 -34.00
CA ILE B 129 15.48 -8.63 -34.27
C ILE B 129 15.81 -7.65 -33.15
N ARG B 130 14.80 -6.96 -32.63
CA ARG B 130 15.04 -6.01 -31.55
C ARG B 130 15.55 -6.71 -30.29
N LYS B 131 14.99 -7.89 -29.99
CA LYS B 131 15.35 -8.57 -28.74
C LYS B 131 16.76 -9.16 -28.82
N VAL B 132 17.14 -9.71 -29.98
CA VAL B 132 18.46 -10.34 -30.08
C VAL B 132 19.57 -9.31 -30.00
N ARG B 133 19.35 -8.11 -30.54
CA ARG B 133 20.37 -7.07 -30.50
C ARG B 133 20.53 -6.47 -29.11
N LEU B 134 19.51 -6.57 -28.26
CA LEU B 134 19.59 -5.97 -26.93
C LEU B 134 20.65 -6.63 -26.07
N HIS B 135 20.77 -7.96 -26.16
CA HIS B 135 21.67 -8.72 -25.31
C HIS B 135 23.09 -8.82 -25.86
N ARG B 136 23.34 -8.29 -27.06
CA ARG B 136 24.66 -8.32 -27.67
C ARG B 136 25.37 -7.01 -27.39
N SER B 137 26.55 -7.09 -26.75
CA SER B 137 27.33 -5.88 -26.48
C SER B 137 27.81 -5.24 -27.77
N VAL B 138 28.26 -6.05 -28.73
CA VAL B 138 28.74 -5.54 -30.00
C VAL B 138 27.58 -5.09 -30.88
N SER C 7 -56.85 -36.05 36.85
CA SER C 7 -55.42 -36.04 37.17
C SER C 7 -54.95 -34.65 37.54
N SER C 8 -54.52 -33.88 36.54
CA SER C 8 -54.07 -32.51 36.74
C SER C 8 -55.18 -31.54 36.38
N ILE C 9 -54.94 -30.27 36.70
CA ILE C 9 -55.91 -29.20 36.48
C ILE C 9 -55.35 -28.23 35.45
N VAL C 10 -56.13 -27.93 34.42
CA VAL C 10 -55.76 -26.98 33.39
C VAL C 10 -56.75 -25.83 33.44
N CYS C 11 -56.24 -24.61 33.66
CA CYS C 11 -57.06 -23.43 33.82
C CYS C 11 -56.63 -22.36 32.83
N ASP C 12 -57.59 -21.79 32.12
CA ASP C 12 -57.35 -20.72 31.15
C ASP C 12 -58.17 -19.51 31.60
N ASN C 13 -57.48 -18.52 32.19
CA ASN C 13 -58.18 -17.37 32.78
C ASN C 13 -58.92 -16.57 31.72
N GLY C 14 -58.28 -16.32 30.58
CA GLY C 14 -58.92 -15.53 29.55
C GLY C 14 -59.12 -14.08 29.99
N SER C 15 -60.07 -13.43 29.34
CA SER C 15 -60.43 -12.05 29.66
C SER C 15 -61.88 -11.89 30.04
N GLY C 16 -62.79 -12.62 29.39
CA GLY C 16 -64.20 -12.55 29.72
C GLY C 16 -64.72 -13.78 30.44
N MET C 17 -64.25 -14.96 30.04
CA MET C 17 -64.72 -16.21 30.60
C MET C 17 -63.54 -17.06 31.03
N VAL C 18 -63.78 -17.95 32.00
CA VAL C 18 -62.76 -18.82 32.56
C VAL C 18 -63.04 -20.24 32.14
N LYS C 19 -62.03 -20.92 31.60
CA LYS C 19 -62.12 -22.31 31.20
C LYS C 19 -61.30 -23.16 32.16
N ALA C 20 -61.92 -24.21 32.69
CA ALA C 20 -61.27 -25.09 33.65
C ALA C 20 -61.68 -26.52 33.38
N GLY C 21 -60.84 -27.45 33.81
CA GLY C 21 -61.11 -28.86 33.60
C GLY C 21 -59.93 -29.70 34.04
N PHE C 22 -59.98 -30.97 33.63
CA PHE C 22 -58.93 -31.94 33.96
C PHE C 22 -58.20 -32.36 32.70
N SER C 23 -56.90 -32.61 32.85
CA SER C 23 -56.07 -32.98 31.70
C SER C 23 -56.51 -34.31 31.12
N GLY C 24 -56.45 -34.41 29.79
CA GLY C 24 -56.87 -35.59 29.08
C GLY C 24 -58.23 -35.47 28.42
N ASP C 25 -59.03 -34.50 28.80
CA ASP C 25 -60.34 -34.30 28.19
C ASP C 25 -60.18 -33.62 26.83
N ASP C 26 -61.21 -33.77 25.99
CA ASP C 26 -61.22 -33.17 24.67
C ASP C 26 -61.85 -31.78 24.65
N ALA C 27 -62.45 -31.34 25.75
CA ALA C 27 -63.10 -30.04 25.82
C ALA C 27 -63.29 -29.67 27.28
N PRO C 28 -63.22 -28.39 27.63
CA PRO C 28 -63.44 -27.99 29.02
C PRO C 28 -64.88 -28.25 29.45
N ARG C 29 -65.04 -28.54 30.74
CA ARG C 29 -66.36 -28.83 31.30
C ARG C 29 -66.95 -27.68 32.09
N HIS C 30 -66.13 -26.71 32.50
CA HIS C 30 -66.58 -25.60 33.34
C HIS C 30 -66.22 -24.29 32.66
N VAL C 31 -67.23 -23.56 32.20
CA VAL C 31 -67.06 -22.24 31.61
C VAL C 31 -68.00 -21.27 32.31
N PHE C 32 -67.44 -20.17 32.83
CA PHE C 32 -68.23 -19.18 33.53
C PHE C 32 -67.53 -17.84 33.41
N PRO C 33 -68.29 -16.74 33.36
CA PRO C 33 -67.67 -15.42 33.23
C PRO C 33 -66.86 -15.05 34.47
N SER C 34 -65.82 -14.25 34.25
CA SER C 34 -64.93 -13.80 35.32
C SER C 34 -65.34 -12.40 35.75
N ILE C 35 -66.35 -12.33 36.60
CA ILE C 35 -66.86 -11.07 37.13
C ILE C 35 -67.03 -11.19 38.63
N VAL C 36 -66.97 -10.04 39.31
CA VAL C 36 -67.16 -9.96 40.75
C VAL C 36 -68.24 -8.92 41.02
N GLY C 37 -69.23 -9.29 41.82
CA GLY C 37 -70.36 -8.42 42.11
C GLY C 37 -70.44 -8.08 43.59
N ARG C 38 -70.84 -6.85 43.88
CA ARG C 38 -71.05 -6.36 45.23
C ARG C 38 -72.38 -5.63 45.31
N PRO C 39 -73.00 -5.59 46.49
CA PRO C 39 -74.30 -4.93 46.60
C PRO C 39 -74.23 -3.46 46.25
N LYS C 40 -75.30 -2.96 45.64
CA LYS C 40 -75.37 -1.58 45.16
C LYS C 40 -75.17 -0.58 46.29
N LYS C 51 -74.50 -12.64 51.53
CA LYS C 51 -73.19 -12.74 50.89
C LYS C 51 -72.62 -11.36 50.62
N THR C 52 -71.42 -11.10 51.15
CA THR C 52 -70.77 -9.81 50.92
C THR C 52 -70.44 -9.61 49.45
N VAL C 53 -69.92 -10.65 48.79
CA VAL C 53 -69.52 -10.58 47.39
C VAL C 53 -70.11 -11.77 46.64
N TYR C 54 -70.24 -11.60 45.33
CA TYR C 54 -70.75 -12.64 44.45
C TYR C 54 -69.78 -12.79 43.28
N VAL C 55 -69.46 -14.05 42.94
CA VAL C 55 -68.47 -14.36 41.92
C VAL C 55 -69.10 -15.31 40.90
N GLY C 56 -68.89 -15.02 39.63
CA GLY C 56 -69.34 -15.90 38.57
C GLY C 56 -70.82 -15.76 38.25
N ASP C 57 -71.48 -16.90 38.03
CA ASP C 57 -72.91 -16.88 37.71
C ASP C 57 -73.76 -16.42 38.90
N GLU C 58 -73.22 -16.46 40.12
CA GLU C 58 -73.95 -15.96 41.27
C GLU C 58 -74.24 -14.47 41.13
N ALA C 59 -73.25 -13.70 40.68
CA ALA C 59 -73.48 -12.27 40.44
C ALA C 59 -74.28 -12.04 39.17
N GLN C 60 -74.20 -12.96 38.20
CA GLN C 60 -74.93 -12.80 36.96
C GLN C 60 -76.43 -12.87 37.18
N SER C 61 -76.89 -13.80 38.05
CA SER C 61 -78.31 -13.94 38.31
C SER C 61 -78.88 -12.70 38.99
N LYS C 62 -78.13 -12.13 39.94
CA LYS C 62 -78.55 -10.93 40.66
C LYS C 62 -77.94 -9.66 40.07
N ARG C 63 -77.73 -9.64 38.76
CA ARG C 63 -77.03 -8.53 38.11
C ARG C 63 -77.79 -7.22 38.23
N GLY C 64 -79.09 -7.26 38.52
CA GLY C 64 -79.87 -6.03 38.58
C GLY C 64 -79.47 -5.12 39.72
N VAL C 65 -79.15 -5.69 40.88
CA VAL C 65 -78.87 -4.92 42.08
C VAL C 65 -77.41 -5.05 42.51
N LEU C 66 -76.51 -5.36 41.58
CA LEU C 66 -75.09 -5.52 41.89
C LEU C 66 -74.25 -4.69 40.92
N SER C 67 -73.13 -4.21 41.42
CA SER C 67 -72.14 -3.52 40.60
C SER C 67 -71.04 -4.50 40.22
N LEU C 68 -70.73 -4.56 38.93
CA LEU C 68 -69.81 -5.57 38.40
C LEU C 68 -68.49 -4.94 38.01
N LYS C 69 -67.40 -5.62 38.37
CA LYS C 69 -66.06 -5.22 37.99
C LYS C 69 -65.32 -6.43 37.43
N TYR C 70 -64.38 -6.17 36.53
CA TYR C 70 -63.63 -7.22 35.88
C TYR C 70 -62.22 -7.28 36.47
N PRO C 71 -61.88 -8.31 37.26
CA PRO C 71 -60.50 -8.42 37.75
C PRO C 71 -59.48 -8.51 36.63
N ILE C 72 -59.82 -9.20 35.54
CA ILE C 72 -58.95 -9.32 34.37
C ILE C 72 -59.74 -8.81 33.18
N GLU C 73 -59.35 -7.64 32.67
CA GLU C 73 -59.88 -7.12 31.41
C GLU C 73 -58.70 -6.68 30.56
N HIS C 74 -58.87 -6.79 29.25
CA HIS C 74 -57.85 -6.50 28.24
C HIS C 74 -56.65 -7.45 28.34
N GLY C 75 -56.80 -8.56 29.07
CA GLY C 75 -55.78 -9.59 29.12
C GLY C 75 -54.76 -9.46 30.23
N ILE C 76 -54.79 -8.39 31.01
CA ILE C 76 -53.80 -8.15 32.06
C ILE C 76 -54.52 -7.99 33.39
N VAL C 77 -53.99 -8.64 34.42
CA VAL C 77 -54.60 -8.57 35.75
C VAL C 77 -54.53 -7.15 36.28
N THR C 78 -55.65 -6.63 36.76
CA THR C 78 -55.73 -5.28 37.28
C THR C 78 -55.85 -5.22 38.80
N ASN C 79 -56.47 -6.21 39.42
CA ASN C 79 -56.66 -6.24 40.88
C ASN C 79 -56.45 -7.67 41.35
N TRP C 80 -55.39 -7.88 42.13
CA TRP C 80 -55.11 -9.22 42.63
C TRP C 80 -56.05 -9.62 43.76
N ASP C 81 -56.57 -8.64 44.50
CA ASP C 81 -57.48 -8.96 45.60
C ASP C 81 -58.76 -9.60 45.09
N ASP C 82 -59.32 -9.07 44.00
CA ASP C 82 -60.52 -9.65 43.42
C ASP C 82 -60.23 -10.82 42.50
N MET C 83 -58.97 -11.00 42.08
CA MET C 83 -58.62 -12.12 41.24
C MET C 83 -58.52 -13.42 42.04
N GLU C 84 -58.08 -13.33 43.30
CA GLU C 84 -57.97 -14.52 44.13
C GLU C 84 -59.34 -15.16 44.36
N LYS C 85 -60.39 -14.36 44.42
CA LYS C 85 -61.74 -14.92 44.57
C LYS C 85 -62.15 -15.73 43.36
N ILE C 86 -61.66 -15.38 42.16
CA ILE C 86 -61.97 -16.15 40.96
C ILE C 86 -61.38 -17.55 41.06
N TRP C 87 -60.12 -17.65 41.51
CA TRP C 87 -59.48 -18.95 41.65
C TRP C 87 -60.11 -19.75 42.79
N HIS C 88 -60.43 -19.09 43.90
CA HIS C 88 -61.06 -19.79 45.01
C HIS C 88 -62.42 -20.35 44.62
N HIS C 89 -63.18 -19.60 43.82
CA HIS C 89 -64.47 -20.09 43.35
C HIS C 89 -64.29 -21.31 42.44
N THR C 90 -63.26 -21.31 41.60
CA THR C 90 -63.06 -22.40 40.66
C THR C 90 -62.72 -23.70 41.38
N PHE C 91 -61.81 -23.64 42.36
CA PHE C 91 -61.34 -24.85 43.03
C PHE C 91 -62.46 -25.50 43.84
N TYR C 92 -63.15 -24.71 44.65
CA TYR C 92 -64.12 -25.26 45.61
C TYR C 92 -65.53 -25.36 45.02
N ASN C 93 -66.05 -24.24 44.53
CA ASN C 93 -67.44 -24.23 44.05
C ASN C 93 -67.58 -24.95 42.71
N GLU C 94 -66.61 -24.78 41.82
CA GLU C 94 -66.74 -25.28 40.46
C GLU C 94 -66.10 -26.66 40.28
N LEU C 95 -64.81 -26.77 40.52
CA LEU C 95 -64.12 -28.05 40.36
C LEU C 95 -64.40 -29.00 41.52
N ARG C 96 -64.59 -28.47 42.73
CA ARG C 96 -64.86 -29.26 43.93
C ARG C 96 -63.73 -30.24 44.20
N VAL C 97 -62.50 -29.72 44.21
CA VAL C 97 -61.30 -30.51 44.49
C VAL C 97 -60.43 -29.75 45.47
N ASN C 98 -59.55 -30.48 46.14
CA ASN C 98 -58.58 -29.87 47.05
C ASN C 98 -57.41 -29.32 46.25
N PRO C 99 -57.08 -28.03 46.40
CA PRO C 99 -55.95 -27.48 45.63
C PRO C 99 -54.60 -28.08 46.00
N GLU C 100 -54.48 -28.70 47.18
CA GLU C 100 -53.20 -29.22 47.65
C GLU C 100 -53.00 -30.69 47.30
N GLN C 101 -53.77 -31.23 46.35
CA GLN C 101 -53.62 -32.62 45.95
C GLN C 101 -53.56 -32.81 44.44
N HIS C 102 -53.38 -31.74 43.66
CA HIS C 102 -53.37 -31.83 42.22
C HIS C 102 -52.33 -30.87 41.65
N ASN C 103 -51.95 -31.12 40.40
CA ASN C 103 -51.04 -30.24 39.68
C ASN C 103 -51.85 -29.28 38.82
N VAL C 104 -51.45 -28.00 38.84
CA VAL C 104 -52.18 -26.93 38.19
C VAL C 104 -51.32 -26.33 37.10
N LEU C 105 -51.88 -26.20 35.90
CA LEU C 105 -51.20 -25.57 34.77
C LEU C 105 -51.94 -24.27 34.43
N LEU C 106 -51.20 -23.17 34.36
CA LEU C 106 -51.76 -21.86 34.10
C LEU C 106 -51.19 -21.29 32.81
N THR C 107 -51.90 -20.31 32.25
CA THR C 107 -51.47 -19.61 31.05
C THR C 107 -51.46 -18.12 31.30
N GLU C 108 -50.62 -17.40 30.56
CA GLU C 108 -50.49 -15.96 30.69
C GLU C 108 -50.55 -15.30 29.33
N ALA C 109 -51.02 -14.06 29.31
CA ALA C 109 -51.16 -13.31 28.07
C ALA C 109 -49.78 -12.88 27.57
N PRO C 110 -49.65 -12.61 26.27
CA PRO C 110 -48.37 -12.13 25.74
C PRO C 110 -47.99 -10.78 26.33
N MET C 111 -46.69 -10.52 26.38
CA MET C 111 -46.13 -9.28 26.94
C MET C 111 -46.56 -9.07 28.39
N ASN C 112 -46.58 -10.16 29.14
CA ASN C 112 -46.97 -10.11 30.54
C ASN C 112 -45.77 -9.69 31.40
N PRO C 113 -45.87 -8.64 32.20
CA PRO C 113 -44.75 -8.24 33.05
C PRO C 113 -44.38 -9.33 34.04
N LYS C 114 -43.08 -9.41 34.35
CA LYS C 114 -42.59 -10.44 35.25
C LYS C 114 -43.13 -10.28 36.67
N GLN C 115 -43.56 -9.09 37.06
CA GLN C 115 -44.14 -8.90 38.39
C GLN C 115 -45.41 -9.71 38.56
N ASN C 116 -46.26 -9.75 37.52
CA ASN C 116 -47.47 -10.55 37.59
C ASN C 116 -47.14 -12.04 37.67
N ARG C 117 -46.15 -12.50 36.92
CA ARG C 117 -45.77 -13.90 36.96
C ARG C 117 -45.24 -14.29 38.34
N GLU C 118 -44.43 -13.43 38.95
CA GLU C 118 -43.91 -13.72 40.28
C GLU C 118 -45.02 -13.76 41.32
N LYS C 119 -46.00 -12.85 41.21
CA LYS C 119 -47.11 -12.86 42.15
C LYS C 119 -48.07 -14.02 41.88
N MET C 120 -48.19 -14.45 40.62
CA MET C 120 -49.09 -15.55 40.29
C MET C 120 -48.62 -16.85 40.94
N THR C 121 -47.32 -17.12 40.90
CA THR C 121 -46.81 -18.35 41.51
C THR C 121 -46.74 -18.25 43.03
N GLN C 122 -46.59 -17.03 43.56
CA GLN C 122 -46.56 -16.86 45.01
C GLN C 122 -47.90 -17.24 45.63
N ILE C 123 -49.01 -16.86 44.99
CA ILE C 123 -50.34 -17.15 45.52
C ILE C 123 -50.58 -18.66 45.55
N MET C 124 -50.24 -19.35 44.47
CA MET C 124 -50.51 -20.79 44.40
C MET C 124 -49.76 -21.56 45.46
N PHE C 125 -48.48 -21.22 45.67
CA PHE C 125 -47.67 -21.97 46.63
C PHE C 125 -48.02 -21.62 48.07
N GLU C 126 -48.28 -20.34 48.36
CA GLU C 126 -48.46 -19.90 49.73
C GLU C 126 -49.91 -19.95 50.20
N THR C 127 -50.87 -19.65 49.33
CA THR C 127 -52.27 -19.63 49.74
C THR C 127 -52.96 -20.96 49.50
N PHE C 128 -52.90 -21.47 48.26
CA PHE C 128 -53.56 -22.72 47.92
C PHE C 128 -52.68 -23.95 48.16
N ASN C 129 -51.40 -23.75 48.46
CA ASN C 129 -50.47 -24.86 48.75
C ASN C 129 -50.44 -25.87 47.60
N VAL C 130 -50.37 -25.37 46.38
CA VAL C 130 -50.32 -26.25 45.20
C VAL C 130 -48.98 -26.98 45.18
N PRO C 131 -48.97 -28.31 45.06
CA PRO C 131 -47.69 -29.04 45.09
C PRO C 131 -46.80 -28.76 43.88
N SER C 132 -47.38 -28.79 42.68
CA SER C 132 -46.63 -28.57 41.45
C SER C 132 -47.34 -27.54 40.59
N LEU C 133 -46.56 -26.64 39.99
CA LEU C 133 -47.11 -25.56 39.19
C LEU C 133 -46.33 -25.43 37.90
N TYR C 134 -47.01 -25.00 36.84
CA TYR C 134 -46.39 -24.74 35.55
C TYR C 134 -47.16 -23.66 34.83
N ILE C 135 -46.45 -22.75 34.19
CA ILE C 135 -47.04 -21.61 33.49
C ILE C 135 -46.62 -21.67 32.04
N GLY C 136 -47.60 -21.62 31.12
CA GLY C 136 -47.35 -21.66 29.71
C GLY C 136 -47.68 -20.33 29.02
N ILE C 137 -47.49 -20.33 27.71
CA ILE C 137 -47.75 -19.17 26.87
C ILE C 137 -48.92 -19.49 25.95
N GLN C 138 -49.91 -18.61 25.93
CA GLN C 138 -51.13 -18.87 25.16
C GLN C 138 -50.83 -18.97 23.67
N ALA C 139 -50.00 -18.07 23.14
CA ALA C 139 -49.69 -18.08 21.71
C ALA C 139 -48.95 -19.34 21.30
N VAL C 140 -48.00 -19.78 22.13
CA VAL C 140 -47.20 -20.96 21.79
C VAL C 140 -48.05 -22.21 21.79
N LEU C 141 -48.91 -22.37 22.80
CA LEU C 141 -49.75 -23.57 22.89
C LEU C 141 -50.73 -23.64 21.73
N SER C 142 -51.28 -22.50 21.32
CA SER C 142 -52.22 -22.49 20.20
C SER C 142 -51.53 -22.85 18.89
N LEU C 143 -50.28 -22.42 18.72
CA LEU C 143 -49.57 -22.69 17.47
C LEU C 143 -49.16 -24.15 17.36
N TYR C 144 -48.70 -24.75 18.46
CA TYR C 144 -48.25 -26.13 18.43
C TYR C 144 -49.39 -27.09 18.12
N SER C 145 -50.59 -26.82 18.65
CA SER C 145 -51.73 -27.69 18.41
C SER C 145 -52.14 -27.71 16.94
N SER C 146 -51.68 -26.75 16.14
CA SER C 146 -51.95 -26.72 14.71
C SER C 146 -50.89 -27.43 13.89
N GLY C 147 -49.95 -28.10 14.53
CA GLY C 147 -48.88 -28.77 13.82
C GLY C 147 -47.92 -27.84 13.10
N ARG C 148 -47.50 -26.76 13.76
CA ARG C 148 -46.60 -25.78 13.18
C ARG C 148 -45.63 -25.29 14.23
N THR C 149 -44.51 -24.74 13.77
CA THR C 149 -43.51 -24.15 14.63
C THR C 149 -43.23 -22.68 14.35
N THR C 150 -43.37 -22.24 13.10
CA THR C 150 -43.20 -20.84 12.73
C THR C 150 -44.49 -20.32 12.12
N GLY C 151 -44.90 -19.13 12.55
CA GLY C 151 -46.10 -18.53 12.02
C GLY C 151 -46.51 -17.32 12.83
N ILE C 152 -47.66 -16.77 12.47
CA ILE C 152 -48.24 -15.62 13.15
C ILE C 152 -49.63 -16.00 13.63
N VAL C 153 -49.93 -15.73 14.89
CA VAL C 153 -51.17 -16.16 15.53
C VAL C 153 -52.06 -14.94 15.74
N LEU C 154 -53.27 -15.01 15.21
CA LEU C 154 -54.27 -13.96 15.39
C LEU C 154 -55.28 -14.44 16.41
N ASP C 155 -55.22 -13.87 17.62
CA ASP C 155 -56.10 -14.25 18.72
C ASP C 155 -57.16 -13.17 18.89
N ALA C 156 -58.43 -13.56 18.83
CA ALA C 156 -59.54 -12.63 18.98
C ALA C 156 -60.44 -13.12 20.12
N GLY C 157 -60.29 -12.52 21.29
CA GLY C 157 -61.10 -12.87 22.43
C GLY C 157 -62.37 -12.06 22.51
N ASP C 158 -62.61 -11.44 23.66
CA ASP C 158 -63.73 -10.51 23.80
C ASP C 158 -63.31 -9.14 24.31
N GLY C 159 -62.34 -9.08 25.22
CA GLY C 159 -61.90 -7.81 25.76
C GLY C 159 -60.61 -7.29 25.14
N VAL C 160 -59.94 -8.12 24.35
CA VAL C 160 -58.64 -7.79 23.77
C VAL C 160 -58.38 -8.73 22.60
N THR C 161 -57.50 -8.31 21.70
CA THR C 161 -57.05 -9.14 20.59
C THR C 161 -55.57 -8.91 20.38
N HIS C 162 -54.86 -9.96 19.97
CA HIS C 162 -53.41 -9.93 19.81
C HIS C 162 -53.00 -10.49 18.46
N THR C 163 -51.80 -10.12 18.04
CA THR C 163 -51.12 -10.72 16.89
C THR C 163 -49.70 -11.02 17.31
N VAL C 164 -49.39 -12.31 17.50
CA VAL C 164 -48.09 -12.72 18.01
C VAL C 164 -47.35 -13.54 16.95
N PRO C 165 -46.34 -12.97 16.29
CA PRO C 165 -45.53 -13.76 15.36
C PRO C 165 -44.53 -14.62 16.12
N ILE C 166 -44.44 -15.89 15.75
CA ILE C 166 -43.58 -16.86 16.41
C ILE C 166 -42.64 -17.45 15.38
N TYR C 167 -41.35 -17.47 15.69
CA TYR C 167 -40.33 -17.99 14.79
C TYR C 167 -39.49 -19.01 15.55
N GLU C 168 -39.53 -20.26 15.09
CA GLU C 168 -38.75 -21.36 15.67
C GLU C 168 -39.04 -21.53 17.16
N GLY C 169 -40.31 -21.40 17.54
CA GLY C 169 -40.73 -21.62 18.90
C GLY C 169 -40.51 -20.45 19.83
N TYR C 170 -39.95 -19.34 19.37
CA TYR C 170 -39.74 -18.15 20.18
C TYR C 170 -40.48 -16.98 19.55
N SER C 171 -41.28 -16.30 20.36
CA SER C 171 -42.02 -15.14 19.90
C SER C 171 -41.10 -13.94 19.76
N LEU C 172 -41.54 -12.97 18.95
CA LEU C 172 -40.76 -11.76 18.74
C LEU C 172 -41.37 -10.63 19.55
N PRO C 173 -40.70 -10.15 20.60
CA PRO C 173 -41.33 -9.18 21.50
C PRO C 173 -41.64 -7.84 20.85
N HIS C 174 -41.04 -7.52 19.71
CA HIS C 174 -41.15 -6.19 19.12
C HIS C 174 -42.18 -6.13 18.00
N ALA C 175 -43.03 -7.15 17.85
CA ALA C 175 -44.06 -7.17 16.82
C ALA C 175 -45.41 -7.61 17.40
N VAL C 176 -45.64 -7.35 18.68
CA VAL C 176 -46.88 -7.71 19.34
C VAL C 176 -47.74 -6.45 19.48
N ARG C 177 -49.02 -6.55 19.12
CA ARG C 177 -49.92 -5.42 19.13
C ARG C 177 -51.22 -5.77 19.86
N ARG C 178 -51.89 -4.73 20.34
CA ARG C 178 -53.20 -4.84 20.97
C ARG C 178 -54.14 -3.80 20.37
N VAL C 179 -55.42 -4.14 20.32
CA VAL C 179 -56.42 -3.23 19.78
C VAL C 179 -57.47 -2.93 20.83
N ASP C 180 -57.67 -3.88 21.76
CA ASP C 180 -58.69 -3.77 22.81
C ASP C 180 -60.09 -3.56 22.20
N MET C 181 -60.36 -4.24 21.09
CA MET C 181 -61.65 -4.18 20.43
C MET C 181 -61.96 -5.59 19.92
N ALA C 182 -62.92 -6.26 20.55
CA ALA C 182 -63.21 -7.65 20.25
C ALA C 182 -64.70 -7.89 20.47
N GLY C 183 -65.08 -9.15 20.64
CA GLY C 183 -66.47 -9.56 20.64
C GLY C 183 -67.34 -8.88 21.69
N ARG C 184 -66.74 -8.38 22.77
CA ARG C 184 -67.54 -7.69 23.78
C ARG C 184 -68.16 -6.42 23.21
N ASP C 185 -67.40 -5.66 22.42
CA ASP C 185 -67.93 -4.44 21.82
C ASP C 185 -68.93 -4.76 20.72
N LEU C 186 -68.84 -5.95 20.11
CA LEU C 186 -69.80 -6.33 19.08
C LEU C 186 -71.20 -6.50 19.67
N THR C 187 -71.29 -7.05 20.89
CA THR C 187 -72.58 -7.20 21.52
C THR C 187 -73.24 -5.85 21.78
N GLU C 188 -72.47 -4.89 22.27
CA GLU C 188 -73.01 -3.56 22.53
C GLU C 188 -73.46 -2.88 21.24
N TYR C 189 -72.67 -3.00 20.17
CA TYR C 189 -73.05 -2.41 18.90
C TYR C 189 -74.31 -3.06 18.34
N LEU C 190 -74.41 -4.40 18.46
CA LEU C 190 -75.62 -5.08 18.01
C LEU C 190 -76.83 -4.67 18.83
N MET C 191 -76.65 -4.49 20.14
CA MET C 191 -77.75 -4.07 20.99
C MET C 191 -78.23 -2.67 20.64
N LYS C 192 -77.29 -1.76 20.35
CA LYS C 192 -77.67 -0.39 20.02
C LYS C 192 -78.43 -0.32 18.70
N ILE C 193 -77.96 -1.05 17.68
CA ILE C 193 -78.62 -1.01 16.37
C ILE C 193 -79.90 -1.84 16.33
N MET C 194 -80.21 -2.58 17.39
CA MET C 194 -81.45 -3.32 17.45
C MET C 194 -82.64 -2.45 17.84
N MET C 195 -82.41 -1.25 18.37
CA MET C 195 -83.49 -0.35 18.73
C MET C 195 -84.18 0.26 17.51
N GLU C 196 -83.59 0.17 16.33
CA GLU C 196 -84.21 0.74 15.14
C GLU C 196 -85.53 0.03 14.81
N THR C 197 -85.65 -1.24 15.18
CA THR C 197 -86.89 -2.00 15.01
C THR C 197 -87.78 -1.95 16.23
N GLY C 198 -87.67 -0.90 17.05
CA GLY C 198 -88.47 -0.79 18.24
C GLY C 198 -87.87 -1.52 19.43
N THR C 199 -88.63 -1.49 20.54
CA THR C 199 -88.26 -2.13 21.79
C THR C 199 -86.93 -1.59 22.35
N THR C 200 -86.44 -2.21 23.41
CA THR C 200 -85.18 -1.79 24.03
C THR C 200 -84.61 -2.97 24.80
N PHE C 201 -83.32 -2.89 25.09
CA PHE C 201 -82.59 -3.95 25.78
C PHE C 201 -81.67 -3.37 26.84
N THR C 202 -82.17 -2.40 27.61
CA THR C 202 -81.32 -1.74 28.61
C THR C 202 -80.95 -2.68 29.74
N THR C 203 -81.91 -3.44 30.26
CA THR C 203 -81.66 -4.28 31.43
C THR C 203 -80.72 -5.43 31.09
N THR C 204 -80.03 -5.91 32.14
CA THR C 204 -79.06 -6.99 31.96
C THR C 204 -79.72 -8.31 31.61
N ALA C 205 -81.01 -8.47 31.92
CA ALA C 205 -81.71 -9.71 31.56
C ALA C 205 -81.78 -9.88 30.05
N GLU C 206 -82.03 -8.79 29.32
CA GLU C 206 -82.07 -8.85 27.86
C GLU C 206 -80.69 -8.76 27.23
N LYS C 207 -79.67 -8.37 27.98
CA LYS C 207 -78.31 -8.34 27.43
C LYS C 207 -77.84 -9.74 27.07
N GLU C 208 -78.15 -10.73 27.92
CA GLU C 208 -77.79 -12.11 27.60
C GLU C 208 -78.53 -12.62 26.39
N ILE C 209 -79.76 -12.14 26.17
CA ILE C 209 -80.52 -12.54 24.99
C ILE C 209 -79.83 -12.05 23.71
N VAL C 210 -79.32 -10.82 23.73
CA VAL C 210 -78.64 -10.27 22.56
C VAL C 210 -77.38 -11.09 22.24
N ARG C 211 -76.68 -11.55 23.28
CA ARG C 211 -75.47 -12.34 23.06
C ARG C 211 -75.79 -13.65 22.34
N ASN C 212 -76.90 -14.29 22.71
CA ASN C 212 -77.28 -15.54 22.05
C ASN C 212 -77.62 -15.32 20.58
N VAL C 213 -78.20 -14.17 20.24
CA VAL C 213 -78.49 -13.87 18.84
C VAL C 213 -77.19 -13.73 18.06
N LYS C 214 -76.16 -13.12 18.65
CA LYS C 214 -74.90 -12.93 17.97
C LYS C 214 -74.24 -14.28 17.64
N GLU C 215 -74.33 -15.24 18.54
CA GLU C 215 -73.63 -16.51 18.41
C GLU C 215 -74.40 -17.54 17.59
N GLN C 216 -75.58 -17.19 17.09
CA GLN C 216 -76.39 -18.18 16.37
C GLN C 216 -76.80 -17.71 14.99
N LEU C 217 -77.02 -16.40 14.82
CA LEU C 217 -77.55 -15.87 13.57
C LEU C 217 -76.57 -14.99 12.80
N CYS C 218 -75.66 -14.32 13.48
CA CYS C 218 -74.75 -13.39 12.80
C CYS C 218 -73.77 -14.13 11.91
N TYR C 219 -73.43 -13.52 10.78
CA TYR C 219 -72.46 -14.08 9.86
C TYR C 219 -71.77 -12.95 9.11
N VAL C 220 -70.60 -13.24 8.56
CA VAL C 220 -69.81 -12.26 7.84
C VAL C 220 -70.19 -12.30 6.36
N ALA C 221 -70.50 -11.13 5.81
CA ALA C 221 -70.86 -11.01 4.40
C ALA C 221 -69.61 -10.79 3.56
N LEU C 222 -69.51 -11.50 2.44
CA LEU C 222 -68.34 -11.38 1.59
C LEU C 222 -68.23 -9.98 0.99
N ASP C 223 -69.34 -9.43 0.52
CA ASP C 223 -69.38 -8.09 -0.07
C ASP C 223 -70.35 -7.25 0.74
N PHE C 224 -69.80 -6.31 1.52
CA PHE C 224 -70.62 -5.52 2.43
C PHE C 224 -71.57 -4.60 1.67
N GLU C 225 -71.06 -3.90 0.64
CA GLU C 225 -71.88 -2.94 -0.07
C GLU C 225 -73.01 -3.62 -0.83
N GLU C 226 -72.74 -4.77 -1.45
CA GLU C 226 -73.77 -5.46 -2.22
C GLU C 226 -74.90 -5.95 -1.34
N GLU C 227 -74.57 -6.48 -0.15
CA GLU C 227 -75.59 -7.03 0.72
C GLU C 227 -76.52 -5.94 1.24
N MET C 228 -75.97 -4.76 1.56
CA MET C 228 -76.80 -3.68 2.11
C MET C 228 -77.87 -3.24 1.13
N THR C 229 -77.51 -3.09 -0.15
CA THR C 229 -78.47 -2.62 -1.14
C THR C 229 -79.55 -3.66 -1.42
N ASN C 230 -79.16 -4.93 -1.57
CA ASN C 230 -80.11 -5.97 -1.92
C ASN C 230 -80.91 -6.46 -0.73
N SER C 231 -80.49 -6.16 0.50
CA SER C 231 -81.26 -6.57 1.67
C SER C 231 -82.58 -5.81 1.74
N ALA C 232 -82.57 -4.52 1.42
CA ALA C 232 -83.78 -3.72 1.46
C ALA C 232 -84.82 -4.24 0.47
N LYS C 233 -84.39 -4.60 -0.74
CA LYS C 233 -85.32 -5.15 -1.72
C LYS C 233 -85.91 -6.47 -1.25
N SER C 234 -85.08 -7.35 -0.69
CA SER C 234 -85.58 -8.64 -0.22
C SER C 234 -86.39 -8.49 1.07
N ALA C 235 -85.91 -7.66 2.00
CA ALA C 235 -86.56 -7.44 3.29
C ALA C 235 -86.76 -8.76 4.03
N ASN C 236 -85.77 -9.64 3.95
CA ASN C 236 -85.84 -10.94 4.60
C ASN C 236 -85.48 -10.83 6.07
N GLU C 237 -86.23 -11.54 6.91
CA GLU C 237 -85.98 -11.57 8.35
C GLU C 237 -86.11 -13.00 8.85
N GLU C 238 -85.47 -13.26 9.99
CA GLU C 238 -85.48 -14.57 10.62
C GLU C 238 -86.08 -14.46 12.02
N ALA C 239 -86.62 -15.59 12.50
CA ALA C 239 -87.34 -15.63 13.76
C ALA C 239 -86.44 -16.17 14.87
N PHE C 240 -86.49 -15.51 16.03
CA PHE C 240 -85.78 -15.94 17.23
C PHE C 240 -86.77 -16.00 18.39
N GLU C 241 -86.66 -17.05 19.20
CA GLU C 241 -87.61 -17.31 20.26
C GLU C 241 -87.06 -16.80 21.59
N LEU C 242 -87.82 -15.93 22.25
CA LEU C 242 -87.44 -15.39 23.55
C LEU C 242 -87.77 -16.40 24.64
N PRO C 243 -87.13 -16.27 25.81
CA PRO C 243 -87.45 -17.19 26.93
C PRO C 243 -88.90 -17.13 27.35
N ASP C 244 -89.54 -15.95 27.25
CA ASP C 244 -90.95 -15.82 27.61
C ASP C 244 -91.88 -16.55 26.64
N GLY C 245 -91.37 -16.98 25.49
CA GLY C 245 -92.19 -17.62 24.48
C GLY C 245 -92.52 -16.76 23.28
N ASN C 246 -92.31 -15.45 23.38
CA ASN C 246 -92.54 -14.57 22.24
C ASN C 246 -91.46 -14.78 21.19
N VAL C 247 -91.79 -14.41 19.96
CA VAL C 247 -90.91 -14.59 18.80
C VAL C 247 -90.45 -13.22 18.33
N MET C 248 -89.13 -13.07 18.17
CA MET C 248 -88.53 -11.82 17.73
C MET C 248 -87.95 -11.99 16.34
N MET C 249 -88.06 -10.94 15.52
CA MET C 249 -87.60 -10.97 14.14
C MET C 249 -86.33 -10.15 14.00
N VAL C 250 -85.32 -10.73 13.36
CA VAL C 250 -84.03 -10.08 13.15
C VAL C 250 -83.83 -9.91 11.64
N GLY C 251 -83.49 -8.69 11.23
CA GLY C 251 -83.35 -8.38 9.82
C GLY C 251 -81.93 -8.36 9.31
N ASN C 252 -81.46 -7.19 8.89
CA ASN C 252 -80.12 -7.04 8.32
C ASN C 252 -79.04 -6.86 9.36
N GLN C 253 -79.39 -6.85 10.65
CA GLN C 253 -78.38 -6.72 11.70
C GLN C 253 -77.49 -7.94 11.81
N ARG C 254 -77.84 -9.04 11.14
CA ARG C 254 -77.05 -10.26 11.23
C ARG C 254 -75.64 -10.06 10.69
N PHE C 255 -75.52 -9.40 9.53
CA PHE C 255 -74.23 -9.21 8.89
C PHE C 255 -73.63 -7.84 9.14
N ARG C 256 -74.38 -6.90 9.74
CA ARG C 256 -73.82 -5.59 10.05
C ARG C 256 -72.92 -5.65 11.29
N CYS C 257 -73.26 -6.48 12.27
CA CYS C 257 -72.48 -6.55 13.50
C CYS C 257 -71.05 -7.02 13.28
N PRO C 258 -70.77 -8.13 12.56
CA PRO C 258 -69.38 -8.55 12.42
C PRO C 258 -68.54 -7.62 11.55
N GLU C 259 -69.15 -6.72 10.78
CA GLU C 259 -68.39 -5.82 9.93
C GLU C 259 -67.54 -4.83 10.72
N VAL C 260 -67.83 -4.67 12.01
CA VAL C 260 -67.05 -3.75 12.84
C VAL C 260 -65.60 -4.22 12.94
N LEU C 261 -65.37 -5.53 12.89
CA LEU C 261 -64.01 -6.05 13.01
C LEU C 261 -63.13 -5.58 11.86
N PHE C 262 -63.66 -5.58 10.63
CA PHE C 262 -62.86 -5.17 9.48
C PHE C 262 -62.70 -3.67 9.39
N LYS C 263 -63.74 -2.91 9.74
CA LYS C 263 -63.70 -1.45 9.74
C LYS C 263 -64.17 -0.95 11.10
N PRO C 264 -63.25 -0.76 12.05
CA PRO C 264 -63.64 -0.35 13.41
C PRO C 264 -64.03 1.12 13.54
N SER C 265 -64.20 1.84 12.43
CA SER C 265 -64.62 3.24 12.51
C SER C 265 -66.11 3.37 12.82
N LEU C 266 -66.88 2.29 12.68
CA LEU C 266 -68.32 2.36 12.93
C LEU C 266 -68.63 2.56 14.40
N ILE C 267 -67.68 2.29 15.30
CA ILE C 267 -67.89 2.46 16.73
C ILE C 267 -67.05 3.61 17.28
N GLY C 268 -66.64 4.53 16.41
CA GLY C 268 -65.87 5.68 16.83
C GLY C 268 -64.38 5.45 16.98
N LEU C 269 -63.87 4.29 16.58
CA LEU C 269 -62.45 3.99 16.65
C LEU C 269 -61.85 4.22 15.26
N ASP C 270 -61.49 5.47 14.97
CA ASP C 270 -60.91 5.79 13.68
C ASP C 270 -59.45 5.33 13.60
N GLU C 271 -58.72 5.42 14.71
CA GLU C 271 -57.30 5.07 14.71
C GLU C 271 -57.08 3.56 14.71
N ALA C 272 -58.06 2.78 15.13
CA ALA C 272 -57.90 1.33 15.16
C ALA C 272 -57.73 0.78 13.75
N PRO C 273 -56.77 -0.12 13.52
CA PRO C 273 -56.50 -0.57 12.14
C PRO C 273 -57.46 -1.61 11.62
N GLY C 274 -57.93 -2.51 12.48
CA GLY C 274 -58.74 -3.64 12.06
C GLY C 274 -57.90 -4.87 11.80
N PHE C 275 -58.60 -5.98 11.54
CA PHE C 275 -57.91 -7.27 11.37
C PHE C 275 -56.93 -7.29 10.21
N PRO C 276 -57.32 -6.95 8.97
CA PRO C 276 -56.34 -7.05 7.87
C PRO C 276 -55.13 -6.15 8.03
N GLU C 277 -55.32 -4.94 8.60
CA GLU C 277 -54.20 -4.04 8.78
C GLU C 277 -53.33 -4.44 9.97
N MET C 278 -53.92 -5.03 11.00
CA MET C 278 -53.14 -5.43 12.18
C MET C 278 -52.11 -6.48 11.82
N VAL C 279 -52.48 -7.45 10.98
CA VAL C 279 -51.54 -8.49 10.56
C VAL C 279 -50.44 -7.89 9.69
N TYR C 280 -50.82 -7.02 8.75
CA TYR C 280 -49.84 -6.44 7.83
C TYR C 280 -48.81 -5.61 8.57
N GLN C 281 -49.23 -4.80 9.53
CA GLN C 281 -48.30 -3.94 10.24
C GLN C 281 -47.41 -4.73 11.20
N SER C 282 -47.89 -5.88 11.68
CA SER C 282 -47.09 -6.68 12.60
C SER C 282 -46.00 -7.45 11.87
N ILE C 283 -46.28 -7.90 10.65
CA ILE C 283 -45.30 -8.65 9.87
C ILE C 283 -44.12 -7.74 9.50
N ASN C 284 -44.40 -6.52 9.07
CA ASN C 284 -43.36 -5.60 8.61
C ASN C 284 -42.44 -5.12 9.71
N LYS C 285 -42.77 -5.39 10.97
CA LYS C 285 -41.87 -5.06 12.08
C LYS C 285 -40.79 -6.10 12.31
N CYS C 286 -40.80 -7.18 11.54
CA CYS C 286 -39.85 -8.29 11.68
C CYS C 286 -38.75 -8.16 10.64
N ASP C 287 -37.84 -9.13 10.64
CA ASP C 287 -36.74 -9.15 9.69
C ASP C 287 -37.26 -9.38 8.28
N ILE C 288 -36.55 -8.81 7.31
CA ILE C 288 -37.03 -8.83 5.92
C ILE C 288 -37.04 -10.24 5.37
N ASP C 289 -36.03 -11.04 5.70
CA ASP C 289 -35.93 -12.40 5.17
C ASP C 289 -36.92 -13.37 5.81
N VAL C 290 -37.57 -12.99 6.91
CA VAL C 290 -38.52 -13.87 7.58
C VAL C 290 -39.97 -13.55 7.23
N ARG C 291 -40.23 -12.40 6.60
CA ARG C 291 -41.61 -11.99 6.35
C ARG C 291 -42.32 -12.95 5.41
N ARG C 292 -41.61 -13.49 4.42
CA ARG C 292 -42.25 -14.37 3.44
C ARG C 292 -42.79 -15.63 4.10
N GLU C 293 -42.06 -16.19 5.06
CA GLU C 293 -42.54 -17.39 5.74
C GLU C 293 -43.74 -17.09 6.63
N LEU C 294 -43.79 -15.90 7.23
CA LEU C 294 -44.90 -15.57 8.12
C LEU C 294 -46.21 -15.39 7.36
N TYR C 295 -46.15 -14.93 6.11
CA TYR C 295 -47.37 -14.69 5.35
C TYR C 295 -48.14 -15.98 5.08
N GLY C 296 -47.43 -17.10 4.95
CA GLY C 296 -48.05 -18.36 4.63
C GLY C 296 -48.48 -19.20 5.81
N ASN C 297 -48.40 -18.69 7.03
CA ASN C 297 -48.71 -19.45 8.23
C ASN C 297 -49.57 -18.62 9.19
N ILE C 298 -50.62 -18.00 8.66
CA ILE C 298 -51.54 -17.22 9.49
C ILE C 298 -52.52 -18.18 10.14
N VAL C 299 -52.59 -18.17 11.48
CA VAL C 299 -53.39 -19.10 12.25
C VAL C 299 -54.42 -18.30 13.05
N LEU C 300 -55.68 -18.68 12.92
CA LEU C 300 -56.77 -18.01 13.62
C LEU C 300 -57.04 -18.70 14.97
N SER C 301 -57.44 -17.89 15.95
CA SER C 301 -57.74 -18.41 17.28
C SER C 301 -58.72 -17.47 17.96
N GLY C 302 -59.33 -17.96 19.02
CA GLY C 302 -60.27 -17.18 19.81
C GLY C 302 -61.71 -17.42 19.40
N GLY C 303 -62.62 -17.09 20.32
CA GLY C 303 -64.04 -17.30 20.06
C GLY C 303 -64.63 -16.32 19.08
N SER C 304 -64.03 -15.13 18.96
CA SER C 304 -64.56 -14.12 18.05
C SER C 304 -64.28 -14.43 16.59
N THR C 305 -63.48 -15.44 16.30
CA THR C 305 -63.18 -15.84 14.93
C THR C 305 -64.12 -16.94 14.42
N MET C 306 -65.15 -17.28 15.19
CA MET C 306 -66.05 -18.36 14.83
C MET C 306 -67.17 -17.91 13.89
N PHE C 307 -67.21 -16.64 13.51
CA PHE C 307 -68.23 -16.18 12.59
C PHE C 307 -68.11 -16.89 11.24
N LEU C 308 -69.26 -17.13 10.62
CA LEU C 308 -69.29 -17.83 9.33
C LEU C 308 -68.63 -16.99 8.25
N ASN C 309 -67.89 -17.65 7.37
CA ASN C 309 -67.23 -17.07 6.20
C ASN C 309 -66.15 -16.06 6.58
N LEU C 310 -65.75 -16.00 7.84
CA LEU C 310 -64.69 -15.08 8.23
C LEU C 310 -63.35 -15.39 7.59
N PRO C 311 -62.85 -16.65 7.60
CA PRO C 311 -61.53 -16.89 6.99
C PRO C 311 -61.46 -16.54 5.52
N GLU C 312 -62.53 -16.76 4.76
CA GLU C 312 -62.51 -16.44 3.34
C GLU C 312 -62.37 -14.94 3.11
N ARG C 313 -63.10 -14.14 3.90
CA ARG C 313 -63.00 -12.68 3.76
C ARG C 313 -61.63 -12.17 4.17
N LEU C 314 -61.06 -12.73 5.24
CA LEU C 314 -59.79 -12.22 5.76
C LEU C 314 -58.65 -12.45 4.77
N ALA C 315 -58.66 -13.60 4.08
CA ALA C 315 -57.60 -13.89 3.13
C ALA C 315 -57.59 -12.89 1.99
N LYS C 316 -58.78 -12.52 1.49
CA LYS C 316 -58.86 -11.56 0.39
C LYS C 316 -58.35 -10.19 0.80
N GLU C 317 -58.67 -9.74 2.01
CA GLU C 317 -58.27 -8.41 2.44
C GLU C 317 -56.76 -8.30 2.57
N ILE C 318 -56.10 -9.31 3.15
CA ILE C 318 -54.66 -9.26 3.32
C ILE C 318 -53.94 -9.30 1.97
N SER C 319 -54.49 -10.05 1.02
CA SER C 319 -53.84 -10.18 -0.29
C SER C 319 -53.73 -8.84 -1.01
N ASN C 320 -54.69 -7.95 -0.80
CA ASN C 320 -54.63 -6.63 -1.44
C ASN C 320 -53.45 -5.82 -0.90
N LEU C 321 -53.21 -5.88 0.41
CA LEU C 321 -52.12 -5.11 1.00
C LEU C 321 -50.76 -5.72 0.65
N ALA C 322 -50.68 -7.04 0.58
CA ALA C 322 -49.42 -7.71 0.28
C ALA C 322 -49.01 -7.45 -1.16
N PRO C 323 -47.71 -7.45 -1.45
CA PRO C 323 -47.25 -7.28 -2.83
C PRO C 323 -47.63 -8.47 -3.69
N SER C 324 -47.54 -8.26 -5.01
CA SER C 324 -47.98 -9.26 -5.97
C SER C 324 -47.16 -10.54 -5.92
N SER C 325 -45.98 -10.50 -5.33
CA SER C 325 -45.12 -11.68 -5.25
C SER C 325 -45.37 -12.52 -3.99
N ILE C 326 -46.35 -12.15 -3.18
CA ILE C 326 -46.66 -12.85 -1.94
C ILE C 326 -48.09 -13.36 -2.03
N LYS C 327 -48.28 -14.63 -1.71
CA LYS C 327 -49.61 -15.25 -1.68
C LYS C 327 -49.93 -15.74 -0.27
N PRO C 328 -50.62 -14.95 0.53
CA PRO C 328 -50.91 -15.36 1.91
C PRO C 328 -51.86 -16.56 1.97
N LYS C 329 -51.73 -17.33 3.04
CA LYS C 329 -52.58 -18.48 3.31
C LYS C 329 -53.12 -18.39 4.72
N VAL C 330 -54.40 -18.73 4.89
CA VAL C 330 -55.09 -18.62 6.17
C VAL C 330 -55.48 -20.03 6.62
N VAL C 331 -55.16 -20.35 7.88
CA VAL C 331 -55.45 -21.65 8.46
C VAL C 331 -56.46 -21.44 9.58
N ALA C 332 -57.60 -22.12 9.49
CA ALA C 332 -58.67 -22.00 10.47
C ALA C 332 -59.10 -23.39 10.92
N PRO C 333 -58.45 -23.94 11.96
CA PRO C 333 -58.85 -25.25 12.45
C PRO C 333 -60.25 -25.21 13.03
N PRO C 334 -61.02 -26.30 12.91
CA PRO C 334 -62.38 -26.31 13.46
C PRO C 334 -62.44 -26.09 14.96
N GLU C 335 -61.45 -26.55 15.71
CA GLU C 335 -61.43 -26.44 17.16
C GLU C 335 -60.69 -25.19 17.65
N ARG C 336 -60.68 -24.12 16.86
CA ARG C 336 -59.96 -22.91 17.23
C ARG C 336 -60.59 -22.18 18.40
N LYS C 337 -61.81 -22.55 18.81
CA LYS C 337 -62.46 -21.85 19.91
C LYS C 337 -61.72 -22.06 21.22
N TYR C 338 -61.23 -23.27 21.47
CA TYR C 338 -60.53 -23.62 22.70
C TYR C 338 -59.13 -24.14 22.41
N SER C 339 -58.41 -23.48 21.49
CA SER C 339 -57.07 -23.94 21.13
C SER C 339 -56.12 -23.88 22.31
N VAL C 340 -56.19 -22.81 23.10
CA VAL C 340 -55.25 -22.66 24.22
C VAL C 340 -55.45 -23.76 25.25
N TRP C 341 -56.71 -24.06 25.59
CA TRP C 341 -56.97 -25.07 26.62
C TRP C 341 -56.69 -26.47 26.10
N ILE C 342 -57.08 -26.76 24.85
CA ILE C 342 -56.85 -28.08 24.29
C ILE C 342 -55.36 -28.39 24.21
N GLY C 343 -54.57 -27.42 23.76
CA GLY C 343 -53.13 -27.63 23.68
C GLY C 343 -52.51 -27.90 25.04
N GLY C 344 -52.95 -27.16 26.06
CA GLY C 344 -52.45 -27.41 27.40
C GLY C 344 -52.89 -28.75 27.95
N SER C 345 -54.12 -29.16 27.63
CA SER C 345 -54.62 -30.45 28.10
C SER C 345 -53.82 -31.61 27.49
N ILE C 346 -53.53 -31.53 26.20
CA ILE C 346 -52.77 -32.60 25.55
C ILE C 346 -51.36 -32.68 26.12
N LEU C 347 -50.72 -31.53 26.33
CA LEU C 347 -49.34 -31.51 26.81
C LEU C 347 -49.24 -32.14 28.20
N SER C 348 -50.19 -31.84 29.08
CA SER C 348 -50.14 -32.37 30.44
C SER C 348 -50.43 -33.86 30.50
N SER C 349 -51.06 -34.42 29.47
CA SER C 349 -51.37 -35.84 29.45
C SER C 349 -50.21 -36.70 28.99
N LEU C 350 -49.12 -36.10 28.52
CA LEU C 350 -47.96 -36.87 28.09
C LEU C 350 -47.29 -37.55 29.27
N THR C 351 -46.80 -38.77 29.03
CA THR C 351 -46.15 -39.52 30.09
C THR C 351 -44.80 -38.93 30.47
N THR C 352 -44.08 -38.34 29.51
CA THR C 352 -42.77 -37.78 29.76
C THR C 352 -42.82 -36.37 30.35
N PHE C 353 -44.00 -35.77 30.46
CA PHE C 353 -44.12 -34.41 30.96
C PHE C 353 -43.89 -34.31 32.46
N GLN C 354 -43.80 -35.43 33.16
CA GLN C 354 -43.70 -35.41 34.62
C GLN C 354 -42.41 -34.76 35.11
N THR C 355 -41.41 -34.61 34.25
CA THR C 355 -40.15 -33.98 34.62
C THR C 355 -40.14 -32.49 34.34
N MET C 356 -41.24 -31.92 33.85
CA MET C 356 -41.31 -30.51 33.52
C MET C 356 -42.00 -29.66 34.59
N TRP C 357 -42.65 -30.28 35.56
CA TRP C 357 -43.33 -29.52 36.60
C TRP C 357 -42.33 -28.84 37.52
N VAL C 358 -42.78 -27.79 38.19
CA VAL C 358 -41.98 -27.06 39.17
C VAL C 358 -42.48 -27.47 40.55
N LYS C 359 -41.64 -28.17 41.30
CA LYS C 359 -42.03 -28.67 42.61
C LYS C 359 -42.03 -27.53 43.63
N LYS C 360 -42.83 -27.72 44.69
CA LYS C 360 -42.92 -26.70 45.73
C LYS C 360 -41.63 -26.57 46.52
N SER C 361 -40.88 -27.67 46.66
CA SER C 361 -39.62 -27.61 47.38
C SER C 361 -38.60 -26.72 46.68
N GLU C 362 -38.62 -26.71 45.34
CA GLU C 362 -37.70 -25.85 44.60
C GLU C 362 -37.98 -24.38 44.89
N TYR C 363 -39.26 -24.01 45.00
CA TYR C 363 -39.60 -22.62 45.30
C TYR C 363 -39.09 -22.21 46.68
N ASP C 364 -39.16 -23.13 47.66
CA ASP C 364 -38.72 -22.80 49.00
C ASP C 364 -37.23 -22.52 49.05
N GLU C 365 -36.43 -23.28 48.29
CA GLU C 365 -34.98 -23.15 48.31
C GLU C 365 -34.44 -22.16 47.28
N SER C 366 -35.30 -21.58 46.44
CA SER C 366 -34.86 -20.64 45.42
C SER C 366 -35.66 -19.36 45.35
N GLY C 367 -36.90 -19.34 45.82
CA GLY C 367 -37.72 -18.15 45.76
C GLY C 367 -38.50 -18.03 44.47
N PRO C 368 -39.10 -16.86 44.25
CA PRO C 368 -39.92 -16.66 43.04
C PRO C 368 -39.15 -16.70 41.74
N SER C 369 -37.81 -16.62 41.78
CA SER C 369 -37.02 -16.57 40.56
C SER C 369 -36.99 -17.90 39.81
N ILE C 370 -37.50 -18.97 40.41
CA ILE C 370 -37.42 -20.29 39.77
C ILE C 370 -38.26 -20.33 38.50
N VAL C 371 -39.41 -19.64 38.50
CA VAL C 371 -40.30 -19.69 37.33
C VAL C 371 -39.66 -19.05 36.11
N HIS C 372 -38.88 -17.99 36.30
CA HIS C 372 -38.23 -17.33 35.17
C HIS C 372 -37.25 -18.26 34.47
N ASN C 373 -36.44 -18.99 35.25
CA ASN C 373 -35.45 -19.89 34.65
C ASN C 373 -36.13 -21.08 33.98
N LYS C 374 -37.10 -21.69 34.64
CA LYS C 374 -37.81 -22.84 34.09
C LYS C 374 -38.93 -22.34 33.17
N CYS C 375 -39.81 -23.25 32.78
CA CYS C 375 -40.95 -22.94 31.90
C CYS C 375 -40.51 -22.31 30.59
N ALA D 1 -36.77 -29.98 24.59
CA ALA D 1 -38.17 -29.93 24.20
C ALA D 1 -39.07 -29.82 25.42
N ILE D 2 -40.20 -29.11 25.28
CA ILE D 2 -41.14 -28.96 26.38
C ILE D 2 -41.93 -30.24 26.62
N SER D 3 -42.06 -31.10 25.60
CA SER D 3 -42.79 -32.35 25.80
C SER D 3 -42.02 -33.31 26.69
N GLY D 4 -40.70 -33.24 26.69
CA GLY D 4 -39.89 -34.08 27.53
C GLY D 4 -39.31 -35.32 26.88
N VAL D 5 -39.49 -35.49 25.58
CA VAL D 5 -38.95 -36.66 24.90
C VAL D 5 -37.45 -36.48 24.68
N THR D 6 -36.77 -37.60 24.44
CA THR D 6 -35.33 -37.62 24.21
C THR D 6 -35.05 -38.43 22.95
N LEU D 7 -33.76 -38.56 22.63
CA LEU D 7 -33.32 -39.24 21.42
C LEU D 7 -32.75 -40.62 21.75
N GLU D 8 -33.03 -41.58 20.88
CA GLU D 8 -32.44 -42.91 21.01
C GLU D 8 -30.94 -42.85 20.73
N GLU D 9 -30.20 -43.78 21.33
CA GLU D 9 -28.75 -43.78 21.16
C GLU D 9 -28.34 -44.04 19.72
N SER D 10 -29.15 -44.81 18.97
CA SER D 10 -28.84 -45.11 17.59
C SER D 10 -29.11 -43.93 16.65
N VAL D 11 -29.84 -42.91 17.10
CA VAL D 11 -30.15 -41.78 16.24
C VAL D 11 -28.89 -40.99 15.92
N ARG D 12 -28.03 -40.76 16.91
CA ARG D 12 -26.83 -39.96 16.69
C ARG D 12 -25.88 -40.65 15.71
N GLY D 13 -25.74 -41.97 15.82
CA GLY D 13 -24.86 -42.69 14.92
C GLY D 13 -25.36 -42.68 13.49
N ALA D 14 -26.67 -42.76 13.30
CA ALA D 14 -27.24 -42.77 11.95
C ALA D 14 -27.02 -41.45 11.24
N ILE D 15 -27.09 -40.33 11.97
CA ILE D 15 -26.90 -39.02 11.35
C ILE D 15 -25.47 -38.88 10.83
N ASP D 16 -24.49 -39.36 11.61
CA ASP D 16 -23.10 -39.26 11.17
C ASP D 16 -22.86 -40.05 9.89
N ASP D 17 -23.48 -41.23 9.77
CA ASP D 17 -23.35 -42.02 8.55
C ASP D 17 -23.94 -41.28 7.36
N LEU D 18 -25.06 -40.59 7.56
CA LEU D 18 -25.65 -39.79 6.48
C LEU D 18 -24.72 -38.66 6.06
N ARG D 19 -24.03 -38.05 7.03
CA ARG D 19 -23.12 -36.95 6.70
C ARG D 19 -21.96 -37.44 5.84
N MET D 20 -21.44 -38.62 6.12
CA MET D 20 -20.30 -39.17 5.40
C MET D 20 -20.70 -39.89 4.11
N LYS D 21 -21.88 -39.58 3.57
CA LYS D 21 -22.34 -40.12 2.29
C LYS D 21 -22.40 -41.64 2.30
N LYS D 22 -22.80 -42.21 3.44
CA LYS D 22 -23.02 -43.64 3.54
C LYS D 22 -24.48 -44.04 3.31
N SER D 23 -25.38 -43.08 3.19
CA SER D 23 -26.79 -43.37 2.98
C SER D 23 -27.44 -42.12 2.38
N ARG D 24 -28.66 -42.29 1.88
CA ARG D 24 -29.39 -41.20 1.24
C ARG D 24 -30.26 -40.43 2.23
N TYR D 25 -31.05 -41.14 3.04
CA TYR D 25 -31.95 -40.48 3.98
C TYR D 25 -32.16 -41.37 5.19
N VAL D 26 -32.57 -40.74 6.29
CA VAL D 26 -32.94 -41.45 7.52
C VAL D 26 -34.26 -40.88 8.02
N MET D 27 -35.22 -41.76 8.28
CA MET D 27 -36.53 -41.37 8.76
C MET D 27 -36.64 -41.69 10.24
N MET D 28 -37.13 -40.73 11.03
CA MET D 28 -37.25 -40.86 12.47
C MET D 28 -38.69 -40.64 12.89
N CYS D 29 -39.14 -41.43 13.86
CA CYS D 29 -40.50 -41.33 14.38
C CYS D 29 -40.49 -41.60 15.87
N ILE D 30 -41.54 -41.13 16.54
CA ILE D 30 -41.67 -41.36 17.98
C ILE D 30 -42.08 -42.81 18.22
N GLY D 31 -41.53 -43.40 19.29
CA GLY D 31 -41.77 -44.80 19.57
C GLY D 31 -43.21 -45.10 19.95
N ALA D 32 -43.49 -46.40 20.06
CA ALA D 32 -44.83 -46.84 20.39
C ALA D 32 -45.27 -46.34 21.77
N ASP D 33 -44.37 -46.41 22.74
CA ASP D 33 -44.68 -45.89 24.08
C ASP D 33 -44.65 -44.37 24.13
N GLY D 34 -44.19 -43.70 23.08
CA GLY D 34 -44.17 -42.25 23.05
C GLY D 34 -43.23 -41.61 24.04
N LYS D 35 -42.02 -42.15 24.18
CA LYS D 35 -41.03 -41.58 25.09
C LYS D 35 -39.72 -41.21 24.44
N LYS D 36 -39.38 -41.77 23.28
CA LYS D 36 -38.12 -41.48 22.60
C LYS D 36 -38.34 -41.47 21.10
N ILE D 37 -37.42 -40.81 20.40
CA ILE D 37 -37.41 -40.76 18.94
C ILE D 37 -36.44 -41.82 18.44
N GLU D 38 -36.91 -42.70 17.58
CA GLU D 38 -36.12 -43.84 17.11
C GLU D 38 -36.09 -43.86 15.59
N VAL D 39 -34.98 -44.37 15.05
CA VAL D 39 -34.81 -44.49 13.61
C VAL D 39 -35.75 -45.55 13.07
N THR D 40 -36.37 -45.27 11.92
CA THR D 40 -37.33 -46.16 11.31
C THR D 40 -36.80 -46.79 10.01
N GLU D 41 -36.38 -45.98 9.05
CA GLU D 41 -35.97 -46.48 7.74
C GLU D 41 -34.77 -45.70 7.24
N VAL D 42 -33.84 -46.41 6.61
CA VAL D 42 -32.64 -45.83 6.01
C VAL D 42 -32.57 -46.26 4.56
N GLY D 43 -32.34 -45.31 3.66
CA GLY D 43 -32.30 -45.57 2.23
C GLY D 43 -30.89 -45.44 1.69
N GLU D 44 -30.60 -46.20 0.63
CA GLU D 44 -29.29 -46.17 0.01
C GLU D 44 -29.21 -45.04 -1.02
N ARG D 45 -27.97 -44.71 -1.40
CA ARG D 45 -27.71 -43.56 -2.26
C ARG D 45 -28.27 -43.73 -3.67
N GLY D 46 -28.67 -44.94 -4.07
CA GLY D 46 -29.24 -45.13 -5.39
C GLY D 46 -30.56 -44.40 -5.57
N VAL D 47 -31.38 -44.34 -4.51
CA VAL D 47 -32.68 -43.71 -4.62
C VAL D 47 -32.54 -42.19 -4.71
N ASN D 48 -33.54 -41.55 -5.28
CA ASN D 48 -33.57 -40.11 -5.48
C ASN D 48 -34.71 -39.50 -4.65
N TYR D 49 -34.83 -38.18 -4.73
CA TYR D 49 -35.83 -37.48 -3.92
C TYR D 49 -37.25 -37.79 -4.38
N THR D 50 -37.46 -37.96 -5.68
CA THR D 50 -38.80 -38.18 -6.21
C THR D 50 -39.45 -39.44 -5.66
N ASP D 51 -38.69 -40.52 -5.50
CA ASP D 51 -39.25 -41.75 -4.94
C ASP D 51 -39.63 -41.57 -3.48
N LEU D 52 -38.83 -40.83 -2.71
CA LEU D 52 -39.13 -40.62 -1.30
C LEU D 52 -40.36 -39.76 -1.11
N LYS D 53 -40.61 -38.82 -2.02
CA LYS D 53 -41.77 -37.95 -1.90
C LYS D 53 -43.07 -38.74 -1.89
N GLU D 54 -43.10 -39.90 -2.55
CA GLU D 54 -44.28 -40.74 -2.57
C GLU D 54 -44.43 -41.60 -1.32
N LYS D 55 -43.43 -41.60 -0.44
CA LYS D 55 -43.49 -42.38 0.80
C LYS D 55 -44.13 -41.61 1.95
N PHE D 56 -44.43 -40.32 1.77
CA PHE D 56 -45.08 -39.56 2.82
C PHE D 56 -46.54 -39.98 2.95
N SER D 57 -46.98 -40.22 4.19
CA SER D 57 -48.33 -40.66 4.47
C SER D 57 -49.12 -39.51 5.10
N ALA D 58 -50.36 -39.32 4.61
CA ALA D 58 -51.20 -38.24 5.10
C ALA D 58 -51.74 -38.48 6.50
N GLU D 59 -51.57 -39.68 7.05
CA GLU D 59 -52.08 -40.02 8.37
C GLU D 59 -50.99 -40.19 9.42
N LYS D 60 -49.72 -40.06 9.03
CA LYS D 60 -48.64 -40.31 9.98
C LYS D 60 -47.52 -39.28 9.82
N PRO D 61 -47.36 -38.37 10.76
CA PRO D 61 -46.23 -37.43 10.71
C PRO D 61 -44.91 -38.13 10.98
N CYS D 62 -43.83 -37.55 10.45
CA CYS D 62 -42.50 -38.11 10.63
C CYS D 62 -41.47 -37.03 10.41
N TYR D 63 -40.25 -37.31 10.88
CA TYR D 63 -39.09 -36.45 10.64
C TYR D 63 -38.18 -37.13 9.64
N VAL D 64 -37.81 -36.40 8.59
CA VAL D 64 -37.00 -36.94 7.50
C VAL D 64 -35.77 -36.07 7.34
N ALA D 65 -34.59 -36.70 7.41
CA ALA D 65 -33.33 -36.03 7.11
C ALA D 65 -32.85 -36.52 5.75
N PHE D 66 -32.64 -35.58 4.83
CA PHE D 66 -32.37 -35.93 3.44
C PHE D 66 -31.18 -35.13 2.93
N ASP D 67 -30.47 -35.73 1.96
CA ASP D 67 -29.35 -35.08 1.28
C ASP D 67 -29.85 -34.70 -0.11
N PHE D 68 -30.22 -33.43 -0.28
CA PHE D 68 -30.92 -32.96 -1.47
C PHE D 68 -29.94 -32.36 -2.46
N GLU D 69 -30.05 -32.77 -3.72
CA GLU D 69 -29.27 -32.23 -4.82
C GLU D 69 -30.20 -31.59 -5.83
N TYR D 70 -29.82 -30.41 -6.32
CA TYR D 70 -30.69 -29.64 -7.20
C TYR D 70 -30.09 -29.33 -8.56
N ASN D 71 -28.81 -29.64 -8.80
CA ASN D 71 -28.17 -29.49 -10.11
C ASN D 71 -28.26 -28.04 -10.59
N ASP D 72 -27.60 -27.16 -9.84
CA ASP D 72 -27.61 -25.73 -10.15
C ASP D 72 -26.73 -25.44 -11.37
N ALA D 73 -27.36 -25.39 -12.54
CA ALA D 73 -26.69 -25.01 -13.79
C ALA D 73 -25.47 -25.89 -14.06
N GLY D 74 -25.70 -27.21 -14.08
CA GLY D 74 -24.63 -28.14 -14.38
C GLY D 74 -23.67 -28.40 -13.25
N SER D 75 -24.03 -28.05 -12.02
CA SER D 75 -23.20 -28.29 -10.85
C SER D 75 -23.87 -29.32 -9.95
N LYS D 76 -23.12 -30.36 -9.57
CA LYS D 76 -23.66 -31.43 -8.74
C LYS D 76 -23.62 -31.04 -7.26
N ARG D 77 -24.27 -29.93 -6.95
CA ARG D 77 -24.33 -29.41 -5.59
C ARG D 77 -25.33 -30.21 -4.76
N GLU D 78 -24.99 -30.43 -3.50
CA GLU D 78 -25.86 -31.14 -2.56
C GLU D 78 -25.97 -30.33 -1.27
N LYS D 79 -27.15 -30.42 -0.65
CA LYS D 79 -27.43 -29.71 0.58
C LYS D 79 -28.17 -30.64 1.54
N LEU D 80 -27.78 -30.60 2.82
CA LEU D 80 -28.42 -31.39 3.85
C LEU D 80 -29.61 -30.62 4.41
N ILE D 81 -30.80 -31.22 4.36
CA ILE D 81 -32.02 -30.61 4.83
C ILE D 81 -32.71 -31.55 5.81
N LEU D 82 -33.52 -30.97 6.68
CA LEU D 82 -34.31 -31.72 7.66
C LEU D 82 -35.77 -31.33 7.49
N ILE D 83 -36.59 -32.28 7.04
CA ILE D 83 -37.98 -32.02 6.70
C ILE D 83 -38.85 -32.39 7.89
N GLN D 84 -39.72 -31.47 8.29
CA GLN D 84 -40.72 -31.70 9.32
C GLN D 84 -42.07 -31.84 8.65
N TRP D 85 -42.58 -33.07 8.56
CA TRP D 85 -43.82 -33.39 7.87
C TRP D 85 -44.90 -33.68 8.89
N ILE D 86 -45.81 -32.72 9.07
CA ILE D 86 -46.98 -32.89 9.94
C ILE D 86 -48.23 -32.54 9.15
N PRO D 87 -48.91 -33.51 8.56
CA PRO D 87 -50.11 -33.19 7.78
C PRO D 87 -51.23 -32.67 8.65
N ASP D 88 -52.07 -31.82 8.05
CA ASP D 88 -53.20 -31.23 8.79
C ASP D 88 -54.28 -32.26 9.10
N THR D 89 -54.28 -33.41 8.41
CA THR D 89 -55.29 -34.44 8.62
C THR D 89 -54.94 -35.39 9.76
N ALA D 90 -53.81 -35.19 10.42
CA ALA D 90 -53.41 -36.06 11.51
C ALA D 90 -54.27 -35.80 12.74
N ARG D 91 -54.17 -36.70 13.72
CA ARG D 91 -54.93 -36.57 14.94
C ARG D 91 -54.44 -35.36 15.74
N PRO D 92 -55.32 -34.71 16.50
CA PRO D 92 -54.89 -33.56 17.32
C PRO D 92 -53.81 -33.90 18.32
N ARG D 93 -53.83 -35.11 18.89
CA ARG D 93 -52.78 -35.50 19.82
C ARG D 93 -51.44 -35.68 19.12
N GLU D 94 -51.46 -36.24 17.91
CA GLU D 94 -50.21 -36.45 17.18
C GLU D 94 -49.55 -35.15 16.76
N LYS D 95 -50.36 -34.18 16.30
CA LYS D 95 -49.80 -32.91 15.87
C LYS D 95 -49.15 -32.16 17.02
N MET D 96 -49.79 -32.17 18.20
CA MET D 96 -49.22 -31.51 19.35
C MET D 96 -47.93 -32.18 19.80
N MET D 97 -47.89 -33.52 19.78
CA MET D 97 -46.72 -34.23 20.28
C MET D 97 -45.51 -34.04 19.38
N TYR D 98 -45.70 -34.09 18.07
CA TYR D 98 -44.58 -33.95 17.14
C TYR D 98 -44.06 -32.53 17.09
N SER D 99 -44.95 -31.54 17.14
CA SER D 99 -44.53 -30.15 17.05
C SER D 99 -43.68 -29.74 18.25
N ALA D 100 -44.08 -30.14 19.45
CA ALA D 100 -43.35 -29.79 20.65
C ALA D 100 -42.05 -30.58 20.82
N SER D 101 -41.85 -31.65 20.06
CA SER D 101 -40.66 -32.48 20.16
C SER D 101 -39.61 -32.13 19.12
N ARG D 102 -39.81 -31.07 18.34
CA ARG D 102 -38.85 -30.70 17.30
C ARG D 102 -37.53 -30.22 17.90
N ASP D 103 -37.56 -29.67 19.11
CA ASP D 103 -36.36 -29.12 19.72
C ASP D 103 -35.32 -30.18 20.05
N ALA D 104 -35.74 -31.45 20.18
CA ALA D 104 -34.79 -32.50 20.54
C ALA D 104 -33.73 -32.71 19.46
N LEU D 105 -34.13 -32.62 18.19
CA LEU D 105 -33.19 -32.84 17.10
C LEU D 105 -32.21 -31.69 16.92
N SER D 106 -32.42 -30.56 17.58
CA SER D 106 -31.55 -29.40 17.37
C SER D 106 -30.12 -29.66 17.86
N SER D 107 -29.95 -30.51 18.86
CA SER D 107 -28.63 -30.76 19.41
C SER D 107 -27.78 -31.64 18.51
N VAL D 108 -28.39 -32.38 17.58
CA VAL D 108 -27.65 -33.30 16.73
C VAL D 108 -27.74 -32.94 15.25
N SER D 109 -28.66 -32.06 14.85
CA SER D 109 -28.86 -31.70 13.45
C SER D 109 -28.19 -30.39 13.09
N GLU D 110 -27.02 -30.09 13.66
CA GLU D 110 -26.30 -28.87 13.30
C GLU D 110 -25.85 -28.95 11.86
N GLY D 111 -26.04 -27.85 11.12
CA GLY D 111 -25.72 -27.80 9.71
C GLY D 111 -26.87 -28.14 8.79
N TYR D 112 -27.91 -28.80 9.30
CA TYR D 112 -29.07 -29.14 8.48
C TYR D 112 -30.00 -27.93 8.37
N LEU D 113 -30.54 -27.72 7.17
CA LEU D 113 -31.46 -26.63 6.93
C LEU D 113 -32.88 -27.07 7.32
N PRO D 114 -33.50 -26.44 8.31
CA PRO D 114 -34.86 -26.86 8.71
C PRO D 114 -35.89 -26.39 7.68
N ILE D 115 -36.76 -27.32 7.28
CA ILE D 115 -37.83 -27.04 6.32
C ILE D 115 -39.13 -27.55 6.92
N GLN D 116 -40.15 -26.69 6.95
CA GLN D 116 -41.45 -27.02 7.50
C GLN D 116 -42.46 -27.18 6.38
N ALA D 117 -43.19 -28.31 6.39
CA ALA D 117 -44.19 -28.58 5.38
C ALA D 117 -45.42 -29.19 6.05
N ASN D 118 -46.60 -28.71 5.66
CA ASN D 118 -47.85 -29.20 6.20
C ASN D 118 -48.81 -29.71 5.12
N ASP D 119 -48.42 -29.63 3.86
CA ASP D 119 -49.26 -30.10 2.77
C ASP D 119 -48.38 -30.49 1.60
N GLU D 120 -48.96 -31.21 0.64
CA GLU D 120 -48.20 -31.72 -0.50
C GLU D 120 -47.62 -30.60 -1.36
N SER D 121 -48.23 -29.42 -1.36
CA SER D 121 -47.68 -28.31 -2.12
C SER D 121 -46.38 -27.78 -1.53
N GLY D 122 -46.15 -27.99 -0.24
CA GLY D 122 -44.92 -27.57 0.39
C GLY D 122 -43.73 -28.50 0.18
N LEU D 123 -43.97 -29.66 -0.43
CA LEU D 123 -42.91 -30.62 -0.74
C LEU D 123 -42.38 -30.46 -2.16
N ASP D 124 -42.81 -29.43 -2.88
CA ASP D 124 -42.37 -29.22 -4.24
C ASP D 124 -40.86 -28.97 -4.28
N ALA D 125 -40.22 -29.47 -5.35
CA ALA D 125 -38.78 -29.28 -5.50
C ALA D 125 -38.42 -27.80 -5.64
N GLU D 126 -39.24 -27.05 -6.39
CA GLU D 126 -38.96 -25.62 -6.57
C GLU D 126 -39.02 -24.87 -5.24
N GLU D 127 -39.94 -25.27 -4.36
CA GLU D 127 -40.00 -24.65 -3.03
C GLU D 127 -38.72 -24.91 -2.25
N ILE D 128 -38.20 -26.13 -2.31
CA ILE D 128 -36.98 -26.46 -1.58
C ILE D 128 -35.78 -25.76 -2.20
N ILE D 129 -35.72 -25.73 -3.54
CA ILE D 129 -34.58 -25.11 -4.22
C ILE D 129 -34.51 -23.62 -3.90
N ARG D 130 -35.67 -22.96 -3.82
CA ARG D 130 -35.68 -21.53 -3.49
C ARG D 130 -35.15 -21.27 -2.10
N LYS D 131 -35.49 -22.12 -1.14
CA LYS D 131 -35.10 -21.88 0.25
C LYS D 131 -33.61 -22.13 0.45
N VAL D 132 -33.05 -23.16 -0.19
CA VAL D 132 -31.64 -23.48 0.02
C VAL D 132 -30.74 -22.39 -0.57
N ARG D 133 -31.15 -21.80 -1.69
CA ARG D 133 -30.34 -20.75 -2.31
C ARG D 133 -30.39 -19.45 -1.54
N LEU D 134 -31.43 -19.22 -0.74
CA LEU D 134 -31.56 -17.96 -0.01
C LEU D 134 -30.44 -17.79 1.02
N HIS D 135 -30.08 -18.87 1.72
CA HIS D 135 -29.11 -18.81 2.80
C HIS D 135 -27.67 -18.94 2.33
N ARG D 136 -27.44 -19.16 1.04
CA ARG D 136 -26.10 -19.29 0.49
C ARG D 136 -25.66 -17.94 -0.08
N SER D 137 -24.54 -17.42 0.42
CA SER D 137 -24.02 -16.16 -0.09
C SER D 137 -23.57 -16.30 -1.54
N VAL D 138 -22.91 -17.40 -1.88
CA VAL D 138 -22.45 -17.64 -3.23
C VAL D 138 -23.62 -18.01 -4.14
N SER E 7 -36.38 42.52 10.96
CA SER E 7 -35.40 42.78 9.91
C SER E 7 -35.35 41.62 8.93
N SER E 8 -34.47 40.66 9.20
CA SER E 8 -34.31 39.48 8.37
C SER E 8 -35.09 38.31 8.96
N ILE E 9 -35.17 37.23 8.19
CA ILE E 9 -35.91 36.04 8.56
C ILE E 9 -34.94 34.88 8.72
N VAL E 10 -35.00 34.20 9.86
CA VAL E 10 -34.17 33.03 10.13
C VAL E 10 -35.10 31.83 10.29
N CYS E 11 -34.89 30.82 9.45
CA CYS E 11 -35.74 29.64 9.43
C CYS E 11 -34.89 28.39 9.61
N ASP E 12 -35.31 27.51 10.52
CA ASP E 12 -34.64 26.24 10.78
C ASP E 12 -35.64 25.12 10.51
N ASN E 13 -35.50 24.46 9.37
CA ASN E 13 -36.49 23.47 8.96
C ASN E 13 -36.54 22.29 9.93
N GLY E 14 -35.38 21.79 10.35
CA GLY E 14 -35.37 20.66 11.25
C GLY E 14 -35.90 19.40 10.57
N SER E 15 -36.33 18.46 11.40
CA SER E 15 -36.91 17.21 10.94
C SER E 15 -38.33 16.99 11.43
N GLY E 16 -38.63 17.37 12.66
CA GLY E 16 -39.96 17.22 13.19
C GLY E 16 -40.72 18.53 13.33
N MET E 17 -40.02 19.60 13.73
CA MET E 17 -40.64 20.89 13.97
C MET E 17 -39.86 21.97 13.23
N VAL E 18 -40.55 23.07 12.92
CA VAL E 18 -39.99 24.18 12.17
C VAL E 18 -39.87 25.37 13.11
N LYS E 19 -38.69 25.98 13.16
CA LYS E 19 -38.42 27.17 13.95
C LYS E 19 -38.25 28.36 13.02
N ALA E 20 -38.99 29.43 13.29
CA ALA E 20 -38.94 30.64 12.47
C ALA E 20 -39.01 31.86 13.36
N GLY E 21 -38.51 32.97 12.85
CA GLY E 21 -38.50 34.20 13.60
C GLY E 21 -37.73 35.28 12.86
N PHE E 22 -37.44 36.37 13.59
CA PHE E 22 -36.72 37.50 13.06
C PHE E 22 -35.35 37.62 13.74
N SER E 23 -34.37 38.06 12.96
CA SER E 23 -33.01 38.17 13.47
C SER E 23 -32.93 39.21 14.59
N GLY E 24 -32.11 38.92 15.60
CA GLY E 24 -31.95 39.76 16.74
C GLY E 24 -32.68 39.29 17.99
N ASP E 25 -33.63 38.37 17.84
CA ASP E 25 -34.34 37.83 18.98
C ASP E 25 -33.49 36.81 19.73
N ASP E 26 -33.82 36.59 20.99
CA ASP E 26 -33.12 35.62 21.81
C ASP E 26 -33.72 34.22 21.75
N ALA E 27 -34.88 34.06 21.11
CA ALA E 27 -35.54 32.76 21.02
C ALA E 27 -36.56 32.83 19.90
N PRO E 28 -36.80 31.73 19.19
CA PRO E 28 -37.82 31.74 18.14
C PRO E 28 -39.22 31.92 18.71
N ARG E 29 -40.07 32.57 17.91
CA ARG E 29 -41.44 32.84 18.33
C ARG E 29 -42.46 31.91 17.70
N HIS E 30 -42.10 31.22 16.62
CA HIS E 30 -43.03 30.37 15.89
C HIS E 30 -42.44 28.96 15.80
N VAL E 31 -43.07 28.01 16.48
CA VAL E 31 -42.68 26.60 16.42
C VAL E 31 -43.91 25.78 16.12
N PHE E 32 -43.84 24.97 15.06
CA PHE E 32 -44.96 24.13 14.67
C PHE E 32 -44.43 22.91 13.94
N PRO E 33 -45.09 21.76 14.07
CA PRO E 33 -44.61 20.54 13.39
C PRO E 33 -44.69 20.67 11.88
N SER E 34 -43.79 19.97 11.20
CA SER E 34 -43.72 19.99 9.74
C SER E 34 -44.40 18.73 9.20
N ILE E 35 -45.72 18.79 9.12
CA ILE E 35 -46.53 17.69 8.61
C ILE E 35 -47.52 18.23 7.60
N VAL E 36 -47.95 17.36 6.69
CA VAL E 36 -48.94 17.69 5.67
C VAL E 36 -50.06 16.64 5.75
N GLY E 37 -51.29 17.11 5.83
CA GLY E 37 -52.45 16.23 5.98
C GLY E 37 -53.38 16.34 4.80
N ARG E 38 -53.97 15.21 4.42
CA ARG E 38 -54.95 15.13 3.35
C ARG E 38 -56.13 14.29 3.82
N PRO E 39 -57.33 14.52 3.26
CA PRO E 39 -58.51 13.76 3.71
C PRO E 39 -58.34 12.27 3.48
N LYS E 40 -58.90 11.49 4.39
CA LYS E 40 -58.78 10.04 4.37
C LYS E 40 -59.35 9.45 3.08
N LYS E 51 -60.93 22.51 2.49
CA LYS E 51 -59.49 22.58 2.27
C LYS E 51 -58.97 21.25 1.71
N THR E 52 -58.33 21.32 0.56
CA THR E 52 -57.76 20.11 -0.05
C THR E 52 -56.65 19.53 0.81
N VAL E 53 -55.78 20.39 1.35
CA VAL E 53 -54.65 19.95 2.16
C VAL E 53 -54.61 20.78 3.43
N TYR E 54 -53.98 20.20 4.46
CA TYR E 54 -53.80 20.87 5.75
C TYR E 54 -52.33 20.80 6.14
N VAL E 55 -51.78 21.91 6.60
CA VAL E 55 -50.36 22.03 6.91
C VAL E 55 -50.22 22.55 8.34
N GLY E 56 -49.32 21.92 9.09
CA GLY E 56 -49.02 22.39 10.44
C GLY E 56 -50.05 21.98 11.48
N ASP E 57 -50.38 22.90 12.38
CA ASP E 57 -51.36 22.61 13.43
C ASP E 57 -52.76 22.42 12.86
N GLU E 58 -53.03 22.89 11.64
CA GLU E 58 -54.33 22.66 11.03
C GLU E 58 -54.59 21.18 10.83
N ALA E 59 -53.57 20.44 10.37
CA ALA E 59 -53.72 18.99 10.23
C ALA E 59 -53.66 18.29 11.58
N GLN E 60 -52.97 18.88 12.55
CA GLN E 60 -52.86 18.27 13.88
C GLN E 60 -54.21 18.22 14.58
N SER E 61 -55.00 19.30 14.46
CA SER E 61 -56.30 19.32 15.12
C SER E 61 -57.25 18.28 14.53
N LYS E 62 -57.23 18.12 13.21
CA LYS E 62 -58.08 17.15 12.53
C LYS E 62 -57.33 15.85 12.23
N ARG E 63 -56.41 15.47 13.10
CA ARG E 63 -55.55 14.31 12.84
C ARG E 63 -56.33 13.00 12.77
N GLY E 64 -57.55 12.97 13.30
CA GLY E 64 -58.31 11.73 13.32
C GLY E 64 -58.70 11.25 11.93
N VAL E 65 -59.08 12.18 11.06
CA VAL E 65 -59.61 11.83 9.74
C VAL E 65 -58.65 12.27 8.62
N LEU E 66 -57.36 12.41 8.92
CA LEU E 66 -56.38 12.82 7.93
C LEU E 66 -55.20 11.86 7.93
N SER E 67 -54.60 11.68 6.75
CA SER E 67 -53.38 10.92 6.59
C SER E 67 -52.19 11.86 6.57
N LEU E 68 -51.19 11.59 7.40
CA LEU E 68 -50.07 12.50 7.60
C LEU E 68 -48.81 11.94 6.94
N LYS E 69 -48.08 12.84 6.26
CA LYS E 69 -46.80 12.52 5.66
C LYS E 69 -45.79 13.58 6.04
N TYR E 70 -44.52 13.19 6.11
CA TYR E 70 -43.46 14.09 6.50
C TYR E 70 -42.66 14.49 5.28
N PRO E 71 -42.76 15.75 4.81
CA PRO E 71 -41.91 16.16 3.69
C PRO E 71 -40.42 16.05 3.98
N ILE E 72 -40.01 16.34 5.22
CA ILE E 72 -38.63 16.20 5.65
C ILE E 72 -38.61 15.28 6.85
N GLU E 73 -38.09 14.07 6.66
CA GLU E 73 -37.83 13.14 7.74
C GLU E 73 -36.42 12.60 7.58
N HIS E 74 -35.79 12.30 8.71
CA HIS E 74 -34.40 11.86 8.80
C HIS E 74 -33.42 12.93 8.35
N GLY E 75 -33.87 14.19 8.22
CA GLY E 75 -33.00 15.30 7.93
C GLY E 75 -32.82 15.64 6.46
N ILE E 76 -33.37 14.85 5.55
CA ILE E 76 -33.19 15.05 4.12
C ILE E 76 -34.56 15.21 3.46
N VAL E 77 -34.69 16.20 2.58
CA VAL E 77 -35.95 16.46 1.90
C VAL E 77 -36.29 15.28 1.00
N THR E 78 -37.53 14.79 1.13
CA THR E 78 -38.00 13.65 0.34
C THR E 78 -38.97 14.03 -0.76
N ASN E 79 -39.77 15.08 -0.57
CA ASN E 79 -40.75 15.51 -1.56
C ASN E 79 -40.76 17.03 -1.60
N TRP E 80 -40.33 17.61 -2.72
CA TRP E 80 -40.28 19.06 -2.84
C TRP E 80 -41.68 19.65 -3.04
N ASP E 81 -42.60 18.87 -3.62
CA ASP E 81 -43.95 19.39 -3.83
C ASP E 81 -44.65 19.68 -2.50
N ASP E 82 -44.52 18.78 -1.53
CA ASP E 82 -45.12 19.02 -0.22
C ASP E 82 -44.26 19.89 0.68
N MET E 83 -42.99 20.08 0.33
CA MET E 83 -42.12 20.95 1.13
C MET E 83 -42.41 22.42 0.86
N GLU E 84 -42.78 22.77 -0.37
CA GLU E 84 -43.09 24.15 -0.69
C GLU E 84 -44.28 24.67 0.11
N LYS E 85 -45.24 23.79 0.43
CA LYS E 85 -46.38 24.19 1.25
C LYS E 85 -45.94 24.56 2.66
N ILE E 86 -44.88 23.92 3.17
CA ILE E 86 -44.39 24.25 4.50
C ILE E 86 -43.87 25.68 4.52
N TRP E 87 -43.09 26.07 3.51
CA TRP E 87 -42.56 27.43 3.45
C TRP E 87 -43.66 28.45 3.19
N HIS E 88 -44.62 28.10 2.32
CA HIS E 88 -45.73 29.02 2.04
C HIS E 88 -46.56 29.26 3.30
N HIS E 89 -46.77 28.22 4.10
CA HIS E 89 -47.50 28.38 5.35
C HIS E 89 -46.75 29.29 6.33
N THR E 90 -45.42 29.17 6.37
CA THR E 90 -44.64 29.96 7.32
C THR E 90 -44.68 31.43 6.98
N PHE E 91 -44.51 31.78 5.70
CA PHE E 91 -44.44 33.19 5.32
C PHE E 91 -45.76 33.90 5.53
N TYR E 92 -46.86 33.31 5.06
CA TYR E 92 -48.15 33.99 5.06
C TYR E 92 -48.94 33.73 6.33
N ASN E 93 -49.17 32.46 6.66
CA ASN E 93 -50.03 32.14 7.80
C ASN E 93 -49.31 32.40 9.13
N GLU E 94 -48.02 32.09 9.20
CA GLU E 94 -47.30 32.15 10.47
C GLU E 94 -46.59 33.49 10.68
N LEU E 95 -45.65 33.82 9.78
CA LEU E 95 -44.92 35.07 9.92
C LEU E 95 -45.74 36.28 9.49
N ARG E 96 -46.63 36.11 8.52
CA ARG E 96 -47.49 37.19 8.01
C ARG E 96 -46.65 38.35 7.47
N VAL E 97 -45.70 38.01 6.60
CA VAL E 97 -44.83 38.98 5.95
C VAL E 97 -44.73 38.66 4.46
N ASN E 98 -44.35 39.67 3.70
CA ASN E 98 -44.14 39.48 2.27
C ASN E 98 -42.77 38.87 2.01
N PRO E 99 -42.67 37.73 1.32
CA PRO E 99 -41.35 37.13 1.09
C PRO E 99 -40.43 37.97 0.22
N GLU E 100 -40.96 38.92 -0.55
CA GLU E 100 -40.17 39.72 -1.47
C GLU E 100 -39.69 41.04 -0.85
N GLN E 101 -39.73 41.16 0.48
CA GLN E 101 -39.28 42.38 1.13
C GLN E 101 -38.34 42.11 2.31
N HIS E 102 -37.83 40.89 2.45
CA HIS E 102 -36.97 40.54 3.58
C HIS E 102 -35.87 39.60 3.11
N ASN E 103 -34.82 39.52 3.93
CA ASN E 103 -33.72 38.59 3.69
C ASN E 103 -33.95 37.31 4.49
N VAL E 104 -33.74 36.17 3.85
CA VAL E 104 -34.04 34.87 4.43
C VAL E 104 -32.74 34.08 4.58
N LEU E 105 -32.52 33.53 5.76
CA LEU E 105 -31.37 32.68 6.05
C LEU E 105 -31.87 31.26 6.32
N LEU E 106 -31.30 30.29 5.60
CA LEU E 106 -31.71 28.90 5.71
C LEU E 106 -30.54 28.05 6.19
N THR E 107 -30.86 26.86 6.70
CA THR E 107 -29.88 25.90 7.16
C THR E 107 -30.13 24.56 6.49
N GLU E 108 -29.06 23.77 6.34
CA GLU E 108 -29.15 22.46 5.72
C GLU E 108 -28.45 21.43 6.59
N ALA E 109 -28.92 20.19 6.49
CA ALA E 109 -28.36 19.09 7.26
C ALA E 109 -26.98 18.70 6.72
N PRO E 110 -26.14 18.08 7.56
CA PRO E 110 -24.84 17.63 7.08
C PRO E 110 -24.97 16.57 6.00
N MET E 111 -23.96 16.51 5.13
CA MET E 111 -23.92 15.56 4.01
C MET E 111 -25.11 15.75 3.08
N ASN E 112 -25.50 17.01 2.86
CA ASN E 112 -26.62 17.32 1.99
C ASN E 112 -26.16 17.33 0.54
N PRO E 113 -26.80 16.55 -0.35
CA PRO E 113 -26.41 16.58 -1.76
C PRO E 113 -26.59 17.95 -2.38
N LYS E 114 -25.71 18.27 -3.32
CA LYS E 114 -25.75 19.58 -3.97
C LYS E 114 -27.03 19.80 -4.79
N GLN E 115 -27.69 18.71 -5.21
CA GLN E 115 -28.93 18.86 -5.96
C GLN E 115 -30.01 19.53 -5.10
N ASN E 116 -30.09 19.14 -3.82
CA ASN E 116 -31.06 19.76 -2.93
C ASN E 116 -30.74 21.24 -2.71
N ARG E 117 -29.45 21.57 -2.56
CA ARG E 117 -29.07 22.97 -2.37
C ARG E 117 -29.41 23.81 -3.59
N GLU E 118 -29.17 23.28 -4.79
CA GLU E 118 -29.50 24.01 -6.01
C GLU E 118 -31.00 24.22 -6.15
N LYS E 119 -31.80 23.21 -5.80
CA LYS E 119 -33.24 23.35 -5.87
C LYS E 119 -33.77 24.26 -4.76
N MET E 120 -33.12 24.26 -3.60
CA MET E 120 -33.58 25.10 -2.49
C MET E 120 -33.48 26.58 -2.84
N THR E 121 -32.38 27.00 -3.47
CA THR E 121 -32.22 28.40 -3.84
C THR E 121 -33.05 28.76 -5.07
N GLN E 122 -33.33 27.79 -5.94
CA GLN E 122 -34.16 28.06 -7.11
C GLN E 122 -35.57 28.44 -6.70
N ILE E 123 -36.12 27.75 -5.71
CA ILE E 123 -37.49 28.01 -5.27
C ILE E 123 -37.60 29.42 -4.67
N MET E 124 -36.64 29.80 -3.83
CA MET E 124 -36.71 31.10 -3.16
C MET E 124 -36.66 32.25 -4.17
N PHE E 125 -35.77 32.16 -5.15
CA PHE E 125 -35.61 33.24 -6.11
C PHE E 125 -36.75 33.30 -7.12
N GLU E 126 -37.22 32.13 -7.58
CA GLU E 126 -38.20 32.11 -8.67
C GLU E 126 -39.64 32.11 -8.18
N THR E 127 -39.94 31.45 -7.06
CA THR E 127 -41.32 31.37 -6.60
C THR E 127 -41.65 32.48 -5.59
N PHE E 128 -40.84 32.60 -4.54
CA PHE E 128 -41.09 33.61 -3.50
C PHE E 128 -40.41 34.95 -3.80
N ASN E 129 -39.56 35.00 -4.82
CA ASN E 129 -38.90 36.24 -5.21
C ASN E 129 -38.14 36.87 -4.05
N VAL E 130 -37.41 36.05 -3.32
CA VAL E 130 -36.63 36.54 -2.18
C VAL E 130 -35.48 37.39 -2.70
N PRO E 131 -35.29 38.61 -2.19
CA PRO E 131 -34.21 39.47 -2.71
C PRO E 131 -32.82 38.97 -2.38
N SER E 132 -32.58 38.56 -1.13
CA SER E 132 -31.28 38.08 -0.69
C SER E 132 -31.45 36.77 0.05
N LEU E 133 -30.53 35.83 -0.22
CA LEU E 133 -30.60 34.49 0.36
C LEU E 133 -29.22 34.08 0.85
N TYR E 134 -29.20 33.28 1.91
CA TYR E 134 -27.96 32.74 2.45
C TYR E 134 -28.26 31.40 3.11
N ILE E 135 -27.37 30.42 2.89
CA ILE E 135 -27.54 29.07 3.40
C ILE E 135 -26.34 28.75 4.30
N GLY E 136 -26.63 28.31 5.53
CA GLY E 136 -25.60 27.95 6.48
C GLY E 136 -25.56 26.46 6.77
N ILE E 137 -24.66 26.09 7.66
CA ILE E 137 -24.47 24.70 8.09
C ILE E 137 -24.86 24.60 9.54
N GLN E 138 -25.73 23.63 9.86
CA GLN E 138 -26.25 23.49 11.21
C GLN E 138 -25.13 23.18 12.21
N ALA E 139 -24.22 22.28 11.85
CA ALA E 139 -23.16 21.90 12.76
C ALA E 139 -22.21 23.07 13.04
N VAL E 140 -21.88 23.84 12.01
CA VAL E 140 -20.95 24.96 12.18
C VAL E 140 -21.56 26.04 13.07
N LEU E 141 -22.83 26.38 12.84
CA LEU E 141 -23.47 27.44 13.62
C LEU E 141 -23.59 27.04 15.09
N SER E 142 -23.89 25.76 15.36
CA SER E 142 -24.00 25.30 16.74
C SER E 142 -22.66 25.35 17.45
N LEU E 143 -21.58 25.04 16.74
CA LEU E 143 -20.26 25.02 17.37
C LEU E 143 -19.76 26.42 17.67
N TYR E 144 -19.98 27.37 16.76
CA TYR E 144 -19.49 28.73 16.96
C TYR E 144 -20.16 29.39 18.15
N SER E 145 -21.47 29.15 18.34
CA SER E 145 -22.19 29.76 19.45
C SER E 145 -21.68 29.29 20.80
N SER E 146 -20.90 28.21 20.85
CA SER E 146 -20.31 27.71 22.08
C SER E 146 -18.91 28.27 22.33
N GLY E 147 -18.47 29.22 21.52
CA GLY E 147 -17.13 29.77 21.66
C GLY E 147 -16.01 28.80 21.37
N ARG E 148 -16.14 28.04 20.29
CA ARG E 148 -15.13 27.05 19.92
C ARG E 148 -14.99 27.01 18.40
N THR E 149 -13.86 26.49 17.95
CA THR E 149 -13.58 26.32 16.53
C THR E 149 -13.31 24.87 16.13
N THR E 150 -12.72 24.07 17.02
CA THR E 150 -12.48 22.66 16.77
C THR E 150 -13.21 21.82 17.81
N GLY E 151 -13.88 20.78 17.34
CA GLY E 151 -14.59 19.89 18.24
C GLY E 151 -15.49 18.94 17.47
N ILE E 152 -16.25 18.16 18.22
CA ILE E 152 -17.21 17.21 17.67
C ILE E 152 -18.59 17.54 18.23
N VAL E 153 -19.57 17.61 17.35
CA VAL E 153 -20.92 18.06 17.69
C VAL E 153 -21.85 16.85 17.66
N LEU E 154 -22.53 16.61 18.78
CA LEU E 154 -23.52 15.55 18.89
C LEU E 154 -24.90 16.18 18.83
N ASP E 155 -25.59 16.01 17.71
CA ASP E 155 -26.91 16.58 17.49
C ASP E 155 -27.95 15.47 17.61
N ALA E 156 -28.92 15.67 18.50
CA ALA E 156 -29.98 14.70 18.74
C ALA E 156 -31.32 15.39 18.53
N GLY E 157 -31.92 15.18 17.36
CA GLY E 157 -33.22 15.77 17.08
C GLY E 157 -34.35 14.85 17.47
N ASP E 158 -35.26 14.58 16.54
CA ASP E 158 -36.32 13.60 16.78
C ASP E 158 -36.38 12.51 15.73
N GLY E 159 -36.12 12.84 14.47
CA GLY E 159 -36.17 11.85 13.41
C GLY E 159 -34.80 11.34 12.99
N VAL E 160 -33.74 11.98 13.46
CA VAL E 160 -32.37 11.65 13.06
C VAL E 160 -31.41 12.23 14.10
N THR E 161 -30.20 11.66 14.15
CA THR E 161 -29.14 12.18 15.00
C THR E 161 -27.83 12.09 14.24
N HIS E 162 -26.93 13.06 14.49
CA HIS E 162 -25.68 13.16 13.76
C HIS E 162 -24.52 13.34 14.73
N THR E 163 -23.32 13.01 14.25
CA THR E 163 -22.07 13.31 14.93
C THR E 163 -21.12 13.91 13.90
N VAL E 164 -20.89 15.22 13.98
CA VAL E 164 -20.10 15.92 12.99
C VAL E 164 -18.83 16.48 13.62
N PRO E 165 -17.67 15.86 13.38
CA PRO E 165 -16.41 16.45 13.87
C PRO E 165 -15.98 17.61 12.99
N ILE E 166 -15.60 18.72 13.64
CA ILE E 166 -15.20 19.93 12.94
C ILE E 166 -13.80 20.30 13.37
N TYR E 167 -12.93 20.57 12.40
CA TYR E 167 -11.54 20.94 12.67
C TYR E 167 -11.22 22.23 11.94
N GLU E 168 -10.89 23.27 12.71
CA GLU E 168 -10.52 24.59 12.18
C GLU E 168 -11.61 25.14 11.26
N GLY E 169 -12.87 24.98 11.65
CA GLY E 169 -13.97 25.53 10.92
C GLY E 169 -14.43 24.74 9.71
N TYR E 170 -13.78 23.61 9.42
CA TYR E 170 -14.16 22.77 8.29
C TYR E 170 -14.49 21.37 8.82
N SER E 171 -15.66 20.88 8.46
CA SER E 171 -16.08 19.54 8.87
C SER E 171 -15.34 18.48 8.06
N LEU E 172 -15.30 17.27 8.62
CA LEU E 172 -14.63 16.15 7.97
C LEU E 172 -15.68 15.25 7.34
N PRO E 173 -15.78 15.19 6.01
CA PRO E 173 -16.88 14.45 5.38
C PRO E 173 -16.86 12.95 5.62
N HIS E 174 -15.74 12.38 6.05
CA HIS E 174 -15.59 10.95 6.15
C HIS E 174 -15.78 10.43 7.57
N ALA E 175 -16.31 11.25 8.48
CA ALA E 175 -16.55 10.82 9.85
C ALA E 175 -17.95 11.24 10.32
N VAL E 176 -18.89 11.34 9.40
CA VAL E 176 -20.27 11.74 9.71
C VAL E 176 -21.12 10.48 9.70
N ARG E 177 -21.95 10.31 10.73
CA ARG E 177 -22.78 9.12 10.88
C ARG E 177 -24.22 9.50 11.18
N ARG E 178 -25.12 8.58 10.87
CA ARG E 178 -26.54 8.72 11.16
C ARG E 178 -27.04 7.43 11.83
N VAL E 179 -28.02 7.58 12.71
CA VAL E 179 -28.60 6.43 13.41
C VAL E 179 -30.08 6.33 13.10
N ASP E 180 -30.71 7.48 12.82
CA ASP E 180 -32.15 7.55 12.56
C ASP E 180 -32.95 7.01 13.74
N MET E 181 -32.47 7.29 14.96
CA MET E 181 -33.15 6.87 16.19
C MET E 181 -33.00 8.00 17.18
N ALA E 182 -34.10 8.70 17.46
CA ALA E 182 -34.06 9.90 18.29
C ALA E 182 -35.39 10.00 19.04
N GLY E 183 -35.69 11.21 19.53
CA GLY E 183 -36.80 11.40 20.45
C GLY E 183 -38.16 10.97 19.94
N ARG E 184 -38.34 10.90 18.61
CA ARG E 184 -39.62 10.44 18.08
C ARG E 184 -39.89 9.00 18.48
N ASP E 185 -38.87 8.14 18.39
CA ASP E 185 -39.05 6.74 18.78
C ASP E 185 -39.20 6.59 20.28
N LEU E 186 -38.68 7.54 21.06
CA LEU E 186 -38.84 7.48 22.51
C LEU E 186 -40.30 7.64 22.91
N THR E 187 -41.03 8.51 22.21
CA THR E 187 -42.45 8.69 22.51
C THR E 187 -43.24 7.40 22.27
N GLU E 188 -42.95 6.72 21.15
CA GLU E 188 -43.65 5.48 20.85
C GLU E 188 -43.32 4.39 21.87
N TYR E 189 -42.05 4.29 22.27
CA TYR E 189 -41.67 3.31 23.27
C TYR E 189 -42.31 3.61 24.62
N LEU E 190 -42.38 4.88 25.00
CA LEU E 190 -43.04 5.25 26.24
C LEU E 190 -44.53 4.94 26.17
N MET E 191 -45.16 5.20 25.03
CA MET E 191 -46.58 4.91 24.88
C MET E 191 -46.87 3.42 24.97
N LYS E 192 -46.01 2.60 24.37
CA LYS E 192 -46.22 1.15 24.42
C LYS E 192 -46.08 0.60 25.83
N ILE E 193 -45.06 1.04 26.56
CA ILE E 193 -44.84 0.53 27.92
C ILE E 193 -45.78 1.14 28.94
N MET E 194 -46.61 2.11 28.54
CA MET E 194 -47.60 2.69 29.44
C MET E 194 -48.86 1.83 29.54
N MET E 195 -49.04 0.87 28.63
CA MET E 195 -50.20 -0.01 28.68
C MET E 195 -50.12 -1.03 29.81
N GLU E 196 -48.93 -1.22 30.40
CA GLU E 196 -48.79 -2.18 31.49
C GLU E 196 -49.64 -1.79 32.70
N THR E 197 -49.86 -0.48 32.89
CA THR E 197 -50.69 0.02 33.97
C THR E 197 -52.14 0.23 33.53
N GLY E 198 -52.60 -0.49 32.52
CA GLY E 198 -53.95 -0.35 32.03
C GLY E 198 -54.09 0.77 31.01
N THR E 199 -55.34 0.98 30.59
CA THR E 199 -55.72 1.99 29.62
C THR E 199 -55.01 1.82 28.29
N THR E 200 -55.17 2.78 27.39
CA THR E 200 -54.54 2.73 26.07
C THR E 200 -54.44 4.15 25.53
N PHE E 201 -53.55 4.31 24.55
CA PHE E 201 -53.29 5.61 23.94
C PHE E 201 -53.19 5.49 22.43
N THR E 202 -54.12 4.75 21.83
CA THR E 202 -54.05 4.52 20.38
C THR E 202 -54.33 5.80 19.60
N THR E 203 -55.36 6.55 20.00
CA THR E 203 -55.77 7.72 19.22
C THR E 203 -54.72 8.83 19.31
N THR E 204 -54.72 9.67 18.27
CA THR E 204 -53.76 10.77 18.20
C THR E 204 -54.01 11.84 19.25
N ALA E 205 -55.22 11.91 19.80
CA ALA E 205 -55.49 12.89 20.85
C ALA E 205 -54.65 12.59 22.10
N GLU E 206 -54.51 11.31 22.45
CA GLU E 206 -53.70 10.94 23.60
C GLU E 206 -52.22 10.83 23.27
N LYS E 207 -51.85 10.82 21.99
CA LYS E 207 -50.44 10.79 21.63
C LYS E 207 -49.74 12.07 22.08
N GLU E 208 -50.40 13.22 21.92
CA GLU E 208 -49.83 14.48 22.38
C GLU E 208 -49.69 14.51 23.90
N ILE E 209 -50.60 13.83 24.61
CA ILE E 209 -50.50 13.77 26.06
C ILE E 209 -49.25 13.02 26.49
N VAL E 210 -48.93 11.92 25.79
CA VAL E 210 -47.74 11.14 26.13
C VAL E 210 -46.48 11.97 25.92
N ARG E 211 -46.47 12.80 24.86
CA ARG E 211 -45.31 13.64 24.60
C ARG E 211 -45.05 14.62 25.74
N ASN E 212 -46.13 15.21 26.29
CA ASN E 212 -45.97 16.13 27.40
C ASN E 212 -45.40 15.45 28.63
N VAL E 213 -45.77 14.19 28.86
CA VAL E 213 -45.21 13.45 30.00
C VAL E 213 -43.71 13.25 29.82
N LYS E 214 -43.27 12.99 28.58
CA LYS E 214 -41.85 12.77 28.33
C LYS E 214 -41.03 14.02 28.63
N GLU E 215 -41.56 15.18 28.29
CA GLU E 215 -40.82 16.43 28.39
C GLU E 215 -40.90 17.07 29.77
N GLN E 216 -41.59 16.45 30.72
CA GLN E 216 -41.76 17.06 32.03
C GLN E 216 -41.33 16.15 33.18
N LEU E 217 -41.51 14.84 33.01
CA LEU E 217 -41.26 13.90 34.10
C LEU E 217 -40.08 12.97 33.86
N CYS E 218 -39.78 12.64 32.61
CA CYS E 218 -38.73 11.68 32.32
C CYS E 218 -37.35 12.24 32.67
N TYR E 219 -36.47 11.36 33.14
CA TYR E 219 -35.10 11.75 33.48
C TYR E 219 -34.21 10.53 33.29
N VAL E 220 -32.91 10.80 33.13
CA VAL E 220 -31.91 9.75 32.93
C VAL E 220 -31.38 9.30 34.27
N ALA E 221 -31.38 7.99 34.51
CA ALA E 221 -30.88 7.42 35.74
C ALA E 221 -29.40 7.11 35.60
N LEU E 222 -28.62 7.46 36.62
CA LEU E 222 -27.17 7.24 36.56
C LEU E 222 -26.84 5.76 36.52
N ASP E 223 -27.52 4.95 37.34
CA ASP E 223 -27.30 3.51 37.39
C ASP E 223 -28.62 2.82 37.05
N PHE E 224 -28.70 2.24 35.85
CA PHE E 224 -29.95 1.66 35.38
C PHE E 224 -30.35 0.45 36.21
N GLU E 225 -29.40 -0.45 36.48
CA GLU E 225 -29.72 -1.68 37.20
C GLU E 225 -30.16 -1.41 38.63
N GLU E 226 -29.49 -0.47 39.30
CA GLU E 226 -29.82 -0.18 40.69
C GLU E 226 -31.22 0.41 40.81
N GLU E 227 -31.59 1.30 39.90
CA GLU E 227 -32.90 1.95 39.98
C GLU E 227 -34.04 0.96 39.77
N MET E 228 -33.86 0.01 38.86
CA MET E 228 -34.92 -0.95 38.56
C MET E 228 -35.27 -1.80 39.79
N THR E 229 -34.24 -2.26 40.51
CA THR E 229 -34.49 -3.13 41.66
C THR E 229 -35.12 -2.36 42.81
N ASN E 230 -34.62 -1.16 43.09
CA ASN E 230 -35.12 -0.39 44.22
C ASN E 230 -36.43 0.33 43.93
N SER E 231 -36.81 0.46 42.67
CA SER E 231 -38.08 1.10 42.34
C SER E 231 -39.26 0.23 42.79
N ALA E 232 -39.14 -1.08 42.64
CA ALA E 232 -40.23 -1.98 43.05
C ALA E 232 -40.47 -1.91 44.55
N LYS E 233 -39.38 -1.87 45.33
CA LYS E 233 -39.53 -1.76 46.78
C LYS E 233 -40.19 -0.45 47.18
N SER E 234 -39.78 0.66 46.55
CA SER E 234 -40.35 1.95 46.88
C SER E 234 -41.76 2.09 46.32
N ALA E 235 -41.97 1.64 45.08
CA ALA E 235 -43.26 1.74 44.40
C ALA E 235 -43.76 3.18 44.36
N ASN E 236 -42.84 4.12 44.14
CA ASN E 236 -43.18 5.53 44.09
C ASN E 236 -43.75 5.90 42.74
N GLU E 237 -44.78 6.75 42.74
CA GLU E 237 -45.41 7.22 41.52
C GLU E 237 -45.70 8.71 41.66
N GLU E 238 -45.82 9.38 40.51
CA GLU E 238 -46.10 10.80 40.46
C GLU E 238 -47.39 11.05 39.69
N ALA E 239 -48.03 12.18 39.98
CA ALA E 239 -49.33 12.50 39.44
C ALA E 239 -49.21 13.46 38.26
N PHE E 240 -49.98 13.17 37.21
CA PHE E 240 -50.06 14.02 36.03
C PHE E 240 -51.52 14.31 35.73
N GLU E 241 -51.82 15.54 35.37
CA GLU E 241 -53.20 15.99 35.18
C GLU E 241 -53.55 15.98 33.71
N LEU E 242 -54.60 15.24 33.36
CA LEU E 242 -55.10 15.18 31.99
C LEU E 242 -55.91 16.41 31.66
N PRO E 243 -56.07 16.72 30.37
CA PRO E 243 -56.92 17.88 30.00
C PRO E 243 -58.36 17.76 30.48
N ASP E 244 -58.91 16.55 30.55
CA ASP E 244 -60.27 16.36 31.04
C ASP E 244 -60.41 16.64 32.53
N GLY E 245 -59.30 16.76 33.25
CA GLY E 245 -59.32 16.97 34.69
C GLY E 245 -58.96 15.76 35.51
N ASN E 246 -58.95 14.57 34.91
CA ASN E 246 -58.55 13.37 35.63
C ASN E 246 -57.05 13.38 35.88
N VAL E 247 -56.63 12.64 36.89
CA VAL E 247 -55.23 12.57 37.32
C VAL E 247 -54.69 11.19 36.99
N MET E 248 -53.54 11.16 36.32
CA MET E 248 -52.89 9.93 35.91
C MET E 248 -51.60 9.75 36.70
N MET E 249 -51.29 8.51 37.05
CA MET E 249 -50.11 8.17 37.85
C MET E 249 -49.07 7.51 36.97
N VAL E 250 -47.83 7.99 37.08
CA VAL E 250 -46.70 7.48 36.29
C VAL E 250 -45.69 6.89 37.27
N GLY E 251 -45.25 5.66 37.01
CA GLY E 251 -44.36 4.97 37.91
C GLY E 251 -42.90 4.98 37.48
N ASN E 252 -42.37 3.80 37.15
CA ASN E 252 -40.97 3.65 36.79
C ASN E 252 -40.70 3.94 35.32
N GLN E 253 -41.72 4.26 34.53
CA GLN E 253 -41.53 4.57 33.13
C GLN E 253 -40.78 5.88 32.92
N ARG E 254 -40.59 6.68 33.98
CA ARG E 254 -39.91 7.96 33.84
C ARG E 254 -38.47 7.78 33.39
N PHE E 255 -37.75 6.84 34.00
CA PHE E 255 -36.35 6.62 33.68
C PHE E 255 -36.11 5.47 32.72
N ARG E 256 -37.12 4.67 32.40
CA ARG E 256 -36.95 3.60 31.43
C ARG E 256 -36.93 4.12 30.01
N CYS E 257 -37.71 5.16 29.72
CA CYS E 257 -37.78 5.69 28.35
C CYS E 257 -36.45 6.26 27.86
N PRO E 258 -35.74 7.11 28.58
CA PRO E 258 -34.48 7.65 28.03
C PRO E 258 -33.37 6.63 27.93
N GLU E 259 -33.50 5.46 28.58
CA GLU E 259 -32.44 4.46 28.51
C GLU E 259 -32.29 3.87 27.12
N VAL E 260 -33.28 4.05 26.24
CA VAL E 260 -33.18 3.52 24.88
C VAL E 260 -32.04 4.18 24.13
N LEU E 261 -31.72 5.43 24.45
CA LEU E 261 -30.64 6.14 23.75
C LEU E 261 -29.30 5.45 23.97
N PHE E 262 -29.03 5.03 25.21
CA PHE E 262 -27.74 4.41 25.50
C PHE E 262 -27.68 2.96 25.00
N LYS E 263 -28.78 2.22 25.10
CA LYS E 263 -28.86 0.84 24.61
C LYS E 263 -30.06 0.72 23.69
N PRO E 264 -29.87 0.94 22.39
CA PRO E 264 -31.00 0.91 21.45
C PRO E 264 -31.50 -0.49 21.11
N SER E 265 -31.04 -1.53 21.82
CA SER E 265 -31.54 -2.88 21.55
C SER E 265 -32.93 -3.10 22.12
N LEU E 266 -33.40 -2.22 23.01
CA LEU E 266 -34.72 -2.38 23.62
C LEU E 266 -35.85 -2.18 22.61
N ILE E 267 -35.57 -1.54 21.48
CA ILE E 267 -36.58 -1.30 20.45
C ILE E 267 -36.30 -2.13 19.20
N GLY E 268 -35.53 -3.20 19.34
CA GLY E 268 -35.23 -4.07 18.21
C GLY E 268 -34.10 -3.63 17.33
N LEU E 269 -33.37 -2.58 17.71
CA LEU E 269 -32.22 -2.09 16.94
C LEU E 269 -30.95 -2.65 17.59
N ASP E 270 -30.59 -3.87 17.20
CA ASP E 270 -29.38 -4.49 17.75
C ASP E 270 -28.13 -3.89 17.14
N GLU E 271 -28.17 -3.56 15.84
CA GLU E 271 -27.00 -3.04 15.15
C GLU E 271 -26.70 -1.59 15.50
N ALA E 272 -27.68 -0.85 15.98
CA ALA E 272 -27.46 0.56 16.31
C ALA E 272 -26.48 0.67 17.47
N PRO E 273 -25.50 1.58 17.38
CA PRO E 273 -24.44 1.63 18.41
C PRO E 273 -24.84 2.35 19.69
N GLY E 274 -25.66 3.38 19.58
CA GLY E 274 -25.99 4.22 20.71
C GLY E 274 -25.08 5.43 20.82
N PHE E 275 -25.40 6.31 21.77
CA PHE E 275 -24.66 7.56 21.91
C PHE E 275 -23.19 7.36 22.25
N PRO E 276 -22.81 6.62 23.29
CA PRO E 276 -21.37 6.52 23.61
C PRO E 276 -20.55 5.86 22.52
N GLU E 277 -21.11 4.87 21.82
CA GLU E 277 -20.38 4.20 20.75
C GLU E 277 -20.32 5.04 19.47
N MET E 278 -21.36 5.84 19.22
CA MET E 278 -21.37 6.65 18.00
C MET E 278 -20.25 7.69 18.02
N VAL E 279 -20.01 8.31 19.18
CA VAL E 279 -18.92 9.28 19.29
C VAL E 279 -17.57 8.59 19.14
N TYR E 280 -17.39 7.44 19.79
CA TYR E 280 -16.11 6.75 19.75
C TYR E 280 -15.75 6.30 18.34
N GLN E 281 -16.72 5.77 17.59
CA GLN E 281 -16.42 5.28 16.25
C GLN E 281 -16.20 6.42 15.27
N SER E 282 -16.79 7.59 15.54
CA SER E 282 -16.61 8.72 14.64
C SER E 282 -15.25 9.37 14.82
N ILE E 283 -14.73 9.40 16.05
CA ILE E 283 -13.43 10.01 16.30
C ILE E 283 -12.32 9.19 15.64
N ASN E 284 -12.40 7.86 15.73
CA ASN E 284 -11.35 6.99 15.21
C ASN E 284 -11.28 6.97 13.70
N LYS E 285 -12.24 7.56 13.00
CA LYS E 285 -12.19 7.69 11.56
C LYS E 285 -11.37 8.88 11.10
N CYS E 286 -10.85 9.68 12.03
CA CYS E 286 -10.08 10.87 11.72
C CYS E 286 -8.59 10.59 11.86
N ASP E 287 -7.78 11.63 11.64
CA ASP E 287 -6.34 11.49 11.74
C ASP E 287 -5.93 11.22 13.17
N ILE E 288 -4.83 10.49 13.34
CA ILE E 288 -4.41 10.04 14.66
C ILE E 288 -4.00 11.21 15.53
N ASP E 289 -3.31 12.19 14.96
CA ASP E 289 -2.83 13.33 15.73
C ASP E 289 -3.93 14.32 16.11
N VAL E 290 -5.11 14.20 15.53
CA VAL E 290 -6.22 15.11 15.83
C VAL E 290 -7.21 14.52 16.82
N ARG E 291 -7.15 13.22 17.09
CA ARG E 291 -8.14 12.58 17.94
C ARG E 291 -8.11 13.12 19.35
N ARG E 292 -6.93 13.43 19.88
CA ARG E 292 -6.82 13.89 21.26
C ARG E 292 -7.55 15.21 21.47
N GLU E 293 -7.46 16.13 20.49
CA GLU E 293 -8.15 17.40 20.62
C GLU E 293 -9.67 17.23 20.53
N LEU E 294 -10.14 16.27 19.75
CA LEU E 294 -11.58 16.08 19.59
C LEU E 294 -12.23 15.53 20.85
N TYR E 295 -11.49 14.72 21.62
CA TYR E 295 -12.07 14.12 22.82
C TYR E 295 -12.44 15.17 23.87
N GLY E 296 -11.70 16.28 23.92
CA GLY E 296 -11.93 17.30 24.91
C GLY E 296 -12.89 18.39 24.52
N ASN E 297 -13.57 18.27 23.38
CA ASN E 297 -14.47 19.31 22.88
C ASN E 297 -15.77 18.71 22.38
N ILE E 298 -16.37 17.83 23.18
CA ILE E 298 -17.66 17.23 22.84
C ILE E 298 -18.76 18.21 23.21
N VAL E 299 -19.58 18.58 22.22
CA VAL E 299 -20.62 19.59 22.39
C VAL E 299 -21.97 18.95 22.11
N LEU E 300 -22.90 19.11 23.05
CA LEU E 300 -24.24 18.56 22.92
C LEU E 300 -25.17 19.56 22.26
N SER E 301 -26.13 19.05 21.49
CA SER E 301 -27.10 19.89 20.82
C SER E 301 -28.36 19.08 20.56
N GLY E 302 -29.44 19.78 20.26
CA GLY E 302 -30.71 19.16 19.94
C GLY E 302 -31.63 19.08 21.15
N GLY E 303 -32.93 18.94 20.87
CA GLY E 303 -33.91 18.88 21.93
C GLY E 303 -33.89 17.58 22.72
N SER E 304 -33.44 16.50 22.09
CA SER E 304 -33.41 15.20 22.76
C SER E 304 -32.32 15.10 23.81
N THR E 305 -31.42 16.07 23.89
CA THR E 305 -30.36 16.08 24.89
C THR E 305 -30.74 16.85 26.15
N MET E 306 -32.00 17.27 26.26
CA MET E 306 -32.45 18.07 27.39
C MET E 306 -32.86 17.23 28.60
N PHE E 307 -32.75 15.91 28.51
CA PHE E 307 -33.09 15.07 29.66
C PHE E 307 -32.16 15.35 30.83
N LEU E 308 -32.72 15.26 32.03
CA LEU E 308 -31.95 15.54 33.24
C LEU E 308 -30.85 14.50 33.43
N ASN E 309 -29.69 14.96 33.89
CA ASN E 309 -28.52 14.14 34.21
C ASN E 309 -27.93 13.43 33.00
N LEU E 310 -28.35 13.80 31.79
CA LEU E 310 -27.78 13.17 30.60
C LEU E 310 -26.29 13.46 30.43
N PRO E 311 -25.80 14.70 30.53
CA PRO E 311 -24.36 14.92 30.32
C PRO E 311 -23.47 14.16 31.29
N GLU E 312 -23.89 14.01 32.54
CA GLU E 312 -23.08 13.28 33.51
C GLU E 312 -22.94 11.81 33.13
N ARG E 313 -24.04 11.20 32.69
CA ARG E 313 -23.99 9.79 32.29
C ARG E 313 -23.16 9.60 31.03
N LEU E 314 -23.27 10.51 30.07
CA LEU E 314 -22.57 10.36 28.80
C LEU E 314 -21.06 10.42 28.98
N ALA E 315 -20.58 11.30 29.86
CA ALA E 315 -19.14 11.42 30.08
C ALA E 315 -18.56 10.14 30.62
N LYS E 316 -19.26 9.49 31.56
CA LYS E 316 -18.77 8.25 32.14
C LYS E 316 -18.68 7.13 31.11
N GLU E 317 -19.69 7.03 30.23
CA GLU E 317 -19.71 5.95 29.25
C GLU E 317 -18.55 6.07 28.26
N ILE E 318 -18.28 7.28 27.78
CA ILE E 318 -17.21 7.46 26.80
C ILE E 318 -15.85 7.19 27.43
N SER E 319 -15.69 7.55 28.71
CA SER E 319 -14.40 7.37 29.37
C SER E 319 -13.99 5.90 29.43
N ASN E 320 -14.96 4.99 29.55
CA ASN E 320 -14.63 3.57 29.57
C ASN E 320 -14.04 3.11 28.24
N LEU E 321 -14.61 3.58 27.13
CA LEU E 321 -14.11 3.18 25.82
C LEU E 321 -12.75 3.81 25.51
N ALA E 322 -12.56 5.05 25.93
CA ALA E 322 -11.32 5.75 25.64
C ALA E 322 -10.16 5.13 26.43
N PRO E 323 -8.94 5.21 25.91
CA PRO E 323 -7.79 4.68 26.65
C PRO E 323 -7.50 5.51 27.89
N SER E 324 -6.68 4.93 28.77
CA SER E 324 -6.42 5.54 30.08
C SER E 324 -5.68 6.86 29.97
N SER E 325 -5.07 7.16 28.83
CA SER E 325 -4.33 8.40 28.65
C SER E 325 -5.19 9.54 28.10
N ILE E 326 -6.48 9.31 27.93
CA ILE E 326 -7.41 10.30 27.38
C ILE E 326 -8.49 10.58 28.42
N LYS E 327 -8.74 11.85 28.68
CA LYS E 327 -9.77 12.28 29.62
C LYS E 327 -10.80 13.12 28.88
N PRO E 328 -11.91 12.53 28.41
CA PRO E 328 -12.90 13.29 27.66
C PRO E 328 -13.61 14.32 28.53
N LYS E 329 -14.07 15.40 27.88
CA LYS E 329 -14.84 16.44 28.53
C LYS E 329 -16.10 16.72 27.73
N VAL E 330 -17.21 16.92 28.44
CA VAL E 330 -18.52 17.12 27.82
C VAL E 330 -18.99 18.53 28.14
N VAL E 331 -19.43 19.25 27.10
CA VAL E 331 -19.91 20.63 27.23
C VAL E 331 -21.39 20.64 26.89
N ALA E 332 -22.22 21.10 27.82
CA ALA E 332 -23.67 21.15 27.66
C ALA E 332 -24.16 22.55 27.98
N PRO E 333 -24.20 23.45 27.00
CA PRO E 333 -24.71 24.80 27.26
C PRO E 333 -26.19 24.75 27.60
N PRO E 334 -26.66 25.65 28.48
CA PRO E 334 -28.08 25.65 28.84
C PRO E 334 -29.02 25.88 27.66
N GLU E 335 -28.60 26.66 26.67
CA GLU E 335 -29.45 26.99 25.52
C GLU E 335 -29.21 26.05 24.35
N ARG E 336 -28.84 24.80 24.60
CA ARG E 336 -28.56 23.86 23.53
C ARG E 336 -29.80 23.43 22.77
N LYS E 337 -31.00 23.75 23.26
CA LYS E 337 -32.21 23.34 22.58
C LYS E 337 -32.35 24.02 21.23
N TYR E 338 -32.00 25.30 21.14
CA TYR E 338 -32.12 26.07 19.91
C TYR E 338 -30.77 26.66 19.50
N SER E 339 -29.71 25.86 19.58
CA SER E 339 -28.38 26.36 19.25
C SER E 339 -28.28 26.77 17.78
N VAL E 340 -28.88 25.99 16.88
CA VAL E 340 -28.78 26.28 15.46
C VAL E 340 -29.45 27.61 15.13
N TRP E 341 -30.65 27.84 15.68
CA TRP E 341 -31.37 29.06 15.37
C TRP E 341 -30.76 30.27 16.05
N ILE E 342 -30.32 30.12 17.30
CA ILE E 342 -29.72 31.24 18.02
C ILE E 342 -28.44 31.69 17.34
N GLY E 343 -27.60 30.74 16.92
CA GLY E 343 -26.38 31.09 16.23
C GLY E 343 -26.64 31.83 14.92
N GLY E 344 -27.64 31.37 14.16
CA GLY E 344 -27.99 32.07 12.93
C GLY E 344 -28.57 33.46 13.19
N SER E 345 -29.35 33.59 14.27
CA SER E 345 -29.92 34.90 14.59
C SER E 345 -28.85 35.91 14.96
N ILE E 346 -27.86 35.49 15.76
CA ILE E 346 -26.79 36.40 16.16
C ILE E 346 -25.96 36.82 14.95
N LEU E 347 -25.65 35.87 14.06
CA LEU E 347 -24.82 36.18 12.91
C LEU E 347 -25.48 37.20 11.99
N SER E 348 -26.79 37.05 11.77
CA SER E 348 -27.50 37.96 10.87
C SER E 348 -27.65 39.36 11.46
N SER E 349 -27.53 39.49 12.78
CA SER E 349 -27.68 40.81 13.41
C SER E 349 -26.39 41.63 13.37
N LEU E 350 -25.29 41.06 12.91
CA LEU E 350 -24.03 41.80 12.84
C LEU E 350 -24.12 42.88 11.77
N THR E 351 -23.49 44.03 12.05
CA THR E 351 -23.52 45.14 11.11
C THR E 351 -22.69 44.85 9.87
N THR E 352 -21.60 44.10 10.01
CA THR E 352 -20.72 43.80 8.89
C THR E 352 -21.19 42.64 8.04
N PHE E 353 -22.27 41.96 8.44
CA PHE E 353 -22.75 40.81 7.69
C PHE E 353 -23.44 41.18 6.39
N GLN E 354 -23.69 42.48 6.16
CA GLN E 354 -24.45 42.89 4.99
C GLN E 354 -23.74 42.58 3.68
N THR E 355 -22.43 42.32 3.72
CA THR E 355 -21.67 41.99 2.52
C THR E 355 -21.61 40.49 2.25
N MET E 356 -22.27 39.67 3.07
CA MET E 356 -22.23 38.22 2.92
C MET E 356 -23.48 37.65 2.24
N TRP E 357 -24.53 38.45 2.06
CA TRP E 357 -25.74 37.95 1.42
C TRP E 357 -25.50 37.72 -0.07
N VAL E 358 -26.33 36.85 -0.65
CA VAL E 358 -26.30 36.56 -2.07
C VAL E 358 -27.47 37.28 -2.71
N LYS E 359 -27.17 38.28 -3.54
CA LYS E 359 -28.21 39.09 -4.16
C LYS E 359 -28.88 38.31 -5.29
N LYS E 360 -30.13 38.71 -5.58
CA LYS E 360 -30.89 38.04 -6.63
C LYS E 360 -30.30 38.32 -8.01
N SER E 361 -29.69 39.50 -8.20
CA SER E 361 -29.09 39.81 -9.49
C SER E 361 -27.91 38.89 -9.80
N GLU E 362 -27.16 38.48 -8.79
CA GLU E 362 -26.05 37.56 -9.01
C GLU E 362 -26.54 36.22 -9.53
N TYR E 363 -27.68 35.74 -9.02
CA TYR E 363 -28.24 34.47 -9.48
C TYR E 363 -28.65 34.57 -10.94
N ASP E 364 -29.20 35.71 -11.37
CA ASP E 364 -29.65 35.87 -12.75
C ASP E 364 -28.47 35.79 -13.72
N GLU E 365 -27.34 36.37 -13.35
CA GLU E 365 -26.18 36.45 -14.24
C GLU E 365 -25.22 35.27 -14.06
N SER E 366 -25.48 34.37 -13.12
CA SER E 366 -24.59 33.23 -12.89
C SER E 366 -25.30 31.89 -12.78
N GLY E 367 -26.58 31.86 -12.43
CA GLY E 367 -27.29 30.61 -12.31
C GLY E 367 -27.20 30.02 -10.92
N PRO E 368 -27.64 28.76 -10.78
CA PRO E 368 -27.63 28.12 -9.44
C PRO E 368 -26.24 27.87 -8.89
N SER E 369 -25.19 27.96 -9.70
CA SER E 369 -23.83 27.66 -9.25
C SER E 369 -23.28 28.70 -8.28
N ILE E 370 -23.96 29.82 -8.10
CA ILE E 370 -23.44 30.89 -7.24
C ILE E 370 -23.39 30.45 -5.79
N VAL E 371 -24.36 29.65 -5.35
CA VAL E 371 -24.41 29.25 -3.94
C VAL E 371 -23.24 28.36 -3.58
N HIS E 372 -22.78 27.51 -4.51
CA HIS E 372 -21.66 26.63 -4.22
C HIS E 372 -20.38 27.42 -3.96
N ASN E 373 -20.13 28.45 -4.77
CA ASN E 373 -18.91 29.24 -4.60
C ASN E 373 -18.98 30.08 -3.33
N LYS E 374 -20.12 30.74 -3.09
CA LYS E 374 -20.29 31.56 -1.90
C LYS E 374 -20.70 30.69 -0.73
N CYS E 375 -21.13 31.32 0.36
CA CYS E 375 -21.57 30.64 1.57
C CYS E 375 -20.50 29.69 2.12
N ALA F 1 -13.43 35.64 6.96
CA ALA F 1 -14.35 35.30 8.04
C ALA F 1 -15.79 35.44 7.59
N ILE F 2 -16.67 34.59 8.12
CA ILE F 2 -18.08 34.67 7.77
C ILE F 2 -18.77 35.83 8.44
N SER F 3 -18.23 36.34 9.55
CA SER F 3 -18.84 37.49 10.22
C SER F 3 -18.67 38.76 9.40
N GLY F 4 -17.60 38.86 8.63
CA GLY F 4 -17.36 40.01 7.79
C GLY F 4 -16.42 41.06 8.35
N VAL F 5 -15.81 40.80 9.50
CA VAL F 5 -14.88 41.78 10.07
C VAL F 5 -13.55 41.74 9.32
N THR F 6 -12.78 42.81 9.47
CA THR F 6 -11.47 42.95 8.83
C THR F 6 -10.45 43.36 9.88
N LEU F 7 -9.21 43.56 9.44
CA LEU F 7 -8.11 43.91 10.32
C LEU F 7 -7.74 45.37 10.18
N GLU F 8 -7.39 45.99 11.30
CA GLU F 8 -6.89 47.36 11.29
C GLU F 8 -5.52 47.40 10.62
N GLU F 9 -5.19 48.55 10.04
CA GLU F 9 -3.91 48.69 9.34
C GLU F 9 -2.72 48.56 10.30
N SER F 10 -2.90 48.97 11.55
CA SER F 10 -1.82 48.87 12.53
C SER F 10 -1.58 47.45 13.02
N VAL F 11 -2.52 46.53 12.78
CA VAL F 11 -2.34 45.16 13.25
C VAL F 11 -1.19 44.47 12.54
N ARG F 12 -1.09 44.65 11.22
CA ARG F 12 -0.04 43.99 10.45
C ARG F 12 1.34 44.46 10.87
N GLY F 13 1.49 45.76 11.12
CA GLY F 13 2.78 46.28 11.54
C GLY F 13 3.20 45.79 12.91
N ALA F 14 2.24 45.64 13.82
CA ALA F 14 2.56 45.19 15.17
C ALA F 14 3.06 43.74 15.17
N ILE F 15 2.50 42.91 14.30
CA ILE F 15 2.92 41.51 14.25
C ILE F 15 4.36 41.39 13.78
N ASP F 16 4.76 42.20 12.80
CA ASP F 16 6.13 42.15 12.31
C ASP F 16 7.11 42.55 13.40
N ASP F 17 6.77 43.55 14.20
CA ASP F 17 7.64 43.95 15.31
C ASP F 17 7.79 42.82 16.32
N LEU F 18 6.71 42.09 16.58
CA LEU F 18 6.79 40.94 17.49
C LEU F 18 7.71 39.86 16.93
N ARG F 19 7.67 39.65 15.61
CA ARG F 19 8.51 38.63 15.00
C ARG F 19 9.98 38.98 15.14
N MET F 20 10.34 40.25 15.00
CA MET F 20 11.73 40.70 15.07
C MET F 20 12.20 40.94 16.50
N LYS F 21 11.52 40.34 17.49
CA LYS F 21 11.93 40.42 18.90
C LYS F 21 11.99 41.86 19.41
N LYS F 22 11.04 42.68 18.95
CA LYS F 22 10.91 44.05 19.44
C LYS F 22 9.90 44.17 20.57
N SER F 23 9.16 43.11 20.86
CA SER F 23 8.15 43.13 21.93
C SER F 23 7.88 41.70 22.36
N ARG F 24 7.19 41.56 23.49
CA ARG F 24 6.88 40.25 24.03
C ARG F 24 5.55 39.71 23.54
N TYR F 25 4.49 40.51 23.60
CA TYR F 25 3.18 40.06 23.19
C TYR F 25 2.36 41.23 22.67
N VAL F 26 1.35 40.92 21.87
CA VAL F 26 0.40 41.90 21.37
C VAL F 26 -1.00 41.35 21.56
N MET F 27 -1.87 42.14 22.18
CA MET F 27 -3.26 41.75 22.44
C MET F 27 -4.18 42.48 21.48
N MET F 28 -5.09 41.74 20.86
CA MET F 28 -6.02 42.28 19.86
C MET F 28 -7.45 42.01 20.29
N CYS F 29 -8.32 43.00 20.07
CA CYS F 29 -9.73 42.88 20.41
C CYS F 29 -10.56 43.58 19.36
N ILE F 30 -11.84 43.21 19.30
CA ILE F 30 -12.76 43.83 18.36
C ILE F 30 -13.11 45.23 18.85
N GLY F 31 -13.25 46.17 17.92
CA GLY F 31 -13.49 47.55 18.28
C GLY F 31 -14.86 47.76 18.90
N ALA F 32 -15.06 48.99 19.38
CA ALA F 32 -16.32 49.34 20.03
C ALA F 32 -17.50 49.22 19.08
N ASP F 33 -17.33 49.69 17.84
CA ASP F 33 -18.39 49.56 16.85
C ASP F 33 -18.51 48.14 16.31
N GLY F 34 -17.58 47.25 16.64
CA GLY F 34 -17.65 45.87 16.20
C GLY F 34 -17.51 45.67 14.71
N LYS F 35 -16.56 46.37 14.08
CA LYS F 35 -16.33 46.24 12.65
C LYS F 35 -14.90 45.86 12.28
N LYS F 36 -13.93 46.08 13.15
CA LYS F 36 -12.54 45.76 12.86
C LYS F 36 -11.84 45.28 14.12
N ILE F 37 -10.74 44.56 13.92
CA ILE F 37 -9.90 44.09 15.01
C ILE F 37 -8.73 45.06 15.17
N GLU F 38 -8.55 45.58 16.38
CA GLU F 38 -7.56 46.61 16.63
C GLU F 38 -6.65 46.20 17.78
N VAL F 39 -5.40 46.65 17.71
CA VAL F 39 -4.42 46.35 18.75
C VAL F 39 -4.80 47.09 20.03
N THR F 40 -4.65 46.39 21.17
CA THR F 40 -5.01 46.95 22.46
C THR F 40 -3.80 47.22 23.34
N GLU F 41 -2.96 46.22 23.58
CA GLU F 41 -1.83 46.35 24.50
C GLU F 41 -0.62 45.62 23.96
N VAL F 42 0.56 46.22 24.12
CA VAL F 42 1.83 45.63 23.71
C VAL F 42 2.75 45.62 24.92
N GLY F 43 3.40 44.49 25.17
CA GLY F 43 4.28 44.31 26.31
C GLY F 43 5.73 44.20 25.89
N GLU F 44 6.62 44.65 26.76
CA GLU F 44 8.04 44.59 26.48
C GLU F 44 8.63 43.24 26.86
N ARG F 45 9.83 42.96 26.35
CA ARG F 45 10.45 41.65 26.49
C ARG F 45 10.82 41.32 27.93
N GLY F 46 10.82 42.30 28.84
CA GLY F 46 11.12 42.01 30.23
C GLY F 46 10.11 41.11 30.89
N VAL F 47 8.83 41.26 30.53
CA VAL F 47 7.78 40.46 31.16
C VAL F 47 7.85 39.02 30.67
N ASN F 48 7.31 38.11 31.47
CA ASN F 48 7.28 36.69 31.19
C ASN F 48 5.84 36.22 31.02
N TYR F 49 5.69 34.92 30.73
CA TYR F 49 4.37 34.38 30.46
C TYR F 49 3.49 34.36 31.71
N THR F 50 4.09 34.12 32.88
CA THR F 50 3.32 33.99 34.11
C THR F 50 2.56 35.27 34.45
N ASP F 51 3.17 36.44 34.24
CA ASP F 51 2.48 37.69 34.52
C ASP F 51 1.31 37.91 33.57
N LEU F 52 1.48 37.54 32.30
CA LEU F 52 0.40 37.73 31.32
C LEU F 52 -0.78 36.81 31.62
N LYS F 53 -0.53 35.62 32.16
CA LYS F 53 -1.61 34.68 32.45
C LYS F 53 -2.61 35.28 33.43
N GLU F 54 -2.16 36.18 34.31
CA GLU F 54 -3.05 36.82 35.26
C GLU F 54 -3.83 37.98 34.66
N LYS F 55 -3.53 38.36 33.43
CA LYS F 55 -4.23 39.46 32.77
C LYS F 55 -5.47 39.00 32.02
N PHE F 56 -5.71 37.69 31.92
CA PHE F 56 -6.90 37.20 31.25
C PHE F 56 -8.13 37.45 32.11
N SER F 57 -9.18 37.99 31.49
CA SER F 57 -10.42 38.31 32.19
C SER F 57 -11.51 37.32 31.81
N ALA F 58 -12.24 36.84 32.81
CA ALA F 58 -13.29 35.85 32.58
C ALA F 58 -14.52 36.44 31.91
N GLU F 59 -14.61 37.76 31.77
CA GLU F 59 -15.76 38.40 31.16
C GLU F 59 -15.46 39.01 29.79
N LYS F 60 -14.23 38.94 29.32
CA LYS F 60 -13.87 39.59 28.06
C LYS F 60 -12.95 38.70 27.23
N PRO F 61 -13.44 38.15 26.13
CA PRO F 61 -12.56 37.38 25.24
C PRO F 61 -11.58 38.29 24.50
N CYS F 62 -10.45 37.71 24.11
CA CYS F 62 -9.43 38.47 23.39
C CYS F 62 -8.53 37.51 22.62
N TYR F 63 -7.80 38.06 21.67
CA TYR F 63 -6.78 37.33 20.92
C TYR F 63 -5.41 37.78 21.38
N VAL F 64 -4.56 36.83 21.74
CA VAL F 64 -3.23 37.12 22.28
C VAL F 64 -2.20 36.41 21.41
N ALA F 65 -1.24 37.16 20.90
CA ALA F 65 -0.08 36.61 20.20
C ALA F 65 1.12 36.72 21.11
N PHE F 66 1.76 35.60 21.40
CA PHE F 66 2.80 35.54 22.41
C PHE F 66 4.01 34.78 21.88
N ASP F 67 5.19 35.14 22.39
CA ASP F 67 6.44 34.47 22.07
C ASP F 67 6.82 33.63 23.29
N PHE F 68 6.52 32.34 23.23
CA PHE F 68 6.60 31.45 24.39
C PHE F 68 7.92 30.70 24.39
N GLU F 69 8.59 30.72 25.54
CA GLU F 69 9.83 29.97 25.76
C GLU F 69 9.60 28.95 26.86
N TYR F 70 10.10 27.73 26.66
CA TYR F 70 9.86 26.63 27.57
C TYR F 70 11.11 26.01 28.18
N ASN F 71 12.30 26.40 27.72
CA ASN F 71 13.57 25.94 28.30
C ASN F 71 13.67 24.41 28.26
N ASP F 72 13.71 23.89 27.03
CA ASP F 72 13.78 22.45 26.83
C ASP F 72 15.16 21.91 27.17
N ALA F 73 15.34 21.43 28.41
CA ALA F 73 16.58 20.79 28.85
C ALA F 73 17.79 21.70 28.65
N GLY F 74 17.71 22.91 29.20
CA GLY F 74 18.82 23.84 29.11
C GLY F 74 18.96 24.54 27.78
N SER F 75 17.93 24.54 26.95
CA SER F 75 17.96 25.21 25.66
C SER F 75 16.96 26.37 25.68
N LYS F 76 17.42 27.56 25.30
CA LYS F 76 16.59 28.76 25.30
C LYS F 76 15.73 28.83 24.04
N ARG F 77 14.95 27.78 23.83
CA ARG F 77 14.07 27.69 22.66
C ARG F 77 12.85 28.57 22.85
N GLU F 78 12.40 29.19 21.76
CA GLU F 78 11.22 30.03 21.76
C GLU F 78 10.31 29.64 20.60
N LYS F 79 9.00 29.76 20.82
CA LYS F 79 8.01 29.42 19.82
C LYS F 79 6.92 30.48 19.80
N LEU F 80 6.51 30.88 18.60
CA LEU F 80 5.45 31.86 18.43
C LEU F 80 4.10 31.15 18.44
N ILE F 81 3.22 31.55 19.34
CA ILE F 81 1.89 30.96 19.48
C ILE F 81 0.85 32.06 19.42
N LEU F 82 -0.37 31.66 19.05
CA LEU F 82 -1.51 32.56 18.98
C LEU F 82 -2.63 31.96 19.83
N ILE F 83 -2.97 32.62 20.93
CA ILE F 83 -3.92 32.11 21.89
C ILE F 83 -5.30 32.70 21.61
N GLN F 84 -6.31 31.84 21.51
CA GLN F 84 -7.70 32.25 21.36
C GLN F 84 -8.39 32.01 22.69
N TRP F 85 -8.67 33.09 23.42
CA TRP F 85 -9.24 33.01 24.76
C TRP F 85 -10.70 33.45 24.69
N ILE F 86 -11.62 32.49 24.77
CA ILE F 86 -13.05 32.77 24.82
C ILE F 86 -13.63 32.04 26.02
N PRO F 87 -13.78 32.70 27.17
CA PRO F 87 -14.33 32.01 28.34
C PRO F 87 -15.78 31.63 28.15
N ASP F 88 -16.18 30.54 28.82
CA ASP F 88 -17.56 30.07 28.73
C ASP F 88 -18.54 31.01 29.42
N THR F 89 -18.06 31.88 30.30
CA THR F 89 -18.92 32.79 31.04
C THR F 89 -19.24 34.07 30.27
N ALA F 90 -18.70 34.23 29.06
CA ALA F 90 -18.95 35.42 28.28
C ALA F 90 -20.39 35.43 27.74
N ARG F 91 -20.80 36.59 27.24
CA ARG F 91 -22.14 36.73 26.70
C ARG F 91 -22.29 35.89 25.42
N PRO F 92 -23.50 35.39 25.15
CA PRO F 92 -23.69 34.59 23.92
C PRO F 92 -23.36 35.35 22.65
N ARG F 93 -23.62 36.66 22.62
CA ARG F 93 -23.28 37.45 21.43
C ARG F 93 -21.78 37.57 21.25
N GLU F 94 -21.04 37.73 22.36
CA GLU F 94 -19.59 37.88 22.27
C GLU F 94 -18.92 36.60 21.81
N LYS F 95 -19.38 35.45 22.31
CA LYS F 95 -18.77 34.19 21.93
C LYS F 95 -18.97 33.90 20.44
N MET F 96 -20.15 34.18 19.91
CA MET F 96 -20.40 33.97 18.50
C MET F 96 -19.56 34.90 17.64
N MET F 97 -19.42 36.15 18.05
CA MET F 97 -18.71 37.14 17.24
C MET F 97 -17.22 36.84 17.17
N TYR F 98 -16.61 36.47 18.30
CA TYR F 98 -15.17 36.21 18.31
C TYR F 98 -14.83 34.91 17.60
N SER F 99 -15.65 33.88 17.77
CA SER F 99 -15.36 32.58 17.16
C SER F 99 -15.39 32.67 15.64
N ALA F 100 -16.38 33.36 15.08
CA ALA F 100 -16.51 33.46 13.63
C ALA F 100 -15.51 34.42 13.01
N SER F 101 -14.82 35.23 13.82
CA SER F 101 -13.85 36.20 13.33
C SER F 101 -12.41 35.69 13.40
N ARG F 102 -12.21 34.44 13.79
CA ARG F 102 -10.85 33.90 13.91
C ARG F 102 -10.16 33.78 12.56
N ASP F 103 -10.93 33.62 11.48
CA ASP F 103 -10.34 33.43 10.16
C ASP F 103 -9.62 34.67 9.66
N ALA F 104 -9.93 35.84 10.20
CA ALA F 104 -9.30 37.07 9.71
C ALA F 104 -7.80 37.08 9.99
N LEU F 105 -7.39 36.57 11.15
CA LEU F 105 -5.98 36.57 11.52
C LEU F 105 -5.15 35.55 10.74
N SER F 106 -5.80 34.65 10.00
CA SER F 106 -5.06 33.60 9.30
C SER F 106 -4.16 34.17 8.21
N SER F 107 -4.54 35.29 7.61
CA SER F 107 -3.76 35.86 6.52
C SER F 107 -2.48 36.53 6.99
N VAL F 108 -2.39 36.88 8.28
CA VAL F 108 -1.23 37.58 8.81
C VAL F 108 -0.48 36.79 9.86
N SER F 109 -1.05 35.72 10.40
CA SER F 109 -0.44 34.95 11.48
C SER F 109 0.22 33.67 10.95
N GLU F 110 0.81 33.72 9.76
CA GLU F 110 1.52 32.56 9.24
C GLU F 110 2.73 32.25 10.11
N GLY F 111 2.91 30.97 10.44
CA GLY F 111 3.98 30.53 11.31
C GLY F 111 3.61 30.44 12.78
N TYR F 112 2.52 31.09 13.19
CA TYR F 112 2.08 31.02 14.57
C TYR F 112 1.30 29.73 14.80
N LEU F 113 1.54 29.11 15.95
CA LEU F 113 0.84 27.88 16.32
C LEU F 113 -0.50 28.23 16.97
N PRO F 114 -1.63 27.87 16.37
CA PRO F 114 -2.93 28.20 16.98
C PRO F 114 -3.22 27.33 18.20
N ILE F 115 -3.61 27.97 19.29
CA ILE F 115 -3.96 27.30 20.53
C ILE F 115 -5.33 27.79 20.98
N GLN F 116 -6.23 26.85 21.27
CA GLN F 116 -7.58 27.17 21.69
C GLN F 116 -7.73 26.87 23.17
N ALA F 117 -8.25 27.84 23.92
CA ALA F 117 -8.47 27.67 25.35
C ALA F 117 -9.80 28.30 25.72
N ASN F 118 -10.58 27.58 26.54
CA ASN F 118 -11.87 28.06 27.01
C ASN F 118 -11.99 28.10 28.53
N ASP F 119 -10.95 27.69 29.25
CA ASP F 119 -10.97 27.70 30.71
C ASP F 119 -9.54 27.83 31.20
N GLU F 120 -9.42 28.16 32.50
CA GLU F 120 -8.10 28.40 33.09
C GLU F 120 -7.22 27.15 33.06
N SER F 121 -7.80 25.96 33.03
CA SER F 121 -6.99 24.75 32.95
C SER F 121 -6.32 24.59 31.60
N GLY F 122 -6.86 25.21 30.55
CA GLY F 122 -6.25 25.15 29.24
C GLY F 122 -5.10 26.11 29.03
N LEU F 123 -4.84 27.00 29.98
CA LEU F 123 -3.74 27.95 29.91
C LEU F 123 -2.50 27.45 30.65
N ASP F 124 -2.52 26.20 31.11
CA ASP F 124 -1.37 25.66 31.82
C ASP F 124 -0.15 25.59 30.93
N ALA F 125 1.02 25.82 31.52
CA ALA F 125 2.27 25.78 30.76
C ALA F 125 2.52 24.39 30.20
N GLU F 126 2.25 23.35 31.00
CA GLU F 126 2.47 21.98 30.53
C GLU F 126 1.60 21.66 29.32
N GLU F 127 0.38 22.18 29.29
CA GLU F 127 -0.48 21.99 28.13
C GLU F 127 0.12 22.61 26.89
N ILE F 128 0.66 23.83 27.02
CA ILE F 128 1.26 24.50 25.87
C ILE F 128 2.55 23.82 25.45
N ILE F 129 3.36 23.39 26.41
CA ILE F 129 4.63 22.74 26.09
C ILE F 129 4.39 21.44 25.34
N ARG F 130 3.35 20.69 25.73
CA ARG F 130 3.06 19.43 25.05
C ARG F 130 2.66 19.67 23.60
N LYS F 131 1.90 20.72 23.33
CA LYS F 131 1.40 20.96 21.98
C LYS F 131 2.51 21.44 21.05
N VAL F 132 3.41 22.28 21.55
CA VAL F 132 4.45 22.83 20.68
C VAL F 132 5.44 21.74 20.28
N ARG F 133 5.72 20.79 21.18
CA ARG F 133 6.65 19.72 20.87
C ARG F 133 6.08 18.70 19.90
N LEU F 134 4.74 18.60 19.81
CA LEU F 134 4.14 17.61 18.93
C LEU F 134 4.43 17.90 17.46
N HIS F 135 4.40 19.16 17.06
CA HIS F 135 4.56 19.55 15.67
C HIS F 135 6.01 19.72 15.26
N ARG F 136 6.97 19.56 16.17
CA ARG F 136 8.39 19.70 15.86
C ARG F 136 8.97 18.31 15.62
N SER F 137 9.55 18.10 14.44
CA SER F 137 10.18 16.82 14.14
C SER F 137 11.39 16.58 15.03
N VAL F 138 12.20 17.61 15.26
CA VAL F 138 13.38 17.49 16.10
C VAL F 138 12.98 17.43 17.57
N SER G 7 25.85 36.56 17.27
CA SER G 7 26.90 37.20 16.50
C SER G 7 26.80 36.84 15.03
N SER G 8 27.46 35.76 14.63
CA SER G 8 27.43 35.28 13.25
C SER G 8 26.42 34.14 13.12
N ILE G 9 26.17 33.75 11.87
CA ILE G 9 25.20 32.73 11.54
C ILE G 9 25.92 31.54 10.93
N VAL G 10 25.67 30.35 11.46
CA VAL G 10 26.25 29.11 10.96
C VAL G 10 25.10 28.24 10.46
N CYS G 11 25.15 27.89 9.17
CA CYS G 11 24.09 27.11 8.53
C CYS G 11 24.68 25.86 7.90
N ASP G 12 24.06 24.72 8.16
CA ASP G 12 24.46 23.44 7.59
C ASP G 12 23.27 22.89 6.80
N ASN G 13 23.34 23.00 5.47
CA ASN G 13 22.20 22.62 4.63
C ASN G 13 21.88 21.14 4.75
N GLY G 14 22.90 20.29 4.73
CA GLY G 14 22.65 18.86 4.80
C GLY G 14 21.92 18.36 3.56
N SER G 15 21.28 17.21 3.73
CA SER G 15 20.49 16.59 2.66
C SER G 15 19.03 16.40 3.03
N GLY G 16 18.74 16.05 4.28
CA GLY G 16 17.38 15.87 4.73
C GLY G 16 16.89 16.97 5.63
N MET G 17 17.75 17.45 6.53
CA MET G 17 17.38 18.45 7.51
C MET G 17 18.40 19.60 7.48
N VAL G 18 17.94 20.77 7.90
CA VAL G 18 18.75 21.99 7.91
C VAL G 18 19.04 22.37 9.36
N LYS G 19 20.31 22.59 9.66
CA LYS G 19 20.76 23.03 10.98
C LYS G 19 21.20 24.48 10.89
N ALA G 20 20.67 25.32 11.78
CA ALA G 20 20.99 26.74 11.80
C ALA G 20 21.11 27.20 13.25
N GLY G 21 21.84 28.29 13.43
CA GLY G 21 22.04 28.83 14.76
C GLY G 21 23.05 29.97 14.73
N PHE G 22 23.49 30.35 15.92
CA PHE G 22 24.45 31.43 16.10
C PHE G 22 25.77 30.88 16.62
N SER G 23 26.86 31.50 16.18
CA SER G 23 28.19 31.04 16.57
C SER G 23 28.41 31.20 18.06
N GLY G 24 29.11 30.23 18.65
CA GLY G 24 29.36 30.21 20.08
C GLY G 24 28.49 29.24 20.86
N ASP G 25 27.40 28.78 20.28
CA ASP G 25 26.53 27.82 20.94
C ASP G 25 27.14 26.42 20.89
N ASP G 26 26.70 25.58 21.81
CA ASP G 26 27.16 24.19 21.88
C ASP G 26 26.30 23.24 21.07
N ALA G 27 25.17 23.69 20.53
CA ALA G 27 24.28 22.85 19.75
C ALA G 27 23.36 23.73 18.95
N PRO G 28 22.94 23.31 17.76
CA PRO G 28 22.00 24.12 16.97
C PRO G 28 20.64 24.20 17.65
N ARG G 29 19.96 25.32 17.43
CA ARG G 29 18.65 25.55 18.02
C ARG G 29 17.50 25.37 17.04
N HIS G 30 17.78 25.39 15.73
CA HIS G 30 16.75 25.30 14.72
C HIS G 30 17.06 24.14 13.78
N VAL G 31 16.23 23.09 13.83
CA VAL G 31 16.35 21.94 12.95
C VAL G 31 15.00 21.69 12.31
N PHE G 32 14.96 21.64 10.98
CA PHE G 32 13.73 21.42 10.25
C PHE G 32 14.05 20.78 8.91
N PRO G 33 13.18 19.91 8.40
CA PRO G 33 13.46 19.25 7.12
C PRO G 33 13.47 20.25 5.98
N SER G 34 14.27 19.91 4.95
CA SER G 34 14.41 20.76 3.76
C SER G 34 13.54 20.19 2.66
N ILE G 35 12.25 20.54 2.71
CA ILE G 35 11.29 20.12 1.72
C ILE G 35 10.46 21.32 1.27
N VAL G 36 9.92 21.23 0.05
CA VAL G 36 9.07 22.26 -0.51
C VAL G 36 7.77 21.60 -0.98
N GLY G 37 6.65 22.14 -0.55
CA GLY G 37 5.33 21.58 -0.86
C GLY G 37 4.50 22.53 -1.69
N ARG G 38 3.73 21.96 -2.62
CA ARG G 38 2.81 22.69 -3.47
C ARG G 38 1.46 21.97 -3.48
N PRO G 39 0.37 22.69 -3.72
CA PRO G 39 -0.96 22.06 -3.71
C PRO G 39 -1.07 20.99 -4.78
N LYS G 40 -1.81 19.93 -4.44
CA LYS G 40 -1.98 18.78 -5.31
C LYS G 40 -2.58 19.16 -6.66
N LYS G 51 -1.60 30.15 0.51
CA LYS G 51 -0.16 30.07 0.28
C LYS G 51 0.11 29.24 -0.97
N THR G 52 0.83 29.85 -1.93
CA THR G 52 1.18 29.14 -3.16
C THR G 52 2.12 27.97 -2.86
N VAL G 53 3.11 28.18 -2.00
CA VAL G 53 4.08 27.15 -1.67
C VAL G 53 4.21 27.06 -0.15
N TYR G 54 4.67 25.89 0.31
CA TYR G 54 4.91 25.65 1.72
C TYR G 54 6.32 25.09 1.89
N VAL G 55 7.04 25.60 2.88
CA VAL G 55 8.44 25.25 3.10
C VAL G 55 8.60 24.81 4.55
N GLY G 56 9.33 23.71 4.76
CA GLY G 56 9.63 23.24 6.08
C GLY G 56 8.50 22.51 6.76
N ASP G 57 8.31 22.77 8.06
CA ASP G 57 7.23 22.13 8.80
C ASP G 57 5.85 22.56 8.33
N GLU G 58 5.75 23.69 7.63
CA GLU G 58 4.46 24.10 7.09
C GLU G 58 3.92 23.09 6.09
N ALA G 59 4.80 22.58 5.22
CA ALA G 59 4.39 21.54 4.28
C ALA G 59 4.24 20.19 4.97
N GLN G 60 4.99 19.97 6.05
CA GLN G 60 4.91 18.70 6.77
C GLN G 60 3.54 18.50 7.40
N SER G 61 2.97 19.56 7.99
CA SER G 61 1.66 19.45 8.63
C SER G 61 0.58 19.13 7.62
N LYS G 62 0.62 19.78 6.45
CA LYS G 62 -0.36 19.56 5.38
C LYS G 62 0.15 18.57 4.34
N ARG G 63 0.93 17.57 4.76
CA ARG G 63 1.57 16.66 3.83
C ARG G 63 0.56 15.80 3.07
N GLY G 64 -0.67 15.69 3.57
CA GLY G 64 -1.66 14.84 2.92
C GLY G 64 -2.07 15.34 1.54
N VAL G 65 -2.20 16.66 1.38
CA VAL G 65 -2.72 17.24 0.16
C VAL G 65 -1.64 18.05 -0.57
N LEU G 66 -0.36 17.75 -0.34
CA LEU G 66 0.73 18.48 -0.97
C LEU G 66 1.70 17.49 -1.61
N SER G 67 2.31 17.92 -2.71
CA SER G 67 3.37 17.17 -3.37
C SER G 67 4.72 17.73 -2.92
N LEU G 68 5.60 16.85 -2.48
CA LEU G 68 6.87 17.24 -1.87
C LEU G 68 8.03 16.95 -2.81
N LYS G 69 8.94 17.91 -2.90
CA LYS G 69 10.18 17.77 -3.65
C LYS G 69 11.35 18.21 -2.81
N TYR G 70 12.52 17.61 -3.06
CA TYR G 70 13.71 17.90 -2.29
C TYR G 70 14.64 18.79 -3.10
N PRO G 71 14.80 20.07 -2.76
CA PRO G 71 15.77 20.89 -3.49
C PRO G 71 17.19 20.35 -3.42
N ILE G 72 17.58 19.80 -2.27
CA ILE G 72 18.89 19.18 -2.10
C ILE G 72 18.67 17.74 -1.66
N GLU G 73 18.96 16.81 -2.56
CA GLU G 73 18.97 15.39 -2.23
C GLU G 73 20.27 14.80 -2.76
N HIS G 74 20.77 13.79 -2.06
CA HIS G 74 22.04 13.12 -2.34
C HIS G 74 23.23 14.07 -2.16
N GLY G 75 23.03 15.21 -1.50
CA GLY G 75 24.12 16.10 -1.16
C GLY G 75 24.44 17.19 -2.17
N ILE G 76 23.79 17.19 -3.32
CA ILE G 76 24.07 18.15 -4.38
C ILE G 76 22.80 18.90 -4.74
N VAL G 77 22.92 20.22 -4.86
CA VAL G 77 21.76 21.06 -5.18
C VAL G 77 21.25 20.70 -6.58
N THR G 78 19.94 20.48 -6.67
CA THR G 78 19.30 20.12 -7.93
C THR G 78 18.48 21.24 -8.55
N ASN G 79 17.89 22.11 -7.73
CA ASN G 79 17.06 23.20 -8.22
C ASN G 79 17.34 24.43 -7.37
N TRP G 80 17.94 25.46 -7.98
CA TRP G 80 18.25 26.68 -7.24
C TRP G 80 17.02 27.52 -6.96
N ASP G 81 15.99 27.41 -7.82
CA ASP G 81 14.78 28.18 -7.60
C ASP G 81 14.08 27.79 -6.31
N ASP G 82 13.99 26.49 -6.04
CA ASP G 82 13.38 26.02 -4.81
C ASP G 82 14.34 26.03 -3.62
N MET G 83 15.64 26.15 -3.88
CA MET G 83 16.61 26.21 -2.79
C MET G 83 16.63 27.59 -2.14
N GLU G 84 16.39 28.65 -2.91
CA GLU G 84 16.37 30.00 -2.35
C GLU G 84 15.26 30.16 -1.32
N LYS G 85 14.14 29.46 -1.51
CA LYS G 85 13.06 29.51 -0.53
C LYS G 85 13.48 28.89 0.80
N ILE G 86 14.37 27.90 0.77
CA ILE G 86 14.84 27.30 2.02
C ILE G 86 15.63 28.32 2.83
N TRP G 87 16.52 29.08 2.16
CA TRP G 87 17.30 30.09 2.87
C TRP G 87 16.43 31.26 3.32
N HIS G 88 15.47 31.66 2.49
CA HIS G 88 14.58 32.75 2.86
C HIS G 88 13.74 32.37 4.08
N HIS G 89 13.29 31.12 4.15
CA HIS G 89 12.54 30.66 5.31
C HIS G 89 13.39 30.69 6.56
N THR G 90 14.67 30.31 6.45
CA THR G 90 15.54 30.23 7.61
C THR G 90 15.81 31.62 8.21
N PHE G 91 16.10 32.60 7.35
CA PHE G 91 16.46 33.92 7.84
C PHE G 91 15.30 34.62 8.52
N TYR G 92 14.13 34.62 7.88
CA TYR G 92 12.99 35.40 8.35
C TYR G 92 12.10 34.60 9.29
N ASN G 93 11.61 33.45 8.84
CA ASN G 93 10.66 32.69 9.65
C ASN G 93 11.33 32.01 10.83
N GLU G 94 12.55 31.47 10.62
CA GLU G 94 13.19 30.66 11.63
C GLU G 94 14.13 31.46 12.52
N LEU G 95 15.16 32.07 11.93
CA LEU G 95 16.11 32.85 12.71
C LEU G 95 15.56 34.20 13.12
N ARG G 96 14.70 34.80 12.29
CA ARG G 96 14.10 36.11 12.56
C ARG G 96 15.17 37.19 12.72
N VAL G 97 16.08 37.25 11.76
CA VAL G 97 17.16 38.24 11.74
C VAL G 97 17.26 38.82 10.34
N ASN G 98 17.87 40.00 10.26
CA ASN G 98 18.11 40.64 8.98
C ASN G 98 19.36 40.04 8.33
N PRO G 99 19.28 39.53 7.11
CA PRO G 99 20.46 38.93 6.47
C PRO G 99 21.57 39.93 6.19
N GLU G 100 21.27 41.23 6.14
CA GLU G 100 22.25 42.24 5.81
C GLU G 100 22.94 42.84 7.04
N GLN G 101 22.85 42.18 8.18
CA GLN G 101 23.50 42.68 9.40
C GLN G 101 24.30 41.62 10.13
N HIS G 102 24.57 40.47 9.51
CA HIS G 102 25.28 39.39 10.16
C HIS G 102 26.20 38.70 9.17
N ASN G 103 27.17 37.96 9.70
CA ASN G 103 28.09 37.16 8.90
C ASN G 103 27.57 35.73 8.83
N VAL G 104 27.59 35.16 7.63
CA VAL G 104 27.02 33.83 7.38
C VAL G 104 28.14 32.89 6.95
N LEU G 105 28.19 31.72 7.58
CA LEU G 105 29.14 30.68 7.24
C LEU G 105 28.36 29.48 6.68
N LEU G 106 28.77 29.02 5.49
CA LEU G 106 28.10 27.93 4.81
C LEU G 106 29.05 26.77 4.61
N THR G 107 28.49 25.59 4.37
CA THR G 107 29.25 24.38 4.12
C THR G 107 28.78 23.74 2.82
N GLU G 108 29.68 23.01 2.17
CA GLU G 108 29.38 22.35 0.92
C GLU G 108 29.82 20.90 0.97
N ALA G 109 29.13 20.05 0.21
CA ALA G 109 29.43 18.64 0.17
C ALA G 109 30.74 18.38 -0.58
N PRO G 110 31.38 17.24 -0.32
CA PRO G 110 32.61 16.92 -1.07
C PRO G 110 32.33 16.73 -2.55
N MET G 111 33.35 17.00 -3.36
CA MET G 111 33.28 16.90 -4.82
C MET G 111 32.19 17.81 -5.38
N ASN G 112 32.06 19.00 -4.81
CA ASN G 112 31.06 19.96 -5.26
C ASN G 112 31.59 20.72 -6.47
N PRO G 113 30.87 20.73 -7.59
CA PRO G 113 31.33 21.49 -8.76
C PRO G 113 31.45 22.98 -8.45
N LYS G 114 32.42 23.63 -9.10
CA LYS G 114 32.66 25.05 -8.87
C LYS G 114 31.49 25.93 -9.32
N GLN G 115 30.66 25.43 -10.24
CA GLN G 115 29.51 26.22 -10.67
C GLN G 115 28.54 26.44 -9.52
N ASN G 116 28.31 25.41 -8.70
CA ASN G 116 27.44 25.58 -7.54
C ASN G 116 28.02 26.57 -6.54
N ARG G 117 29.34 26.50 -6.31
CA ARG G 117 29.98 27.42 -5.38
C ARG G 117 29.86 28.86 -5.86
N GLU G 118 30.07 29.09 -7.16
CA GLU G 118 29.94 30.45 -7.70
C GLU G 118 28.52 30.96 -7.59
N LYS G 119 27.53 30.11 -7.84
CA LYS G 119 26.14 30.54 -7.71
C LYS G 119 25.74 30.70 -6.26
N MET G 120 26.32 29.92 -5.35
CA MET G 120 25.97 30.02 -3.93
C MET G 120 26.37 31.38 -3.37
N THR G 121 27.56 31.86 -3.71
CA THR G 121 28.00 33.17 -3.22
C THR G 121 27.32 34.32 -3.95
N GLN G 122 26.91 34.10 -5.20
CA GLN G 122 26.21 35.15 -5.93
C GLN G 122 24.87 35.47 -5.29
N ILE G 123 24.15 34.45 -4.84
CA ILE G 123 22.84 34.67 -4.23
C ILE G 123 22.97 35.45 -2.93
N MET G 124 23.94 35.09 -2.09
CA MET G 124 24.07 35.75 -0.79
C MET G 124 24.41 37.23 -0.95
N PHE G 125 25.31 37.57 -1.87
CA PHE G 125 25.73 38.96 -2.03
C PHE G 125 24.66 39.79 -2.74
N GLU G 126 24.01 39.23 -3.75
CA GLU G 126 23.10 40.02 -4.59
C GLU G 126 21.66 40.01 -4.08
N THR G 127 21.18 38.89 -3.55
CA THR G 127 19.80 38.81 -3.11
C THR G 127 19.63 39.16 -1.64
N PHE G 128 20.39 38.51 -0.75
CA PHE G 128 20.29 38.75 0.68
C PHE G 128 21.22 39.86 1.16
N ASN G 129 22.12 40.34 0.31
CA ASN G 129 23.03 41.43 0.66
C ASN G 129 23.83 41.12 1.92
N VAL G 130 24.35 39.89 1.99
CA VAL G 130 25.15 39.48 3.14
C VAL G 130 26.47 40.25 3.14
N PRO G 131 26.87 40.88 4.24
CA PRO G 131 28.10 41.67 4.24
C PRO G 131 29.36 40.81 4.12
N SER G 132 29.45 39.73 4.88
CA SER G 132 30.60 38.85 4.87
C SER G 132 30.15 37.41 4.72
N LEU G 133 30.89 36.65 3.90
CA LEU G 133 30.54 35.27 3.62
C LEU G 133 31.78 34.40 3.68
N TYR G 134 31.59 33.14 4.07
CA TYR G 134 32.67 32.17 4.12
C TYR G 134 32.10 30.78 3.89
N ILE G 135 32.79 29.98 3.09
CA ILE G 135 32.34 28.63 2.74
C ILE G 135 33.41 27.64 3.20
N GLY G 136 32.98 26.63 3.96
CA GLY G 136 33.87 25.60 4.46
C GLY G 136 33.60 24.24 3.82
N ILE G 137 34.37 23.26 4.28
CA ILE G 137 34.27 21.89 3.81
C ILE G 137 33.78 21.03 4.97
N GLN G 138 32.74 20.23 4.72
CA GLN G 138 32.13 19.44 5.78
C GLN G 138 33.11 18.41 6.33
N ALA G 139 33.85 17.74 5.45
CA ALA G 139 34.78 16.70 5.91
C ALA G 139 35.91 17.29 6.74
N VAL G 140 36.43 18.46 6.33
CA VAL G 140 37.55 19.05 7.05
C VAL G 140 37.12 19.52 8.43
N LEU G 141 35.95 20.16 8.54
CA LEU G 141 35.48 20.66 9.83
C LEU G 141 35.21 19.52 10.80
N SER G 142 34.66 18.41 10.30
CA SER G 142 34.39 17.26 11.16
C SER G 142 35.68 16.63 11.67
N LEU G 143 36.71 16.60 10.85
CA LEU G 143 37.97 15.97 11.25
C LEU G 143 38.71 16.81 12.28
N TYR G 144 38.73 18.14 12.10
CA TYR G 144 39.45 19.01 13.01
C TYR G 144 38.86 18.98 14.41
N SER G 145 37.53 18.90 14.51
CA SER G 145 36.88 18.88 15.82
C SER G 145 37.22 17.64 16.61
N SER G 146 37.76 16.61 15.97
CA SER G 146 38.19 15.38 16.64
C SER G 146 39.65 15.43 17.07
N GLY G 147 40.31 16.57 16.92
CA GLY G 147 41.72 16.68 17.28
C GLY G 147 42.64 15.87 16.39
N ARG G 148 42.43 15.91 15.08
CA ARG G 148 43.25 15.16 14.14
C ARG G 148 43.46 15.98 12.87
N THR G 149 44.50 15.62 12.14
CA THR G 149 44.81 16.25 10.85
C THR G 149 44.82 15.29 9.69
N THR G 150 45.19 14.03 9.90
CA THR G 150 45.18 13.01 8.87
C THR G 150 44.24 11.88 9.27
N GLY G 151 43.42 11.43 8.33
CA GLY G 151 42.50 10.35 8.60
C GLY G 151 41.48 10.20 7.50
N ILE G 152 40.54 9.29 7.71
CA ILE G 152 39.45 9.03 6.78
C ILE G 152 38.13 9.23 7.51
N VAL G 153 37.23 9.99 6.91
CA VAL G 153 35.98 10.39 7.54
C VAL G 153 34.83 9.62 6.89
N LEU G 154 34.06 8.90 7.69
CA LEU G 154 32.88 8.18 7.23
C LEU G 154 31.65 8.97 7.66
N ASP G 155 31.00 9.62 6.69
CA ASP G 155 29.83 10.44 6.93
C ASP G 155 28.59 9.69 6.46
N ALA G 156 27.63 9.50 7.38
CA ALA G 156 26.40 8.79 7.08
C ALA G 156 25.23 9.71 7.41
N GLY G 157 24.65 10.33 6.38
CA GLY G 157 23.51 11.20 6.56
C GLY G 157 22.21 10.46 6.43
N ASP G 158 21.31 10.95 5.59
CA ASP G 158 20.07 10.23 5.29
C ASP G 158 19.85 9.99 3.80
N GLY G 159 20.25 10.94 2.95
CA GLY G 159 20.07 10.77 1.52
C GLY G 159 21.33 10.37 0.79
N VAL G 160 22.46 10.39 1.47
CA VAL G 160 23.76 10.11 0.86
C VAL G 160 24.76 9.79 1.97
N THR G 161 25.83 9.09 1.61
CA THR G 161 26.93 8.81 2.52
C THR G 161 28.24 8.94 1.76
N HIS G 162 29.29 9.38 2.46
CA HIS G 162 30.58 9.65 1.84
C HIS G 162 31.70 9.03 2.66
N THR G 163 32.83 8.82 1.99
CA THR G 163 34.08 8.44 2.63
C THR G 163 35.18 9.33 2.07
N VAL G 164 35.65 10.27 2.88
CA VAL G 164 36.61 11.27 2.42
C VAL G 164 37.93 11.10 3.17
N PRO G 165 38.97 10.54 2.54
CA PRO G 165 40.28 10.48 3.18
C PRO G 165 40.97 11.84 3.11
N ILE G 166 41.53 12.28 4.25
CA ILE G 166 42.18 13.57 4.36
C ILE G 166 43.61 13.35 4.84
N TYR G 167 44.57 13.96 4.14
CA TYR G 167 45.98 13.83 4.46
C TYR G 167 46.58 15.22 4.60
N GLU G 168 47.07 15.54 5.80
CA GLU G 168 47.70 16.83 6.10
C GLU G 168 46.79 18.01 5.75
N GLY G 169 45.51 17.87 6.06
CA GLY G 169 44.57 18.95 5.87
C GLY G 169 44.03 19.11 4.46
N TYR G 170 44.46 18.27 3.52
CA TYR G 170 43.99 18.30 2.15
C TYR G 170 43.37 16.96 1.80
N SER G 171 42.15 17.00 1.29
CA SER G 171 41.46 15.78 0.89
C SER G 171 42.03 15.26 -0.44
N LEU G 172 41.81 13.98 -0.68
CA LEU G 172 42.27 13.34 -1.90
C LEU G 172 41.11 13.19 -2.86
N PRO G 173 41.08 13.93 -3.98
CA PRO G 173 39.88 13.91 -4.83
C PRO G 173 39.61 12.58 -5.50
N HIS G 174 40.58 11.67 -5.56
CA HIS G 174 40.45 10.44 -6.32
C HIS G 174 40.08 9.24 -5.45
N ALA G 175 39.68 9.46 -4.21
CA ALA G 175 39.28 8.37 -3.32
C ALA G 175 37.97 8.70 -2.59
N VAL G 176 37.11 9.49 -3.23
CA VAL G 176 35.82 9.86 -2.66
C VAL G 176 34.74 9.04 -3.32
N ARG G 177 33.85 8.46 -2.52
CA ARG G 177 32.80 7.59 -3.03
C ARG G 177 31.44 7.99 -2.47
N ARG G 178 30.39 7.60 -3.19
CA ARG G 178 29.02 7.79 -2.78
C ARG G 178 28.25 6.49 -2.95
N VAL G 179 27.26 6.27 -2.08
CA VAL G 179 26.45 5.06 -2.14
C VAL G 179 24.99 5.44 -2.34
N ASP G 180 24.61 6.64 -1.87
CA ASP G 180 23.23 7.11 -1.92
C ASP G 180 22.28 6.14 -1.23
N MET G 181 22.74 5.56 -0.11
CA MET G 181 21.93 4.66 0.70
C MET G 181 22.24 4.95 2.16
N ALA G 182 21.28 5.54 2.86
CA ALA G 182 21.50 6.01 4.22
C ALA G 182 20.18 5.90 4.99
N GLY G 183 20.08 6.63 6.09
CA GLY G 183 18.99 6.45 7.04
C GLY G 183 17.60 6.67 6.47
N ARG G 184 17.49 7.40 5.36
CA ARG G 184 16.17 7.59 4.75
C ARG G 184 15.60 6.27 4.25
N ASP G 185 16.44 5.44 3.62
CA ASP G 185 15.99 4.15 3.14
C ASP G 185 15.73 3.17 4.29
N LEU G 186 16.38 3.39 5.43
CA LEU G 186 16.14 2.53 6.58
C LEU G 186 14.72 2.69 7.11
N THR G 187 14.20 3.92 7.09
CA THR G 187 12.83 4.15 7.54
C THR G 187 11.82 3.42 6.65
N GLU G 188 12.03 3.48 5.33
CA GLU G 188 11.12 2.79 4.41
C GLU G 188 11.19 1.28 4.59
N TYR G 189 12.39 0.73 4.77
CA TYR G 189 12.53 -0.71 4.99
C TYR G 189 11.88 -1.13 6.30
N LEU G 190 12.04 -0.32 7.36
CA LEU G 190 11.40 -0.62 8.63
C LEU G 190 9.87 -0.55 8.50
N MET G 191 9.37 0.43 7.75
CA MET G 191 7.93 0.56 7.57
C MET G 191 7.36 -0.63 6.80
N LYS G 192 8.08 -1.10 5.77
CA LYS G 192 7.59 -2.23 4.98
C LYS G 192 7.55 -3.51 5.81
N ILE G 193 8.60 -3.78 6.59
CA ILE G 193 8.64 -5.00 7.39
C ILE G 193 7.78 -4.93 8.64
N MET G 194 7.18 -3.78 8.92
CA MET G 194 6.27 -3.67 10.06
C MET G 194 4.87 -4.17 9.74
N MET G 195 4.55 -4.37 8.46
CA MET G 195 3.24 -4.88 8.07
C MET G 195 3.07 -6.36 8.39
N GLU G 196 4.17 -7.08 8.67
CA GLU G 196 4.06 -8.50 8.99
C GLU G 196 3.25 -8.72 10.27
N THR G 197 3.27 -7.76 11.19
CA THR G 197 2.50 -7.83 12.42
C THR G 197 1.14 -7.14 12.29
N GLY G 198 0.61 -7.05 11.08
CA GLY G 198 -0.67 -6.39 10.85
C GLY G 198 -0.55 -4.90 10.68
N THR G 199 -1.70 -4.26 10.54
CA THR G 199 -1.83 -2.81 10.37
C THR G 199 -1.10 -2.32 9.14
N THR G 200 -1.02 -1.00 8.98
CA THR G 200 -0.35 -0.40 7.83
C THR G 200 0.06 1.03 8.20
N PHE G 201 1.01 1.57 7.44
CA PHE G 201 1.54 2.90 7.67
C PHE G 201 1.69 3.65 6.36
N THR G 202 0.68 3.59 5.50
CA THR G 202 0.77 4.24 4.20
C THR G 202 0.78 5.76 4.32
N THR G 203 -0.10 6.32 5.15
CA THR G 203 -0.25 7.76 5.22
C THR G 203 0.98 8.40 5.86
N THR G 204 1.21 9.68 5.51
CA THR G 204 2.36 10.40 6.01
C THR G 204 2.27 10.69 7.50
N ALA G 205 1.07 10.66 8.08
CA ALA G 205 0.94 10.86 9.52
C ALA G 205 1.64 9.76 10.29
N GLU G 206 1.50 8.51 9.84
CA GLU G 206 2.17 7.40 10.50
C GLU G 206 3.62 7.23 10.06
N LYS G 207 4.05 7.89 8.99
CA LYS G 207 5.45 7.82 8.59
C LYS G 207 6.35 8.45 9.64
N GLU G 208 5.93 9.58 10.23
CA GLU G 208 6.70 10.19 11.29
C GLU G 208 6.76 9.32 12.53
N ILE G 209 5.72 8.53 12.78
CA ILE G 209 5.72 7.62 13.92
C ILE G 209 6.78 6.54 13.74
N VAL G 210 6.92 6.02 12.52
CA VAL G 210 7.92 4.99 12.25
C VAL G 210 9.32 5.54 12.48
N ARG G 211 9.55 6.80 12.11
CA ARG G 211 10.87 7.40 12.29
C ARG G 211 11.24 7.47 13.76
N ASN G 212 10.27 7.82 14.63
CA ASN G 212 10.55 7.88 16.06
C ASN G 212 10.91 6.52 16.62
N VAL G 213 10.30 5.46 16.11
CA VAL G 213 10.64 4.11 16.57
C VAL G 213 12.09 3.78 16.20
N LYS G 214 12.53 4.20 15.02
CA LYS G 214 13.89 3.91 14.58
C LYS G 214 14.91 4.57 15.49
N GLU G 215 14.64 5.79 15.92
CA GLU G 215 15.60 6.58 16.68
C GLU G 215 15.57 6.30 18.17
N GLN G 216 14.73 5.39 18.64
CA GLN G 216 14.60 5.15 20.07
C GLN G 216 14.80 3.69 20.45
N LEU G 217 14.38 2.78 19.57
CA LEU G 217 14.39 1.35 19.89
C LEU G 217 15.37 0.53 19.07
N CYS G 218 15.67 0.95 17.85
CA CYS G 218 16.54 0.15 16.98
C CYS G 218 17.98 0.14 17.49
N TYR G 219 18.65 -1.00 17.31
CA TYR G 219 20.04 -1.14 17.72
C TYR G 219 20.70 -2.17 16.80
N VAL G 220 22.02 -2.10 16.74
CA VAL G 220 22.80 -2.99 15.89
C VAL G 220 23.19 -4.23 16.69
N ALA G 221 22.90 -5.41 16.12
CA ALA G 221 23.24 -6.67 16.76
C ALA G 221 24.64 -7.11 16.37
N LEU G 222 25.42 -7.56 17.35
CA LEU G 222 26.79 -7.98 17.07
C LEU G 222 26.84 -9.19 16.15
N ASP G 223 25.98 -10.17 16.40
CA ASP G 223 25.91 -11.39 15.59
C ASP G 223 24.50 -11.49 15.01
N PHE G 224 24.38 -11.25 13.70
CA PHE G 224 23.06 -11.20 13.08
C PHE G 224 22.39 -12.58 13.07
N GLU G 225 23.14 -13.62 12.71
CA GLU G 225 22.55 -14.95 12.60
C GLU G 225 22.10 -15.48 13.95
N GLU G 226 22.90 -15.25 15.00
CA GLU G 226 22.56 -15.76 16.32
C GLU G 226 21.29 -15.10 16.87
N GLU G 227 21.15 -13.80 16.65
CA GLU G 227 19.99 -13.08 17.19
C GLU G 227 18.69 -13.54 16.53
N MET G 228 18.73 -13.80 15.21
CA MET G 228 17.52 -14.19 14.51
C MET G 228 16.96 -15.50 15.03
N THR G 229 17.83 -16.49 15.27
CA THR G 229 17.37 -17.80 15.72
C THR G 229 16.83 -17.73 17.15
N ASN G 230 17.54 -17.03 18.04
CA ASN G 230 17.15 -16.99 19.44
C ASN G 230 16.01 -16.01 19.72
N SER G 231 15.73 -15.10 18.78
CA SER G 231 14.62 -14.17 18.97
C SER G 231 13.28 -14.90 18.92
N ALA G 232 13.15 -15.88 18.03
CA ALA G 232 11.89 -16.62 17.92
C ALA G 232 11.59 -17.40 19.20
N LYS G 233 12.63 -18.01 19.79
CA LYS G 233 12.42 -18.75 21.03
C LYS G 233 12.01 -17.81 22.17
N SER G 234 12.66 -16.65 22.26
CA SER G 234 12.31 -15.71 23.32
C SER G 234 10.99 -15.00 23.04
N ALA G 235 10.77 -14.61 21.78
CA ALA G 235 9.56 -13.89 21.38
C ALA G 235 9.35 -12.63 22.21
N ASN G 236 10.44 -11.93 22.51
CA ASN G 236 10.38 -10.72 23.31
C ASN G 236 9.97 -9.53 22.47
N GLU G 237 9.11 -8.68 23.03
CA GLU G 237 8.65 -7.48 22.35
C GLU G 237 8.65 -6.32 23.34
N GLU G 238 8.72 -5.10 22.80
CA GLU G 238 8.72 -3.89 23.60
C GLU G 238 7.54 -3.02 23.21
N ALA G 239 7.12 -2.17 24.15
CA ALA G 239 5.92 -1.35 23.99
C ALA G 239 6.28 0.06 23.57
N PHE G 240 5.54 0.60 22.60
CA PHE G 240 5.68 1.96 22.14
C PHE G 240 4.31 2.63 22.16
N GLU G 241 4.27 3.89 22.61
CA GLU G 241 3.02 4.61 22.81
C GLU G 241 2.75 5.51 21.62
N LEU G 242 1.60 5.32 20.99
CA LEU G 242 1.17 6.16 19.87
C LEU G 242 0.63 7.49 20.37
N PRO G 243 0.60 8.51 19.51
CA PRO G 243 0.01 9.79 19.92
C PRO G 243 -1.44 9.69 20.36
N ASP G 244 -2.22 8.79 19.75
CA ASP G 244 -3.62 8.60 20.13
C ASP G 244 -3.78 7.99 21.52
N GLY G 245 -2.71 7.46 22.10
CA GLY G 245 -2.76 6.81 23.39
C GLY G 245 -2.68 5.30 23.34
N ASN G 246 -2.87 4.70 22.15
CA ASN G 246 -2.74 3.26 22.02
C ASN G 246 -1.28 2.84 22.13
N VAL G 247 -1.07 1.59 22.49
CA VAL G 247 0.27 1.03 22.71
C VAL G 247 0.55 0.02 21.60
N MET G 248 1.71 0.18 20.96
CA MET G 248 2.14 -0.69 19.87
C MET G 248 3.33 -1.53 20.33
N MET G 249 3.36 -2.78 19.87
CA MET G 249 4.41 -3.73 20.24
C MET G 249 5.36 -3.93 19.07
N VAL G 250 6.66 -3.84 19.35
CA VAL G 250 7.71 -4.00 18.34
C VAL G 250 8.54 -5.22 18.73
N GLY G 251 8.74 -6.12 17.77
CA GLY G 251 9.44 -7.37 18.04
C GLY G 251 10.89 -7.38 17.60
N ASN G 252 11.21 -8.23 16.62
CA ASN G 252 12.57 -8.39 16.14
C ASN G 252 12.97 -7.37 15.09
N GLN G 253 12.07 -6.47 14.71
CA GLN G 253 12.38 -5.43 13.73
C GLN G 253 13.38 -4.41 14.26
N ARG G 254 13.66 -4.43 15.57
CA ARG G 254 14.58 -3.46 16.14
C ARG G 254 15.99 -3.61 15.58
N PHE G 255 16.48 -4.84 15.48
CA PHE G 255 17.83 -5.09 15.00
C PHE G 255 17.90 -5.49 13.54
N ARG G 256 16.77 -5.75 12.89
CA ARG G 256 16.78 -6.07 11.46
C ARG G 256 16.98 -4.84 10.61
N CYS G 257 16.42 -3.70 11.02
CA CYS G 257 16.52 -2.48 10.23
C CYS G 257 17.96 -1.98 10.05
N PRO G 258 18.78 -1.86 11.10
CA PRO G 258 20.15 -1.36 10.88
C PRO G 258 21.05 -2.30 10.12
N GLU G 259 20.67 -3.58 9.98
CA GLU G 259 21.51 -4.54 9.28
C GLU G 259 21.62 -4.23 7.79
N VAL G 260 20.73 -3.39 7.25
CA VAL G 260 20.80 -3.04 5.83
C VAL G 260 22.09 -2.30 5.53
N LEU G 261 22.62 -1.54 6.48
CA LEU G 261 23.85 -0.78 6.25
C LEU G 261 25.02 -1.70 5.94
N PHE G 262 25.14 -2.80 6.69
CA PHE G 262 26.27 -3.71 6.48
C PHE G 262 26.09 -4.57 5.23
N LYS G 263 24.86 -5.01 4.96
CA LYS G 263 24.54 -5.81 3.77
C LYS G 263 23.39 -5.16 3.03
N PRO G 264 23.68 -4.25 2.09
CA PRO G 264 22.62 -3.53 1.38
C PRO G 264 21.88 -4.35 0.33
N SER G 265 22.08 -5.67 0.28
CA SER G 265 21.36 -6.50 -0.68
C SER G 265 19.93 -6.75 -0.25
N LEU G 266 19.59 -6.47 1.01
CA LEU G 266 18.23 -6.71 1.50
C LEU G 266 17.22 -5.75 0.88
N ILE G 267 17.67 -4.64 0.31
CA ILE G 267 16.78 -3.66 -0.31
C ILE G 267 16.97 -3.65 -1.83
N GLY G 268 17.50 -4.73 -2.40
CA GLY G 268 17.69 -4.81 -3.83
C GLY G 268 18.94 -4.17 -4.37
N LEU G 269 19.83 -3.70 -3.51
CA LEU G 269 21.08 -3.07 -3.93
C LEU G 269 22.19 -4.12 -3.81
N ASP G 270 22.33 -4.94 -4.86
CA ASP G 270 23.37 -5.96 -4.86
C ASP G 270 24.74 -5.37 -5.09
N GLU G 271 24.84 -4.36 -5.96
CA GLU G 271 26.12 -3.76 -6.30
C GLU G 271 26.67 -2.87 -5.20
N ALA G 272 25.82 -2.37 -4.30
CA ALA G 272 26.28 -1.48 -3.24
C ALA G 272 27.22 -2.25 -2.30
N PRO G 273 28.35 -1.66 -1.92
CA PRO G 273 29.34 -2.41 -1.12
C PRO G 273 29.01 -2.52 0.36
N GLY G 274 28.41 -1.47 0.93
CA GLY G 274 28.21 -1.40 2.36
C GLY G 274 29.32 -0.68 3.08
N PHE G 275 29.12 -0.47 4.38
CA PHE G 275 30.08 0.31 5.16
C PHE G 275 31.47 -0.32 5.22
N PRO G 276 31.65 -1.59 5.62
CA PRO G 276 33.01 -2.12 5.71
C PRO G 276 33.75 -2.16 4.38
N GLU G 277 33.05 -2.44 3.28
CA GLU G 277 33.70 -2.48 1.98
C GLU G 277 33.98 -1.09 1.43
N MET G 278 33.13 -0.12 1.74
CA MET G 278 33.33 1.24 1.23
C MET G 278 34.62 1.83 1.77
N VAL G 279 34.93 1.62 3.04
CA VAL G 279 36.17 2.12 3.62
C VAL G 279 37.37 1.41 3.01
N TYR G 280 37.29 0.08 2.86
CA TYR G 280 38.41 -0.68 2.34
C TYR G 280 38.76 -0.28 0.91
N GLN G 281 37.75 -0.09 0.07
CA GLN G 281 38.02 0.24 -1.33
C GLN G 281 38.50 1.68 -1.48
N SER G 282 38.13 2.57 -0.55
CA SER G 282 38.57 3.96 -0.64
C SER G 282 40.03 4.10 -0.21
N ILE G 283 40.46 3.32 0.78
CA ILE G 283 41.85 3.41 1.23
C ILE G 283 42.81 2.94 0.15
N ASN G 284 42.48 1.85 -0.53
CA ASN G 284 43.36 1.26 -1.53
C ASN G 284 43.51 2.11 -2.79
N LYS G 285 42.71 3.17 -2.95
CA LYS G 285 42.87 4.09 -4.05
C LYS G 285 43.93 5.16 -3.79
N CYS G 286 44.54 5.15 -2.61
CA CYS G 286 45.54 6.13 -2.22
C CYS G 286 46.94 5.55 -2.38
N ASP G 287 47.94 6.35 -2.02
CA ASP G 287 49.32 5.92 -2.10
C ASP G 287 49.60 4.79 -1.12
N ILE G 288 50.53 3.91 -1.49
CA ILE G 288 50.78 2.71 -0.71
C ILE G 288 51.37 3.06 0.66
N ASP G 289 52.26 4.05 0.71
CA ASP G 289 52.91 4.41 1.96
C ASP G 289 52.00 5.18 2.92
N VAL G 290 50.84 5.65 2.45
CA VAL G 290 49.92 6.40 3.30
C VAL G 290 48.78 5.54 3.83
N ARG G 291 48.58 4.34 3.30
CA ARG G 291 47.43 3.52 3.69
C ARG G 291 47.49 3.13 5.17
N ARG G 292 48.69 2.84 5.67
CA ARG G 292 48.81 2.38 7.05
C ARG G 292 48.34 3.45 8.04
N GLU G 293 48.65 4.72 7.77
CA GLU G 293 48.21 5.79 8.65
C GLU G 293 46.70 6.00 8.60
N LEU G 294 46.09 5.78 7.43
CA LEU G 294 44.64 5.99 7.30
C LEU G 294 43.85 4.93 8.04
N TYR G 295 44.38 3.71 8.15
CA TYR G 295 43.63 2.65 8.82
C TYR G 295 43.41 2.93 10.30
N GLY G 296 44.35 3.65 10.93
CA GLY G 296 44.26 3.93 12.34
C GLY G 296 43.55 5.20 12.73
N ASN G 297 42.92 5.90 11.78
CA ASN G 297 42.27 7.18 12.04
C ASN G 297 40.89 7.23 11.38
N ILE G 298 40.11 6.17 11.56
CA ILE G 298 38.75 6.14 11.03
C ILE G 298 37.83 6.91 11.97
N VAL G 299 37.15 7.92 11.42
CA VAL G 299 36.31 8.83 12.21
C VAL G 299 34.88 8.73 11.72
N LEU G 300 33.95 8.48 12.64
CA LEU G 300 32.54 8.37 12.30
C LEU G 300 31.86 9.72 12.42
N SER G 301 30.86 9.93 11.56
CA SER G 301 30.10 11.17 11.57
C SER G 301 28.73 10.92 10.97
N GLY G 302 27.81 11.85 11.21
CA GLY G 302 26.48 11.76 10.68
C GLY G 302 25.49 11.18 11.68
N GLY G 303 24.21 11.46 11.46
CA GLY G 303 23.17 10.99 12.36
C GLY G 303 22.90 9.51 12.25
N SER G 304 23.17 8.92 11.08
CA SER G 304 22.92 7.50 10.87
C SER G 304 23.91 6.60 11.59
N THR G 305 24.98 7.16 12.15
CA THR G 305 25.96 6.40 12.91
C THR G 305 25.67 6.34 14.39
N MET G 306 24.52 6.85 14.82
CA MET G 306 24.17 6.92 16.24
C MET G 306 23.55 5.63 16.76
N PHE G 307 23.41 4.61 15.92
CA PHE G 307 22.85 3.34 16.39
C PHE G 307 23.75 2.71 17.44
N LEU G 308 23.13 2.04 18.41
CA LEU G 308 23.87 1.42 19.48
C LEU G 308 24.73 0.28 18.97
N ASN G 309 25.94 0.17 19.53
CA ASN G 309 26.91 -0.89 19.24
C ASN G 309 27.42 -0.86 17.80
N LEU G 310 27.14 0.21 17.06
CA LEU G 310 27.64 0.30 15.69
C LEU G 310 29.16 0.35 15.61
N PRO G 311 29.87 1.19 16.38
CA PRO G 311 31.34 1.21 16.23
C PRO G 311 32.02 -0.12 16.52
N GLU G 312 31.51 -0.88 17.48
CA GLU G 312 32.12 -2.17 17.79
C GLU G 312 31.99 -3.14 16.62
N ARG G 313 30.82 -3.18 15.99
CA ARG G 313 30.62 -4.07 14.85
C ARG G 313 31.47 -3.65 13.66
N LEU G 314 31.58 -2.34 13.41
CA LEU G 314 32.30 -1.85 12.23
C LEU G 314 33.78 -2.19 12.31
N ALA G 315 34.37 -2.09 13.50
CA ALA G 315 35.80 -2.38 13.65
C ALA G 315 36.10 -3.84 13.31
N LYS G 316 35.24 -4.76 13.75
CA LYS G 316 35.45 -6.18 13.48
C LYS G 316 35.38 -6.48 11.99
N GLU G 317 34.42 -5.86 11.28
CA GLU G 317 34.24 -6.15 9.86
C GLU G 317 35.44 -5.69 9.04
N ILE G 318 35.97 -4.50 9.33
CA ILE G 318 37.11 -3.99 8.57
C ILE G 318 38.36 -4.82 8.83
N SER G 319 38.51 -5.31 10.07
CA SER G 319 39.71 -6.08 10.41
C SER G 319 39.83 -7.35 9.58
N ASN G 320 38.70 -7.96 9.22
CA ASN G 320 38.75 -9.17 8.40
C ASN G 320 39.31 -8.86 7.00
N LEU G 321 38.90 -7.75 6.41
CA LEU G 321 39.38 -7.40 5.07
C LEU G 321 40.84 -6.97 5.10
N ALA G 322 41.25 -6.26 6.15
CA ALA G 322 42.61 -5.78 6.23
C ALA G 322 43.59 -6.93 6.44
N PRO G 323 44.83 -6.80 5.96
CA PRO G 323 45.82 -7.85 6.18
C PRO G 323 46.19 -7.98 7.65
N SER G 324 46.84 -9.10 7.98
CA SER G 324 47.14 -9.42 9.37
C SER G 324 48.13 -8.45 10.00
N SER G 325 48.85 -7.67 9.21
CA SER G 325 49.81 -6.71 9.72
C SER G 325 49.21 -5.33 10.00
N ILE G 326 47.90 -5.17 9.80
CA ILE G 326 47.22 -3.90 10.00
C ILE G 326 46.17 -4.08 11.08
N LYS G 327 46.16 -3.17 12.05
CA LYS G 327 45.17 -3.18 13.13
C LYS G 327 44.36 -1.90 13.08
N PRO G 328 43.19 -1.89 12.44
CA PRO G 328 42.41 -0.66 12.34
C PRO G 328 41.86 -0.22 13.69
N LYS G 329 41.65 1.09 13.81
CA LYS G 329 41.06 1.69 15.00
C LYS G 329 39.92 2.60 14.59
N VAL G 330 38.83 2.57 15.36
CA VAL G 330 37.62 3.32 15.07
C VAL G 330 37.41 4.35 16.18
N VAL G 331 37.18 5.60 15.78
CA VAL G 331 36.96 6.70 16.71
C VAL G 331 35.52 7.19 16.54
N ALA G 332 34.76 7.18 17.62
CA ALA G 332 33.35 7.57 17.62
C ALA G 332 33.11 8.59 18.73
N PRO G 333 33.30 9.88 18.45
CA PRO G 333 33.05 10.89 19.48
C PRO G 333 31.56 10.92 19.84
N PRO G 334 31.23 11.22 21.10
CA PRO G 334 29.81 11.28 21.48
C PRO G 334 29.01 12.32 20.73
N GLU G 335 29.62 13.44 20.35
CA GLU G 335 28.92 14.51 19.66
C GLU G 335 29.02 14.41 18.14
N ARG G 336 29.14 13.20 17.61
CA ARG G 336 29.29 13.02 16.17
C ARG G 336 28.04 13.36 15.38
N LYS G 337 26.90 13.54 16.06
CA LYS G 337 25.66 13.83 15.35
C LYS G 337 25.73 15.19 14.64
N TYR G 338 26.31 16.19 15.29
CA TYR G 338 26.41 17.54 14.75
C TYR G 338 27.87 17.99 14.67
N SER G 339 28.75 17.11 14.19
CA SER G 339 30.17 17.46 14.11
C SER G 339 30.42 18.61 13.15
N VAL G 340 29.73 18.62 12.01
CA VAL G 340 29.96 19.67 11.02
C VAL G 340 29.57 21.03 11.57
N TRP G 341 28.41 21.12 12.23
CA TRP G 341 27.94 22.41 12.73
C TRP G 341 28.75 22.85 13.94
N ILE G 342 29.08 21.93 14.84
CA ILE G 342 29.85 22.29 16.03
C ILE G 342 31.23 22.81 15.64
N GLY G 343 31.89 22.13 14.70
CA GLY G 343 33.19 22.59 14.25
C GLY G 343 33.15 23.98 13.64
N GLY G 344 32.12 24.25 12.83
CA GLY G 344 31.97 25.57 12.26
C GLY G 344 31.65 26.63 13.30
N SER G 345 30.86 26.27 14.31
CA SER G 345 30.53 27.21 15.36
C SER G 345 31.76 27.61 16.18
N ILE G 346 32.61 26.63 16.52
CA ILE G 346 33.80 26.92 17.29
C ILE G 346 34.76 27.80 16.50
N LEU G 347 34.93 27.51 15.21
CA LEU G 347 35.86 28.26 14.39
C LEU G 347 35.46 29.72 14.27
N SER G 348 34.16 29.98 14.10
CA SER G 348 33.69 31.35 13.94
C SER G 348 33.77 32.15 15.24
N SER G 349 33.85 31.48 16.39
CA SER G 349 33.92 32.17 17.67
C SER G 349 35.33 32.61 18.02
N LEU G 350 36.34 32.22 17.24
CA LEU G 350 37.70 32.62 17.52
C LEU G 350 37.89 34.11 17.29
N THR G 351 38.71 34.74 18.13
CA THR G 351 38.95 36.17 18.01
C THR G 351 39.77 36.51 16.77
N THR G 352 40.69 35.63 16.38
CA THR G 352 41.55 35.88 15.24
C THR G 352 40.91 35.54 13.91
N PHE G 353 39.70 34.97 13.91
CA PHE G 353 39.04 34.57 12.67
C PHE G 353 38.52 35.75 11.88
N GLN G 354 38.53 36.96 12.45
CA GLN G 354 37.93 38.12 11.79
C GLN G 354 38.63 38.49 10.50
N THR G 355 39.86 38.02 10.29
CA THR G 355 40.60 38.31 9.07
C THR G 355 40.39 37.26 7.99
N MET G 356 39.55 36.26 8.22
CA MET G 356 39.31 35.19 7.26
C MET G 356 38.02 35.36 6.47
N TRP G 357 37.16 36.29 6.86
CA TRP G 357 35.91 36.50 6.13
C TRP G 357 36.17 37.12 4.77
N VAL G 358 35.22 36.92 3.86
CA VAL G 358 35.28 37.51 2.53
C VAL G 358 34.30 38.69 2.51
N LYS G 359 34.83 39.90 2.40
CA LYS G 359 33.99 41.09 2.42
C LYS G 359 33.24 41.26 1.11
N LYS G 360 32.11 41.97 1.19
CA LYS G 360 31.30 42.19 -0.01
C LYS G 360 32.00 43.10 -1.01
N SER G 361 32.83 44.02 -0.53
CA SER G 361 33.55 44.92 -1.43
C SER G 361 34.54 44.15 -2.31
N GLU G 362 35.15 43.09 -1.76
CA GLU G 362 36.07 42.29 -2.56
C GLU G 362 35.36 41.62 -3.72
N TYR G 363 34.13 41.15 -3.50
CA TYR G 363 33.36 40.52 -4.57
C TYR G 363 33.05 41.51 -5.69
N ASP G 364 32.76 42.76 -5.32
CA ASP G 364 32.42 43.77 -6.32
C ASP G 364 33.61 44.06 -7.24
N GLU G 365 34.81 44.11 -6.68
CA GLU G 365 36.01 44.46 -7.45
C GLU G 365 36.71 43.24 -8.05
N SER G 366 36.24 42.03 -7.78
CA SER G 366 36.88 40.83 -8.32
C SER G 366 35.92 39.83 -8.94
N GLY G 367 34.64 39.84 -8.60
CA GLY G 367 33.70 38.91 -9.17
C GLY G 367 33.60 37.62 -8.39
N PRO G 368 32.92 36.62 -8.96
CA PRO G 368 32.74 35.34 -8.26
C PRO G 368 34.03 34.56 -8.05
N SER G 369 35.12 34.92 -8.72
CA SER G 369 36.36 34.16 -8.61
C SER G 369 37.05 34.32 -7.28
N ILE G 370 36.59 35.24 -6.42
CA ILE G 370 37.26 35.49 -5.15
C ILE G 370 37.15 34.29 -4.23
N VAL G 371 36.02 33.58 -4.27
CA VAL G 371 35.82 32.45 -3.35
C VAL G 371 36.78 31.32 -3.65
N HIS G 372 37.12 31.10 -4.93
CA HIS G 372 38.03 30.02 -5.27
C HIS G 372 39.42 30.26 -4.70
N ASN G 373 39.91 31.50 -4.78
CA ASN G 373 41.24 31.80 -4.27
C ASN G 373 41.27 31.75 -2.74
N LYS G 374 40.27 32.34 -2.10
CA LYS G 374 40.20 32.35 -0.64
C LYS G 374 39.56 31.04 -0.17
N CYS G 375 39.22 30.99 1.12
CA CYS G 375 38.58 29.83 1.73
C CYS G 375 39.43 28.56 1.57
N ALA H 1 47.24 29.17 8.46
CA ALA H 1 46.22 28.44 9.20
C ALA H 1 44.85 29.09 9.01
N ILE H 2 43.80 28.27 9.01
CA ILE H 2 42.45 28.79 8.86
C ILE H 2 41.96 29.46 10.13
N SER H 3 42.53 29.11 11.29
CA SER H 3 42.12 29.75 12.54
C SER H 3 42.57 31.20 12.60
N GLY H 4 43.68 31.53 11.95
CA GLY H 4 44.18 32.88 11.92
C GLY H 4 45.26 33.22 12.91
N VAL H 5 45.76 32.24 13.66
CA VAL H 5 46.83 32.51 14.63
C VAL H 5 48.16 32.65 13.90
N THR H 6 49.12 33.28 14.58
CA THR H 6 50.45 33.51 14.06
C THR H 6 51.48 33.05 15.08
N LEU H 7 52.76 33.23 14.75
CA LEU H 7 53.86 32.78 15.59
C LEU H 7 54.50 33.96 16.29
N GLU H 8 54.90 33.74 17.55
CA GLU H 8 55.66 34.75 18.28
C GLU H 8 57.05 34.90 17.67
N GLU H 9 57.63 36.09 17.84
CA GLU H 9 58.94 36.37 17.27
C GLU H 9 60.03 35.49 17.89
N SER H 10 59.87 35.12 19.15
CA SER H 10 60.85 34.28 19.82
C SER H 10 60.79 32.82 19.38
N VAL H 11 59.71 32.40 18.72
CA VAL H 11 59.60 31.01 18.29
C VAL H 11 60.64 30.66 17.24
N ARG H 12 60.83 31.57 16.26
CA ARG H 12 61.77 31.28 15.19
C ARG H 12 63.20 31.16 15.71
N GLY H 13 63.58 32.02 16.65
CA GLY H 13 64.93 31.95 17.20
C GLY H 13 65.17 30.68 18.00
N ALA H 14 64.15 30.21 18.72
CA ALA H 14 64.31 29.01 19.53
C ALA H 14 64.52 27.78 18.67
N ILE H 15 63.86 27.71 17.52
CA ILE H 15 64.00 26.56 16.64
C ILE H 15 65.42 26.47 16.08
N ASP H 16 66.01 27.60 15.72
CA ASP H 16 67.38 27.60 15.21
C ASP H 16 68.36 27.10 16.25
N ASP H 17 68.16 27.49 17.51
CA ASP H 17 69.04 27.00 18.58
C ASP H 17 68.92 25.49 18.74
N LEU H 18 67.71 24.97 18.61
CA LEU H 18 67.52 23.51 18.68
C LEU H 18 68.24 22.82 17.53
N ARG H 19 68.23 23.42 16.34
CA ARG H 19 68.90 22.81 15.19
C ARG H 19 70.40 22.72 15.41
N MET H 20 70.99 23.76 16.01
CA MET H 20 72.44 23.81 16.23
C MET H 20 72.86 23.08 17.50
N LYS H 21 72.04 22.16 18.01
CA LYS H 21 72.38 21.33 19.17
C LYS H 21 72.68 22.17 20.40
N LYS H 22 71.95 23.26 20.58
CA LYS H 22 72.05 24.08 21.77
C LYS H 22 71.02 23.72 22.83
N SER H 23 70.07 22.84 22.51
CA SER H 23 69.04 22.43 23.45
C SER H 23 68.48 21.09 23.00
N ARG H 24 67.71 20.45 23.89
CA ARG H 24 67.13 19.15 23.60
C ARG H 24 65.75 19.26 22.97
N TYR H 25 64.87 20.06 23.56
CA TYR H 25 63.51 20.18 23.05
C TYR H 25 62.96 21.56 23.37
N VAL H 26 61.95 21.97 22.60
CA VAL H 26 61.24 23.21 22.82
C VAL H 26 59.74 22.93 22.76
N MET H 27 59.01 23.36 23.78
CA MET H 27 57.57 23.15 23.86
C MET H 27 56.85 24.47 23.57
N MET H 28 55.84 24.40 22.69
CA MET H 28 55.10 25.58 22.27
C MET H 28 53.62 25.38 22.56
N CYS H 29 52.97 26.45 23.00
CA CYS H 29 51.55 26.42 23.32
C CYS H 29 50.92 27.75 22.91
N ILE H 30 49.60 27.72 22.74
CA ILE H 30 48.87 28.94 22.40
C ILE H 30 48.76 29.82 23.63
N GLY H 31 48.85 31.14 23.43
CA GLY H 31 48.86 32.07 24.53
C GLY H 31 47.53 32.13 25.26
N ALA H 32 47.54 32.87 26.38
CA ALA H 32 46.34 32.99 27.20
C ALA H 32 45.21 33.68 26.44
N ASP H 33 45.53 34.73 25.69
CA ASP H 33 44.52 35.40 24.87
C ASP H 33 44.16 34.61 23.63
N GLY H 34 44.88 33.54 23.33
CA GLY H 34 44.57 32.71 22.17
C GLY H 34 44.76 33.39 20.84
N LYS H 35 45.85 34.13 20.66
CA LYS H 35 46.12 34.82 19.40
C LYS H 35 47.47 34.47 18.78
N LYS H 36 48.42 33.95 19.55
CA LYS H 36 49.74 33.61 19.03
C LYS H 36 50.26 32.37 19.73
N ILE H 37 51.22 31.71 19.08
CA ILE H 37 51.90 30.55 19.63
C ILE H 37 53.21 31.01 20.23
N GLU H 38 53.42 30.69 21.51
CA GLU H 38 54.58 31.17 22.25
C GLU H 38 55.34 30.01 22.88
N VAL H 39 56.65 30.18 23.01
CA VAL H 39 57.50 29.16 23.60
C VAL H 39 57.20 29.06 25.10
N THR H 40 57.15 27.83 25.61
CA THR H 40 56.84 27.59 27.00
C THR H 40 58.03 27.06 27.79
N GLU H 41 58.65 25.98 27.35
CA GLU H 41 59.74 25.34 28.10
C GLU H 41 60.81 24.85 27.14
N VAL H 42 62.07 25.01 27.55
CA VAL H 42 63.22 24.55 26.79
C VAL H 42 64.07 23.67 27.70
N GLY H 43 64.47 22.50 27.20
CA GLY H 43 65.24 21.55 27.97
C GLY H 43 66.66 21.42 27.46
N GLU H 44 67.58 21.11 28.37
CA GLU H 44 68.98 20.96 28.02
C GLU H 44 69.27 19.56 27.49
N ARG H 45 70.43 19.42 26.84
CA ARG H 45 70.77 18.18 26.16
C ARG H 45 71.00 17.01 27.11
N GLY H 46 71.13 17.26 28.41
CA GLY H 46 71.30 16.18 29.35
C GLY H 46 70.09 15.26 29.45
N VAL H 47 68.90 15.83 29.32
CA VAL H 47 67.68 15.03 29.45
C VAL H 47 67.50 14.16 28.21
N ASN H 48 66.76 13.07 28.38
CA ASN H 48 66.48 12.11 27.33
C ASN H 48 64.98 12.11 27.02
N TYR H 49 64.60 11.27 26.04
CA TYR H 49 63.20 11.24 25.60
C TYR H 49 62.28 10.66 26.67
N THR H 50 62.77 9.68 27.43
CA THR H 50 61.92 9.01 28.42
C THR H 50 61.40 9.96 29.49
N ASP H 51 62.23 10.90 29.95
CA ASP H 51 61.79 11.86 30.95
C ASP H 51 60.73 12.81 30.38
N LEU H 52 60.89 13.23 29.12
CA LEU H 52 59.92 14.13 28.51
C LEU H 52 58.57 13.46 28.30
N LYS H 53 58.56 12.15 28.04
CA LYS H 53 57.31 11.44 27.81
C LYS H 53 56.39 11.52 29.02
N GLU H 54 56.96 11.65 30.22
CA GLU H 54 56.15 11.76 31.43
C GLU H 54 55.65 13.18 31.67
N LYS H 55 56.08 14.15 30.87
CA LYS H 55 55.63 15.53 31.01
C LYS H 55 54.37 15.84 30.21
N PHE H 56 53.89 14.90 29.40
CA PHE H 56 52.66 15.12 28.65
C PHE H 56 51.46 15.04 29.58
N SER H 57 50.57 16.02 29.46
CA SER H 57 49.38 16.11 30.30
C SER H 57 48.14 15.74 29.49
N ALA H 58 47.28 14.91 30.09
CA ALA H 58 46.08 14.46 29.40
C ALA H 58 45.01 15.55 29.27
N GLU H 59 45.19 16.69 29.93
CA GLU H 59 44.21 17.77 29.89
C GLU H 59 44.68 18.98 29.10
N LYS H 60 45.92 18.98 28.60
CA LYS H 60 46.46 20.15 27.92
C LYS H 60 47.24 19.76 26.67
N PRO H 61 46.71 20.04 25.49
CA PRO H 61 47.47 19.79 24.26
C PRO H 61 48.63 20.76 24.11
N CYS H 62 49.66 20.32 23.38
CA CYS H 62 50.84 21.14 23.17
C CYS H 62 51.58 20.66 21.93
N TYR H 63 52.45 21.52 21.41
CA TYR H 63 53.34 21.18 20.32
C TYR H 63 54.75 21.02 20.86
N VAL H 64 55.39 19.89 20.54
CA VAL H 64 56.71 19.57 21.05
C VAL H 64 57.64 19.31 19.87
N ALA H 65 58.75 20.04 19.82
CA ALA H 65 59.80 19.78 18.85
C ALA H 65 60.97 19.12 19.58
N PHE H 66 61.36 17.93 19.12
CA PHE H 66 62.32 17.11 19.83
C PHE H 66 63.38 16.60 18.88
N ASP H 67 64.58 16.38 19.42
CA ASP H 67 65.70 15.78 18.69
C ASP H 67 65.85 14.34 19.17
N PHE H 68 65.31 13.41 18.38
CA PHE H 68 65.16 12.02 18.82
C PHE H 68 66.31 11.18 18.30
N GLU H 69 66.91 10.40 19.20
CA GLU H 69 67.97 9.45 18.85
C GLU H 69 67.49 8.04 19.18
N TYR H 70 67.76 7.11 18.26
CA TYR H 70 67.26 5.75 18.38
C TYR H 70 68.33 4.67 18.43
N ASN H 71 69.60 5.02 18.21
CA ASN H 71 70.73 4.08 18.33
C ASN H 71 70.53 2.88 17.42
N ASP H 72 70.54 3.16 16.11
CA ASP H 72 70.35 2.13 15.11
C ASP H 72 71.58 1.25 14.97
N ALA H 73 71.60 0.11 15.69
CA ALA H 73 72.67 -0.88 15.60
C ALA H 73 74.04 -0.26 15.87
N GLY H 74 74.17 0.39 17.02
CA GLY H 74 75.43 0.98 17.41
C GLY H 74 75.78 2.28 16.73
N SER H 75 74.81 2.95 16.12
CA SER H 75 75.03 4.22 15.46
C SER H 75 74.27 5.31 16.21
N LYS H 76 74.98 6.39 16.55
CA LYS H 76 74.39 7.50 17.31
C LYS H 76 73.63 8.44 16.38
N ARG H 77 72.66 7.88 15.66
CA ARG H 77 71.85 8.65 14.72
C ARG H 77 70.80 9.46 15.47
N GLU H 78 70.55 10.67 14.97
CA GLU H 78 69.54 11.56 15.54
C GLU H 78 68.65 12.09 14.43
N LYS H 79 67.38 12.30 14.77
CA LYS H 79 66.39 12.80 13.83
C LYS H 79 65.53 13.85 14.51
N LEU H 80 65.26 14.93 13.78
CA LEU H 80 64.42 16.01 14.28
C LEU H 80 62.96 15.69 13.97
N ILE H 81 62.13 15.66 15.01
CA ILE H 81 60.70 15.35 14.86
C ILE H 81 59.90 16.45 15.52
N LEU H 82 58.64 16.58 15.08
CA LEU H 82 57.70 17.54 15.62
C LEU H 82 56.45 16.79 16.03
N ILE H 83 56.18 16.74 17.34
CA ILE H 83 55.10 15.94 17.90
C ILE H 83 53.88 16.83 18.10
N GLN H 84 52.73 16.39 17.59
CA GLN H 84 51.46 17.06 17.80
C GLN H 84 50.65 16.22 18.79
N TRP H 85 50.56 16.71 20.03
CA TRP H 85 49.91 15.98 21.11
C TRP H 85 48.57 16.65 21.42
N ILE H 86 47.48 16.01 20.98
CA ILE H 86 46.13 16.46 21.29
C ILE H 86 45.35 15.30 21.89
N PRO H 87 45.27 15.18 23.21
CA PRO H 87 44.55 14.06 23.81
C PRO H 87 43.06 14.14 23.53
N ASP H 88 42.42 12.96 23.47
CA ASP H 88 40.98 12.90 23.22
C ASP H 88 40.17 13.42 24.39
N THR H 89 40.75 13.52 25.57
CA THR H 89 40.05 13.97 26.76
C THR H 89 40.02 15.48 26.90
N ALA H 90 40.65 16.21 25.98
CA ALA H 90 40.67 17.67 26.05
C ALA H 90 39.29 18.24 25.71
N ARG H 91 39.13 19.53 26.00
CA ARG H 91 37.88 20.21 25.73
C ARG H 91 37.64 20.30 24.22
N PRO H 92 36.37 20.29 23.80
CA PRO H 92 36.09 20.41 22.35
C PRO H 92 36.63 21.69 21.73
N ARG H 93 36.62 22.80 22.48
CA ARG H 93 37.17 24.05 21.94
C ARG H 93 38.68 23.96 21.77
N GLU H 94 39.37 23.31 22.71
CA GLU H 94 40.82 23.22 22.62
C GLU H 94 41.27 22.34 21.47
N LYS H 95 40.57 21.22 21.24
CA LYS H 95 40.94 20.33 20.16
C LYS H 95 40.77 21.00 18.80
N MET H 96 39.68 21.75 18.61
CA MET H 96 39.47 22.45 17.35
C MET H 96 40.53 23.52 17.13
N MET H 97 40.88 24.26 18.18
CA MET H 97 41.81 25.38 18.04
C MET H 97 43.22 24.91 17.70
N TYR H 98 43.69 23.85 18.37
CA TYR H 98 45.04 23.37 18.13
C TYR H 98 45.17 22.68 16.78
N SER H 99 44.15 21.92 16.38
CA SER H 99 44.23 21.18 15.11
C SER H 99 44.29 22.14 13.93
N ALA H 100 43.48 23.19 13.94
CA ALA H 100 43.45 24.14 12.83
C ALA H 100 44.66 25.07 12.82
N SER H 101 45.44 25.12 13.90
CA SER H 101 46.60 25.99 13.98
C SER H 101 47.91 25.28 13.65
N ARG H 102 47.84 24.02 13.22
CA ARG H 102 49.06 23.28 12.93
C ARG H 102 49.79 23.84 11.70
N ASP H 103 49.06 24.47 10.79
CA ASP H 103 49.68 24.98 9.56
C ASP H 103 50.65 26.12 9.82
N ALA H 104 50.54 26.80 10.96
CA ALA H 104 51.42 27.93 11.23
C ALA H 104 52.87 27.50 11.35
N LEU H 105 53.12 26.35 11.98
CA LEU H 105 54.48 25.87 12.18
C LEU H 105 55.13 25.36 10.90
N SER H 106 54.36 25.20 9.82
CA SER H 106 54.93 24.64 8.60
C SER H 106 55.98 25.54 7.97
N SER H 107 55.85 26.86 8.16
CA SER H 107 56.78 27.80 7.55
C SER H 107 58.14 27.82 8.24
N VAL H 108 58.23 27.33 9.47
CA VAL H 108 59.47 27.37 10.23
C VAL H 108 60.01 25.99 10.58
N SER H 109 59.20 24.93 10.44
CA SER H 109 59.61 23.59 10.83
C SER H 109 60.03 22.75 9.62
N GLU H 110 60.68 23.37 8.63
CA GLU H 110 61.19 22.61 7.49
C GLU H 110 62.27 21.64 7.94
N GLY H 111 62.18 20.41 7.45
CA GLY H 111 63.10 19.36 7.83
C GLY H 111 62.64 18.50 9.00
N TYR H 112 61.68 18.99 9.78
CA TYR H 112 61.15 18.21 10.89
C TYR H 112 60.14 17.19 10.40
N LEU H 113 60.19 15.99 10.95
CA LEU H 113 59.25 14.94 10.59
C LEU H 113 57.98 15.09 11.41
N PRO H 114 56.82 15.34 10.80
CA PRO H 114 55.58 15.51 11.56
C PRO H 114 55.07 14.16 12.08
N ILE H 115 54.76 14.12 13.36
CA ILE H 115 54.21 12.92 14.01
C ILE H 115 52.95 13.30 14.76
N GLN H 116 51.87 12.57 14.51
CA GLN H 116 50.58 12.82 15.13
C GLN H 116 50.30 11.75 16.17
N ALA H 117 49.94 12.18 17.38
CA ALA H 117 49.61 11.27 18.46
C ALA H 117 48.41 11.79 19.22
N ASN H 118 47.47 10.89 19.52
CA ASN H 118 46.26 11.24 20.27
C ASN H 118 46.08 10.41 21.53
N ASP H 119 46.98 9.47 21.80
CA ASP H 119 46.89 8.65 23.00
C ASP H 119 48.29 8.19 23.39
N GLU H 120 48.41 7.68 24.62
CA GLU H 120 49.71 7.29 25.14
C GLU H 120 50.34 6.15 24.34
N SER H 121 49.54 5.33 23.66
CA SER H 121 50.10 4.26 22.85
C SER H 121 50.80 4.80 21.61
N GLY H 122 50.45 5.99 21.16
CA GLY H 122 51.11 6.59 20.01
C GLY H 122 52.43 7.27 20.31
N LEU H 123 52.80 7.37 21.59
CA LEU H 123 54.06 7.96 22.00
C LEU H 123 55.15 6.91 22.22
N ASP H 124 54.87 5.65 21.88
CA ASP H 124 55.85 4.59 22.07
C ASP H 124 57.08 4.83 21.21
N ALA H 125 58.24 4.45 21.75
CA ALA H 125 59.49 4.63 21.03
C ALA H 125 59.51 3.80 19.75
N GLU H 126 58.99 2.57 19.81
CA GLU H 126 58.98 1.71 18.63
C GLU H 126 58.13 2.32 17.52
N GLU H 127 57.02 2.98 17.89
CA GLU H 127 56.21 3.65 16.88
C GLU H 127 56.99 4.76 16.19
N ILE H 128 57.75 5.55 16.96
CA ILE H 128 58.52 6.64 16.38
C ILE H 128 59.66 6.10 15.54
N ILE H 129 60.33 5.05 16.03
CA ILE H 129 61.47 4.49 15.31
C ILE H 129 61.03 3.93 13.96
N ARG H 130 59.85 3.30 13.91
CA ARG H 130 59.36 2.75 12.66
C ARG H 130 59.09 3.85 11.64
N LYS H 131 58.54 4.99 12.08
CA LYS H 131 58.18 6.05 11.15
C LYS H 131 59.41 6.77 10.59
N VAL H 132 60.43 6.99 11.43
CA VAL H 132 61.60 7.73 10.98
C VAL H 132 62.38 6.91 9.94
N ARG H 133 62.42 5.59 10.11
CA ARG H 133 63.15 4.74 9.17
C ARG H 133 62.44 4.61 7.83
N LEU H 134 61.12 4.82 7.79
CA LEU H 134 60.38 4.66 6.56
C LEU H 134 60.80 5.68 5.50
N HIS H 135 61.04 6.93 5.92
CA HIS H 135 61.34 8.00 4.99
C HIS H 135 62.82 8.12 4.65
N ARG H 136 63.67 7.28 5.24
CA ARG H 136 65.10 7.31 4.96
C ARG H 136 65.43 6.23 3.93
N SER H 137 66.02 6.64 2.81
CA SER H 137 66.41 5.69 1.78
C SER H 137 67.50 4.75 2.29
N VAL H 138 68.48 5.29 3.01
CA VAL H 138 69.57 4.49 3.54
C VAL H 138 69.08 3.66 4.73
N SER I 7 36.80 -21.68 -43.96
CA SER I 7 38.06 -22.37 -44.18
C SER I 7 38.85 -22.50 -42.88
N SER I 8 39.69 -21.51 -42.62
CA SER I 8 40.50 -21.46 -41.41
C SER I 8 39.84 -20.56 -40.38
N ILE I 9 40.39 -20.58 -39.16
CA ILE I 9 39.86 -19.83 -38.03
C ILE I 9 40.89 -18.80 -37.62
N VAL I 10 40.46 -17.55 -37.50
CA VAL I 10 41.32 -16.45 -37.05
C VAL I 10 40.75 -15.92 -35.75
N CYS I 11 41.54 -15.95 -34.69
CA CYS I 11 41.12 -15.55 -33.37
C CYS I 11 42.06 -14.48 -32.82
N ASP I 12 41.47 -13.40 -32.30
CA ASP I 12 42.23 -12.30 -31.70
C ASP I 12 41.76 -12.17 -30.25
N ASN I 13 42.57 -12.66 -29.31
CA ASN I 13 42.17 -12.70 -27.91
C ASN I 13 41.94 -11.30 -27.36
N GLY I 14 42.85 -10.37 -27.65
CA GLY I 14 42.70 -9.03 -27.11
C GLY I 14 42.88 -9.01 -25.60
N SER I 15 42.34 -7.96 -24.99
CA SER I 15 42.36 -7.79 -23.54
C SER I 15 40.97 -7.67 -22.93
N GLY I 16 40.05 -7.01 -23.61
CA GLY I 16 38.69 -6.89 -23.12
C GLY I 16 37.68 -7.71 -23.88
N MET I 17 37.84 -7.79 -25.19
CA MET I 17 36.90 -8.51 -26.05
C MET I 17 37.65 -9.46 -26.95
N VAL I 18 36.94 -10.51 -27.40
CA VAL I 18 37.51 -11.55 -28.24
C VAL I 18 36.89 -11.45 -29.62
N LYS I 19 37.74 -11.42 -30.65
CA LYS I 19 37.30 -11.38 -32.04
C LYS I 19 37.60 -12.72 -32.68
N ALA I 20 36.60 -13.32 -33.32
CA ALA I 20 36.73 -14.61 -33.97
C ALA I 20 35.96 -14.61 -35.27
N GLY I 21 36.36 -15.50 -36.18
CA GLY I 21 35.73 -15.58 -37.47
C GLY I 21 36.47 -16.55 -38.37
N PHE I 22 36.12 -16.50 -39.65
CA PHE I 22 36.72 -17.35 -40.68
C PHE I 22 37.53 -16.50 -41.64
N SER I 23 38.63 -17.08 -42.13
CA SER I 23 39.52 -16.36 -43.03
C SER I 23 38.82 -16.05 -44.34
N GLY I 24 39.11 -14.86 -44.88
CA GLY I 24 38.51 -14.39 -46.11
C GLY I 24 37.42 -13.35 -45.90
N ASP I 25 36.89 -13.23 -44.69
CA ASP I 25 35.88 -12.23 -44.40
C ASP I 25 36.51 -10.85 -44.28
N ASP I 26 35.67 -9.82 -44.46
CA ASP I 26 36.13 -8.44 -44.34
C ASP I 26 35.96 -7.87 -42.93
N ALA I 27 35.31 -8.61 -42.02
CA ALA I 27 35.11 -8.15 -40.66
C ALA I 27 34.75 -9.35 -39.79
N PRO I 28 35.14 -9.36 -38.53
CA PRO I 28 34.77 -10.47 -37.65
C PRO I 28 33.27 -10.51 -37.41
N ARG I 29 32.75 -11.73 -37.21
CA ARG I 29 31.33 -11.93 -36.99
C ARG I 29 30.98 -12.20 -35.54
N HIS I 30 31.95 -12.56 -34.70
CA HIS I 30 31.71 -12.91 -33.31
C HIS I 30 32.58 -12.05 -32.42
N VAL I 31 31.97 -11.15 -31.66
CA VAL I 31 32.66 -10.32 -30.69
C VAL I 31 31.94 -10.43 -29.35
N PHE I 32 32.68 -10.79 -28.31
CA PHE I 32 32.12 -10.95 -26.99
C PHE I 32 33.21 -10.69 -25.96
N PRO I 33 32.85 -10.14 -24.80
CA PRO I 33 33.86 -9.87 -23.77
C PRO I 33 34.47 -11.14 -23.21
N SER I 34 35.73 -11.03 -22.78
CA SER I 34 36.48 -12.16 -22.24
C SER I 34 36.45 -12.07 -20.72
N ILE I 35 35.34 -12.55 -20.14
CA ILE I 35 35.16 -12.56 -18.69
C ILE I 35 34.66 -13.93 -18.27
N VAL I 36 34.93 -14.28 -17.01
CA VAL I 36 34.48 -15.53 -16.41
C VAL I 36 33.75 -15.20 -15.12
N GLY I 37 32.54 -15.73 -14.97
CA GLY I 37 31.71 -15.45 -13.81
C GLY I 37 31.43 -16.70 -13.01
N ARG I 38 31.38 -16.54 -11.69
CA ARG I 38 31.07 -17.60 -10.74
C ARG I 38 30.04 -17.09 -9.74
N PRO I 39 29.23 -17.99 -9.17
CA PRO I 39 28.21 -17.55 -8.22
C PRO I 39 28.80 -16.85 -7.01
N LYS I 40 28.08 -15.86 -6.51
CA LYS I 40 28.54 -15.04 -5.40
C LYS I 40 28.80 -15.88 -4.15
N LYS I 51 24.63 -24.03 -13.61
CA LYS I 51 25.95 -23.84 -14.21
C LYS I 51 26.96 -23.40 -13.17
N THR I 52 28.05 -24.16 -13.04
CA THR I 52 29.09 -23.81 -12.08
C THR I 52 29.77 -22.50 -12.47
N VAL I 53 30.06 -22.32 -13.75
CA VAL I 53 30.74 -21.12 -14.24
C VAL I 53 29.98 -20.57 -15.44
N TYR I 54 30.17 -19.28 -15.69
CA TYR I 54 29.57 -18.58 -16.82
C TYR I 54 30.64 -17.84 -17.57
N VAL I 55 30.63 -17.94 -18.90
CA VAL I 55 31.67 -17.36 -19.75
C VAL I 55 31.00 -16.49 -20.81
N GLY I 56 31.55 -15.30 -21.01
CA GLY I 56 31.07 -14.42 -22.07
C GLY I 56 29.80 -13.67 -21.71
N ASP I 57 28.87 -13.56 -22.66
CA ASP I 57 27.62 -12.86 -22.41
C ASP I 57 26.73 -13.59 -21.41
N GLU I 58 26.98 -14.87 -21.17
CA GLU I 58 26.21 -15.59 -20.15
C GLU I 58 26.43 -14.99 -18.78
N ALA I 59 27.68 -14.66 -18.44
CA ALA I 59 27.96 -14.01 -17.17
C ALA I 59 27.54 -12.54 -17.19
N GLN I 60 27.54 -11.92 -18.37
CA GLN I 60 27.16 -10.52 -18.46
C GLN I 60 25.69 -10.31 -18.11
N SER I 61 24.82 -11.22 -18.57
CA SER I 61 23.40 -11.08 -18.27
C SER I 61 23.12 -11.23 -16.78
N LYS I 62 23.79 -12.17 -16.12
CA LYS I 62 23.62 -12.40 -14.70
C LYS I 62 24.70 -11.71 -13.88
N ARG I 63 25.17 -10.55 -14.34
CA ARG I 63 26.30 -9.87 -13.70
C ARG I 63 25.98 -9.41 -12.28
N GLY I 64 24.69 -9.32 -11.92
CA GLY I 64 24.34 -8.83 -10.60
C GLY I 64 24.76 -9.76 -9.47
N VAL I 65 24.63 -11.07 -9.69
CA VAL I 65 24.89 -12.05 -8.65
C VAL I 65 26.12 -12.90 -8.96
N LEU I 66 27.05 -12.39 -9.77
CA LEU I 66 28.25 -13.13 -10.14
C LEU I 66 29.49 -12.27 -9.90
N SER I 67 30.58 -12.92 -9.54
CA SER I 67 31.87 -12.27 -9.41
C SER I 67 32.67 -12.50 -10.69
N LEU I 68 33.21 -11.42 -11.25
CA LEU I 68 33.85 -11.45 -12.55
C LEU I 68 35.36 -11.32 -12.42
N LYS I 69 36.08 -12.13 -13.17
CA LYS I 69 37.53 -12.07 -13.24
C LYS I 69 37.96 -12.08 -14.70
N TYR I 70 39.11 -11.45 -14.97
CA TYR I 70 39.61 -11.35 -16.34
C TYR I 70 40.77 -12.32 -16.53
N PRO I 71 40.61 -13.41 -17.28
CA PRO I 71 41.76 -14.28 -17.54
C PRO I 71 42.91 -13.57 -18.23
N ILE I 72 42.61 -12.66 -19.14
CA ILE I 72 43.61 -11.85 -19.83
C ILE I 72 43.28 -10.39 -19.58
N GLU I 73 44.10 -9.74 -18.77
CA GLU I 73 44.03 -8.29 -18.59
C GLU I 73 45.44 -7.73 -18.74
N HIS I 74 45.52 -6.49 -19.23
CA HIS I 74 46.76 -5.80 -19.53
C HIS I 74 47.56 -6.48 -20.64
N GLY I 75 46.93 -7.39 -21.39
CA GLY I 75 47.55 -8.01 -22.55
C GLY I 75 48.31 -9.29 -22.30
N ILE I 76 48.45 -9.72 -21.05
CA ILE I 76 49.23 -10.91 -20.72
C ILE I 76 48.34 -11.88 -19.96
N VAL I 77 48.42 -13.17 -20.34
CA VAL I 77 47.60 -14.19 -19.70
C VAL I 77 48.00 -14.33 -18.25
N THR I 78 47.01 -14.30 -17.35
CA THR I 78 47.26 -14.43 -15.92
C THR I 78 46.86 -15.77 -15.34
N ASN I 79 45.83 -16.42 -15.90
CA ASN I 79 45.36 -17.71 -15.39
C ASN I 79 45.02 -18.58 -16.59
N TRP I 80 45.78 -19.67 -16.78
CA TRP I 80 45.52 -20.55 -17.91
C TRP I 80 44.29 -21.42 -17.68
N ASP I 81 43.96 -21.71 -16.42
CA ASP I 81 42.79 -22.54 -16.13
C ASP I 81 41.51 -21.86 -16.60
N ASP I 82 41.37 -20.56 -16.34
CA ASP I 82 40.18 -19.82 -16.79
C ASP I 82 40.30 -19.36 -18.23
N MET I 83 41.49 -19.38 -18.82
CA MET I 83 41.64 -19.00 -20.21
C MET I 83 41.18 -20.11 -21.15
N GLU I 84 41.35 -21.37 -20.76
CA GLU I 84 40.91 -22.48 -21.60
C GLU I 84 39.40 -22.47 -21.79
N LYS I 85 38.65 -22.00 -20.79
CA LYS I 85 37.21 -21.90 -20.95
C LYS I 85 36.82 -20.87 -22.00
N ILE I 86 37.63 -19.82 -22.18
CA ILE I 86 37.35 -18.82 -23.21
C ILE I 86 37.45 -19.45 -24.59
N TRP I 87 38.49 -20.25 -24.83
CA TRP I 87 38.64 -20.90 -26.13
C TRP I 87 37.59 -21.98 -26.34
N HIS I 88 37.26 -22.74 -25.29
CA HIS I 88 36.24 -23.77 -25.41
C HIS I 88 34.89 -23.16 -25.74
N HIS I 89 34.57 -22.01 -25.15
CA HIS I 89 33.32 -21.31 -25.45
C HIS I 89 33.30 -20.86 -26.90
N THR I 90 34.43 -20.38 -27.42
CA THR I 90 34.46 -19.85 -28.78
C THR I 90 34.23 -20.95 -29.82
N PHE I 91 34.90 -22.10 -29.64
CA PHE I 91 34.82 -23.16 -30.64
C PHE I 91 33.42 -23.76 -30.70
N TYR I 92 32.85 -24.11 -29.55
CA TYR I 92 31.59 -24.84 -29.51
C TYR I 92 30.37 -23.92 -29.47
N ASN I 93 30.32 -23.02 -28.49
CA ASN I 93 29.14 -22.18 -28.33
C ASN I 93 29.06 -21.10 -29.39
N GLU I 94 30.20 -20.51 -29.74
CA GLU I 94 30.20 -19.35 -30.63
C GLU I 94 30.39 -19.72 -32.09
N LEU I 95 31.53 -20.35 -32.42
CA LEU I 95 31.80 -20.73 -33.80
C LEU I 95 31.00 -21.96 -34.23
N ARG I 96 30.75 -22.88 -33.29
CA ARG I 96 30.01 -24.12 -33.57
C ARG I 96 30.70 -24.96 -34.64
N VAL I 97 32.00 -25.19 -34.44
CA VAL I 97 32.80 -26.00 -35.34
C VAL I 97 33.66 -26.95 -34.52
N ASN I 98 34.11 -28.02 -35.19
CA ASN I 98 35.01 -28.98 -34.54
C ASN I 98 36.43 -28.44 -34.58
N PRO I 99 37.11 -28.33 -33.43
CA PRO I 99 38.49 -27.81 -33.44
C PRO I 99 39.47 -28.70 -34.16
N GLU I 100 39.16 -29.98 -34.38
CA GLU I 100 40.09 -30.92 -34.99
C GLU I 100 39.88 -31.03 -36.50
N GLN I 101 39.19 -30.07 -37.12
CA GLN I 101 38.99 -30.11 -38.56
C GLN I 101 39.30 -28.78 -39.24
N HIS I 102 39.96 -27.85 -38.57
CA HIS I 102 40.23 -26.53 -39.13
C HIS I 102 41.61 -26.07 -38.69
N ASN I 103 42.15 -25.08 -39.41
CA ASN I 103 43.41 -24.45 -39.06
C ASN I 103 43.14 -23.18 -38.26
N VAL I 104 43.89 -23.00 -37.19
CA VAL I 104 43.67 -21.89 -36.26
C VAL I 104 44.89 -20.99 -36.27
N LEU I 105 44.66 -19.69 -36.42
CA LEU I 105 45.70 -18.67 -36.36
C LEU I 105 45.49 -17.81 -35.12
N LEU I 106 46.53 -17.68 -34.31
CA LEU I 106 46.46 -16.94 -33.06
C LEU I 106 47.45 -15.76 -33.10
N THR I 107 47.20 -14.79 -32.22
CA THR I 107 48.06 -13.62 -32.08
C THR I 107 48.47 -13.47 -30.63
N GLU I 108 49.63 -12.86 -30.41
CA GLU I 108 50.17 -12.64 -29.08
C GLU I 108 50.60 -11.19 -28.92
N ALA I 109 50.53 -10.71 -27.68
CA ALA I 109 50.91 -9.34 -27.38
C ALA I 109 52.42 -9.17 -27.46
N PRO I 110 52.89 -7.93 -27.68
CA PRO I 110 54.34 -7.69 -27.70
C PRO I 110 54.99 -7.99 -26.36
N MET I 111 56.27 -8.35 -26.41
CA MET I 111 57.05 -8.70 -25.22
C MET I 111 56.42 -9.86 -24.46
N ASN I 112 55.91 -10.83 -25.21
CA ASN I 112 55.28 -12.01 -24.59
C ASN I 112 56.35 -13.02 -24.21
N PRO I 113 56.42 -13.45 -22.95
CA PRO I 113 57.41 -14.47 -22.56
C PRO I 113 57.21 -15.77 -23.33
N LYS I 114 58.32 -16.46 -23.59
CA LYS I 114 58.28 -17.70 -24.35
C LYS I 114 57.54 -18.80 -23.62
N GLN I 115 57.42 -18.72 -22.30
CA GLN I 115 56.68 -19.73 -21.56
C GLN I 115 55.21 -19.72 -21.95
N ASN I 116 54.62 -18.54 -22.13
CA ASN I 116 53.23 -18.45 -22.56
C ASN I 116 53.07 -19.02 -23.96
N ARG I 117 54.00 -18.73 -24.86
CA ARG I 117 53.91 -19.23 -26.23
C ARG I 117 53.99 -20.76 -26.25
N GLU I 118 54.89 -21.34 -25.45
CA GLU I 118 55.01 -22.79 -25.39
C GLU I 118 53.75 -23.44 -24.83
N LYS I 119 53.15 -22.82 -23.81
CA LYS I 119 51.92 -23.36 -23.25
C LYS I 119 50.73 -23.14 -24.18
N MET I 120 50.75 -22.05 -24.95
CA MET I 120 49.64 -21.78 -25.87
C MET I 120 49.53 -22.84 -26.95
N THR I 121 50.67 -23.26 -27.51
CA THR I 121 50.64 -24.28 -28.55
C THR I 121 50.43 -25.67 -27.98
N GLN I 122 50.83 -25.89 -26.71
CA GLN I 122 50.60 -27.20 -26.09
C GLN I 122 49.11 -27.48 -25.92
N ILE I 123 48.34 -26.46 -25.53
CA ILE I 123 46.91 -26.66 -25.31
C ILE I 123 46.21 -27.00 -26.62
N MET I 124 46.54 -26.29 -27.70
CA MET I 124 45.86 -26.51 -28.97
C MET I 124 46.10 -27.91 -29.51
N PHE I 125 47.34 -28.38 -29.43
CA PHE I 125 47.67 -29.69 -29.97
C PHE I 125 47.16 -30.83 -29.10
N GLU I 126 47.25 -30.69 -27.78
CA GLU I 126 46.94 -31.78 -26.87
C GLU I 126 45.48 -31.81 -26.44
N THR I 127 44.86 -30.65 -26.22
CA THR I 127 43.49 -30.62 -25.74
C THR I 127 42.48 -30.54 -26.88
N PHE I 128 42.63 -29.56 -27.77
CA PHE I 128 41.71 -29.38 -28.88
C PHE I 128 42.09 -30.16 -30.12
N ASN I 129 43.28 -30.76 -30.14
CA ASN I 129 43.75 -31.58 -31.28
C ASN I 129 43.70 -30.80 -32.59
N VAL I 130 44.17 -29.56 -32.55
CA VAL I 130 44.18 -28.72 -33.75
C VAL I 130 45.21 -29.29 -34.73
N PRO I 131 44.83 -29.51 -35.99
CA PRO I 131 45.78 -30.10 -36.95
C PRO I 131 46.94 -29.17 -37.30
N SER I 132 46.64 -27.91 -37.59
CA SER I 132 47.66 -26.93 -37.97
C SER I 132 47.49 -25.67 -37.15
N LEU I 133 48.61 -25.10 -36.69
CA LEU I 133 48.60 -23.92 -35.84
C LEU I 133 49.64 -22.93 -36.33
N TYR I 134 49.35 -21.64 -36.13
CA TYR I 134 50.28 -20.57 -36.46
C TYR I 134 50.03 -19.40 -35.53
N ILE I 135 51.12 -18.78 -35.07
CA ILE I 135 51.06 -17.68 -34.14
C ILE I 135 51.73 -16.47 -34.77
N GLY I 136 51.02 -15.34 -34.79
CA GLY I 136 51.53 -14.11 -35.35
C GLY I 136 51.77 -13.04 -34.29
N ILE I 137 52.22 -11.89 -34.77
CA ILE I 137 52.51 -10.74 -33.92
C ILE I 137 51.50 -9.64 -34.25
N GLN I 138 50.85 -9.10 -33.22
CA GLN I 138 49.81 -8.11 -33.43
C GLN I 138 50.36 -6.84 -34.09
N ALA I 139 51.52 -6.36 -33.62
CA ALA I 139 52.10 -5.14 -34.17
C ALA I 139 52.48 -5.31 -35.64
N VAL I 140 53.06 -6.46 -35.98
CA VAL I 140 53.51 -6.68 -37.36
C VAL I 140 52.32 -6.75 -38.30
N LEU I 141 51.27 -7.49 -37.92
CA LEU I 141 50.11 -7.63 -38.79
C LEU I 141 49.41 -6.30 -39.01
N SER I 142 49.33 -5.46 -37.98
CA SER I 142 48.69 -4.16 -38.12
C SER I 142 49.49 -3.24 -39.05
N LEU I 143 50.82 -3.33 -39.00
CA LEU I 143 51.65 -2.46 -39.82
C LEU I 143 51.59 -2.86 -41.29
N TYR I 144 51.62 -4.17 -41.57
CA TYR I 144 51.62 -4.62 -42.96
C TYR I 144 50.32 -4.25 -43.68
N SER I 145 49.20 -4.32 -42.96
CA SER I 145 47.92 -4.00 -43.59
C SER I 145 47.83 -2.54 -44.00
N SER I 146 48.71 -1.68 -43.49
CA SER I 146 48.76 -0.28 -43.86
C SER I 146 49.69 -0.01 -45.03
N GLY I 147 50.23 -1.05 -45.65
CA GLY I 147 51.16 -0.88 -46.76
C GLY I 147 52.48 -0.25 -46.36
N ARG I 148 53.07 -0.70 -45.25
CA ARG I 148 54.33 -0.16 -44.77
C ARG I 148 55.17 -1.29 -44.18
N THR I 149 56.48 -1.05 -44.09
CA THR I 149 57.41 -1.98 -43.50
C THR I 149 58.18 -1.42 -42.31
N THR I 150 58.44 -0.11 -42.28
CA THR I 150 59.11 0.54 -41.18
C THR I 150 58.20 1.61 -40.60
N GLY I 151 58.09 1.65 -39.28
CA GLY I 151 57.27 2.64 -38.62
C GLY I 151 57.11 2.32 -37.15
N ILE I 152 56.27 3.13 -36.50
CA ILE I 152 55.96 2.97 -35.08
C ILE I 152 54.45 2.84 -34.95
N VAL I 153 54.00 1.83 -34.22
CA VAL I 153 52.58 1.48 -34.11
C VAL I 153 52.09 1.86 -32.73
N LEU I 154 51.06 2.69 -32.67
CA LEU I 154 50.42 3.08 -31.43
C LEU I 154 49.11 2.30 -31.30
N ASP I 155 49.09 1.32 -30.40
CA ASP I 155 47.94 0.47 -30.18
C ASP I 155 47.25 0.89 -28.88
N ALA I 156 45.97 1.22 -28.96
CA ALA I 156 45.18 1.64 -27.82
C ALA I 156 43.97 0.73 -27.68
N GLY I 157 44.06 -0.24 -26.78
CA GLY I 157 42.96 -1.15 -26.54
C GLY I 157 42.02 -0.65 -25.46
N ASP I 158 41.75 -1.47 -24.46
CA ASP I 158 40.96 -1.04 -23.31
C ASP I 158 41.67 -1.28 -21.98
N GLY I 159 42.40 -2.38 -21.86
CA GLY I 159 43.10 -2.67 -20.62
C GLY I 159 44.57 -2.34 -20.64
N VAL I 160 45.11 -2.02 -21.82
CA VAL I 160 46.53 -1.78 -22.01
C VAL I 160 46.73 -1.01 -23.32
N THR I 161 47.87 -0.33 -23.43
CA THR I 161 48.25 0.35 -24.65
C THR I 161 49.74 0.16 -24.87
N HIS I 162 50.16 0.07 -26.13
CA HIS I 162 51.54 -0.20 -26.48
C HIS I 162 52.03 0.78 -27.54
N THR I 163 53.35 0.92 -27.61
CA THR I 163 54.03 1.63 -28.70
C THR I 163 55.17 0.75 -29.17
N VAL I 164 55.02 0.16 -30.35
CA VAL I 164 56.00 -0.80 -30.86
C VAL I 164 56.65 -0.25 -32.13
N PRO I 165 57.90 0.22 -32.06
CA PRO I 165 58.60 0.63 -33.28
C PRO I 165 59.10 -0.59 -34.05
N ILE I 166 58.87 -0.59 -35.36
CA ILE I 166 59.23 -1.70 -36.23
C ILE I 166 60.14 -1.18 -37.32
N TYR I 167 61.27 -1.85 -37.53
CA TYR I 167 62.24 -1.45 -38.55
C TYR I 167 62.54 -2.65 -39.43
N GLU I 168 62.22 -2.54 -40.72
CA GLU I 168 62.48 -3.59 -41.71
C GLU I 168 61.86 -4.92 -41.30
N GLY I 169 60.64 -4.86 -40.76
CA GLY I 169 59.90 -6.05 -40.41
C GLY I 169 60.27 -6.68 -39.09
N TYR I 170 61.23 -6.12 -38.36
CA TYR I 170 61.63 -6.62 -37.06
C TYR I 170 61.44 -5.53 -36.02
N SER I 171 60.72 -5.87 -34.94
CA SER I 171 60.49 -4.92 -33.86
C SER I 171 61.75 -4.75 -33.02
N LEU I 172 61.81 -3.63 -32.30
CA LEU I 172 62.95 -3.33 -31.44
C LEU I 172 62.56 -3.62 -30.00
N PRO I 173 63.13 -4.66 -29.37
CA PRO I 173 62.65 -5.04 -28.03
C PRO I 173 62.92 -4.02 -26.95
N HIS I 174 63.81 -3.06 -27.17
CA HIS I 174 64.23 -2.13 -26.13
C HIS I 174 63.51 -0.79 -26.20
N ALA I 175 62.44 -0.67 -26.99
CA ALA I 175 61.70 0.57 -27.10
C ALA I 175 60.19 0.31 -27.02
N VAL I 176 59.79 -0.73 -26.29
CA VAL I 176 58.38 -1.08 -26.11
C VAL I 176 57.96 -0.63 -24.72
N ARG I 177 56.80 0.04 -24.64
CA ARG I 177 56.32 0.59 -23.39
C ARG I 177 54.86 0.20 -23.18
N ARG I 178 54.46 0.23 -21.90
CA ARG I 178 53.08 -0.01 -21.49
C ARG I 178 52.65 1.09 -20.52
N VAL I 179 51.36 1.42 -20.56
CA VAL I 179 50.83 2.44 -19.67
C VAL I 179 49.72 1.84 -18.80
N ASP I 180 49.06 0.81 -19.32
CA ASP I 180 47.93 0.16 -18.64
C ASP I 180 46.82 1.18 -18.32
N MET I 181 46.59 2.10 -19.25
CA MET I 181 45.55 3.11 -19.12
C MET I 181 44.93 3.30 -20.50
N ALA I 182 43.70 2.83 -20.67
CA ALA I 182 43.06 2.83 -21.98
C ALA I 182 41.56 2.99 -21.79
N GLY I 183 40.78 2.62 -22.80
CA GLY I 183 39.36 2.92 -22.83
C GLY I 183 38.55 2.38 -21.68
N ARG I 184 39.03 1.33 -21.01
CA ARG I 184 38.31 0.81 -19.85
C ARG I 184 38.23 1.85 -18.74
N ASP I 185 39.34 2.55 -18.47
CA ASP I 185 39.33 3.57 -17.44
C ASP I 185 38.53 4.79 -17.86
N LEU I 186 38.38 5.02 -19.17
CA LEU I 186 37.58 6.15 -19.64
C LEU I 186 36.11 5.97 -19.28
N THR I 187 35.61 4.73 -19.35
CA THR I 187 34.22 4.48 -18.99
C THR I 187 33.98 4.78 -17.52
N GLU I 188 34.90 4.36 -16.65
CA GLU I 188 34.75 4.62 -15.21
C GLU I 188 34.81 6.11 -14.92
N TYR I 189 35.72 6.84 -15.57
CA TYR I 189 35.81 8.27 -15.36
C TYR I 189 34.56 8.98 -15.85
N LEU I 190 34.03 8.55 -17.00
CA LEU I 190 32.79 9.14 -17.50
C LEU I 190 31.62 8.84 -16.57
N MET I 191 31.58 7.63 -16.02
CA MET I 191 30.50 7.27 -15.10
C MET I 191 30.57 8.11 -13.82
N LYS I 192 31.78 8.33 -13.31
CA LYS I 192 31.91 9.10 -12.07
C LYS I 192 31.50 10.55 -12.27
N ILE I 193 31.92 11.18 -13.38
CA ILE I 193 31.58 12.57 -13.62
C ILE I 193 30.16 12.78 -14.10
N MET I 194 29.42 11.69 -14.35
CA MET I 194 28.03 11.80 -14.72
C MET I 194 27.11 12.01 -13.53
N MET I 195 27.59 11.77 -12.30
CA MET I 195 26.79 11.98 -11.11
C MET I 195 26.58 13.46 -10.78
N GLU I 196 27.36 14.36 -11.40
CA GLU I 196 27.19 15.79 -11.14
C GLU I 196 25.82 16.28 -11.58
N THR I 197 25.23 15.64 -12.59
CA THR I 197 23.89 15.97 -13.06
C THR I 197 22.81 15.11 -12.41
N GLY I 198 23.08 14.59 -11.21
CA GLY I 198 22.12 13.76 -10.52
C GLY I 198 22.21 12.30 -10.93
N THR I 199 21.30 11.51 -10.37
CA THR I 199 21.18 10.08 -10.62
C THR I 199 22.46 9.33 -10.25
N THR I 200 22.52 8.04 -10.58
CA THR I 200 23.68 7.22 -10.29
C THR I 200 23.70 6.03 -11.25
N PHE I 201 24.87 5.42 -11.37
CA PHE I 201 25.06 4.29 -12.29
C PHE I 201 25.89 3.20 -11.61
N THR I 202 25.57 2.88 -10.36
CA THR I 202 26.35 1.89 -9.62
C THR I 202 26.17 0.49 -10.20
N THR I 203 24.94 0.10 -10.50
CA THR I 203 24.68 -1.26 -10.93
C THR I 203 25.26 -1.53 -12.32
N THR I 204 25.54 -2.81 -12.58
CA THR I 204 26.14 -3.20 -13.85
C THR I 204 25.19 -3.05 -15.02
N ALA I 205 23.88 -2.99 -14.76
CA ALA I 205 22.93 -2.78 -15.84
C ALA I 205 23.12 -1.42 -16.49
N GLU I 206 23.37 -0.38 -15.68
CA GLU I 206 23.61 0.95 -16.20
C GLU I 206 25.05 1.16 -16.65
N LYS I 207 25.97 0.27 -16.28
CA LYS I 207 27.34 0.39 -16.75
C LYS I 207 27.43 0.23 -18.26
N GLU I 208 26.67 -0.72 -18.80
CA GLU I 208 26.64 -0.90 -20.26
C GLU I 208 26.04 0.31 -20.96
N ILE I 209 25.09 1.00 -20.31
CA ILE I 209 24.51 2.20 -20.88
C ILE I 209 25.55 3.29 -21.01
N VAL I 210 26.41 3.45 -20.00
CA VAL I 210 27.45 4.47 -20.05
C VAL I 210 28.42 4.20 -21.19
N ARG I 211 28.73 2.92 -21.43
CA ARG I 211 29.65 2.57 -22.51
C ARG I 211 29.09 2.98 -23.86
N ASN I 212 27.79 2.79 -24.08
CA ASN I 212 27.18 3.19 -25.35
C ASN I 212 27.24 4.70 -25.56
N VAL I 213 27.13 5.47 -24.48
CA VAL I 213 27.24 6.93 -24.60
C VAL I 213 28.65 7.31 -25.04
N LYS I 214 29.67 6.62 -24.51
CA LYS I 214 31.04 6.93 -24.87
C LYS I 214 31.31 6.70 -26.35
N GLU I 215 30.74 5.64 -26.92
CA GLU I 215 31.03 5.23 -28.28
C GLU I 215 30.16 5.95 -29.32
N GLN I 216 29.27 6.84 -28.90
CA GLN I 216 28.36 7.47 -29.84
C GLN I 216 28.41 9.00 -29.78
N LEU I 217 28.64 9.55 -28.59
CA LEU I 217 28.57 10.99 -28.40
C LEU I 217 29.91 11.64 -28.07
N CYS I 218 30.83 10.93 -27.43
CA CYS I 218 32.08 11.54 -27.01
C CYS I 218 32.96 11.87 -28.22
N TYR I 219 33.69 12.98 -28.12
CA TYR I 219 34.61 13.41 -29.16
C TYR I 219 35.75 14.19 -28.53
N VAL I 220 36.86 14.28 -29.25
CA VAL I 220 38.05 14.97 -28.77
C VAL I 220 37.98 16.43 -29.21
N ALA I 221 38.17 17.34 -28.25
CA ALA I 221 38.15 18.77 -28.53
C ALA I 221 39.57 19.23 -28.88
N LEU I 222 39.66 20.06 -29.93
CA LEU I 222 40.97 20.53 -30.37
C LEU I 222 41.62 21.42 -29.32
N ASP I 223 40.85 22.32 -28.71
CA ASP I 223 41.35 23.22 -27.67
C ASP I 223 40.55 22.97 -26.40
N PHE I 224 41.19 22.33 -25.42
CA PHE I 224 40.47 21.94 -24.21
C PHE I 224 40.05 23.15 -23.39
N GLU I 225 40.94 24.13 -23.21
CA GLU I 225 40.62 25.28 -22.37
C GLU I 225 39.51 26.13 -22.99
N GLU I 226 39.54 26.33 -24.30
CA GLU I 226 38.53 27.15 -24.95
C GLU I 226 37.14 26.54 -24.85
N GLU I 227 37.05 25.22 -25.02
CA GLU I 227 35.74 24.56 -24.99
C GLU I 227 35.11 24.63 -23.61
N MET I 228 35.92 24.49 -22.55
CA MET I 228 35.38 24.50 -21.19
C MET I 228 34.72 25.83 -20.86
N THR I 229 35.36 26.95 -21.24
CA THR I 229 34.81 28.25 -20.90
C THR I 229 33.55 28.55 -21.71
N ASN I 230 33.55 28.24 -23.01
CA ASN I 230 32.42 28.57 -23.86
C ASN I 230 31.27 27.58 -23.73
N SER I 231 31.51 26.40 -23.14
CA SER I 231 30.43 25.44 -22.95
C SER I 231 29.42 25.95 -21.92
N ALA I 232 29.90 26.59 -20.86
CA ALA I 232 29.00 27.10 -19.83
C ALA I 232 28.09 28.18 -20.38
N LYS I 233 28.62 29.07 -21.23
CA LYS I 233 27.80 30.11 -21.84
C LYS I 233 26.74 29.51 -22.75
N SER I 234 27.12 28.52 -23.56
CA SER I 234 26.16 27.90 -24.47
C SER I 234 25.20 26.98 -23.72
N ALA I 235 25.71 26.21 -22.76
CA ALA I 235 24.91 25.26 -21.98
C ALA I 235 24.16 24.29 -22.90
N ASN I 236 24.83 23.85 -23.97
CA ASN I 236 24.22 22.93 -24.92
C ASN I 236 24.29 21.50 -24.42
N GLU I 237 23.21 20.76 -24.62
CA GLU I 237 23.13 19.36 -24.23
C GLU I 237 22.47 18.56 -25.34
N GLU I 238 22.75 17.26 -25.35
CA GLU I 238 22.20 16.34 -26.34
C GLU I 238 21.40 15.25 -25.65
N ALA I 239 20.45 14.68 -26.38
CA ALA I 239 19.52 13.70 -25.84
C ALA I 239 19.96 12.29 -26.17
N PHE I 240 19.87 11.41 -25.18
CA PHE I 240 20.15 9.99 -25.34
C PHE I 240 18.98 9.19 -24.79
N GLU I 241 18.60 8.13 -25.50
CA GLU I 241 17.41 7.36 -25.17
C GLU I 241 17.81 6.11 -24.39
N LEU I 242 17.24 5.96 -23.20
CA LEU I 242 17.48 4.79 -22.37
C LEU I 242 16.65 3.61 -22.86
N PRO I 243 17.05 2.38 -22.50
CA PRO I 243 16.23 1.21 -22.89
C PRO I 243 14.82 1.25 -22.36
N ASP I 244 14.59 1.83 -21.18
CA ASP I 244 13.26 1.94 -20.62
C ASP I 244 12.37 2.92 -21.39
N GLY I 245 12.95 3.73 -22.27
CA GLY I 245 12.20 4.72 -23.00
C GLY I 245 12.41 6.14 -22.54
N ASN I 246 12.98 6.33 -21.35
CA ASN I 246 13.27 7.68 -20.87
C ASN I 246 14.43 8.28 -21.66
N VAL I 247 14.48 9.61 -21.65
CA VAL I 247 15.48 10.37 -22.40
C VAL I 247 16.43 11.02 -21.40
N MET I 248 17.72 10.83 -21.63
CA MET I 248 18.76 11.38 -20.76
C MET I 248 19.53 12.46 -21.52
N MET I 249 19.93 13.51 -20.81
CA MET I 249 20.63 14.65 -21.39
C MET I 249 22.10 14.62 -20.97
N VAL I 250 22.99 14.78 -21.96
CA VAL I 250 24.43 14.77 -21.73
C VAL I 250 24.98 16.13 -22.11
N GLY I 251 25.75 16.73 -21.22
CA GLY I 251 26.26 18.07 -21.43
C GLY I 251 27.69 18.14 -21.91
N ASN I 252 28.57 18.69 -21.09
CA ASN I 252 29.98 18.87 -21.45
C ASN I 252 30.83 17.64 -21.19
N GLN I 253 30.25 16.56 -20.67
CA GLN I 253 31.00 15.33 -20.44
C GLN I 253 31.43 14.66 -21.74
N ARG I 254 30.91 15.09 -22.88
CA ARG I 254 31.25 14.45 -24.15
C ARG I 254 32.73 14.61 -24.47
N PHE I 255 33.27 15.81 -24.27
CA PHE I 255 34.66 16.07 -24.61
C PHE I 255 35.60 16.03 -23.41
N ARG I 256 35.06 15.93 -22.19
CA ARG I 256 35.93 15.82 -21.02
C ARG I 256 36.49 14.42 -20.86
N CYS I 257 35.71 13.39 -21.23
CA CYS I 257 36.17 12.01 -21.06
C CYS I 257 37.40 11.68 -21.90
N PRO I 258 37.46 11.97 -23.20
CA PRO I 258 38.66 11.60 -23.97
C PRO I 258 39.90 12.39 -23.61
N GLU I 259 39.76 13.51 -22.88
CA GLU I 259 40.92 14.31 -22.53
C GLU I 259 41.86 13.59 -21.55
N VAL I 260 41.38 12.52 -20.90
CA VAL I 260 42.22 11.78 -19.97
C VAL I 260 43.40 11.14 -20.70
N LEU I 261 43.21 10.78 -21.97
CA LEU I 261 44.29 10.15 -22.73
C LEU I 261 45.49 11.07 -22.88
N PHE I 262 45.25 12.35 -23.16
CA PHE I 262 46.35 13.29 -23.36
C PHE I 262 46.98 13.71 -22.04
N LYS I 263 46.18 13.89 -20.99
CA LYS I 263 46.67 14.26 -19.66
C LYS I 263 46.11 13.26 -18.64
N PRO I 264 46.81 12.17 -18.38
CA PRO I 264 46.32 11.15 -17.46
C PRO I 264 46.38 11.52 -15.99
N SER I 265 46.67 12.78 -15.65
CA SER I 265 46.69 13.18 -14.25
C SER I 265 45.30 13.37 -13.68
N LEU I 266 44.27 13.44 -14.54
CA LEU I 266 42.91 13.64 -14.06
C LEU I 266 42.38 12.42 -13.32
N ILE I 267 42.98 11.26 -13.49
CA ILE I 267 42.56 10.04 -12.81
C ILE I 267 43.58 9.60 -11.78
N GLY I 268 44.43 10.51 -11.31
CA GLY I 268 45.40 10.20 -10.29
C GLY I 268 46.69 9.58 -10.80
N LEU I 269 46.88 9.50 -12.11
CA LEU I 269 48.10 8.94 -12.70
C LEU I 269 49.01 10.11 -13.08
N ASP I 270 49.78 10.59 -12.11
CA ASP I 270 50.70 11.70 -12.38
C ASP I 270 51.92 11.23 -13.17
N GLU I 271 52.41 10.02 -12.88
CA GLU I 271 53.61 9.52 -13.54
C GLU I 271 53.35 9.06 -14.98
N ALA I 272 52.11 8.76 -15.34
CA ALA I 272 51.81 8.29 -16.68
C ALA I 272 52.09 9.41 -17.69
N PRO I 273 52.74 9.12 -18.81
CA PRO I 273 53.14 10.18 -19.73
C PRO I 273 52.03 10.69 -20.65
N GLY I 274 51.14 9.79 -21.06
CA GLY I 274 50.13 10.13 -22.05
C GLY I 274 50.58 9.80 -23.46
N PHE I 275 49.64 9.95 -24.39
CA PHE I 275 49.92 9.57 -25.78
C PHE I 275 51.06 10.36 -26.42
N PRO I 276 51.06 11.70 -26.43
CA PRO I 276 52.16 12.40 -27.11
C PRO I 276 53.53 12.14 -26.51
N GLU I 277 53.60 11.98 -25.19
CA GLU I 277 54.90 11.72 -24.55
C GLU I 277 55.33 10.28 -24.72
N MET I 278 54.39 9.34 -24.79
CA MET I 278 54.75 7.93 -24.94
C MET I 278 55.46 7.69 -26.27
N VAL I 279 54.97 8.31 -27.34
CA VAL I 279 55.62 8.15 -28.65
C VAL I 279 57.00 8.80 -28.64
N TYR I 280 57.12 9.99 -28.07
CA TYR I 280 58.39 10.72 -28.08
C TYR I 280 59.46 9.96 -27.31
N GLN I 281 59.11 9.40 -26.15
CA GLN I 281 60.11 8.69 -25.34
C GLN I 281 60.49 7.35 -25.96
N SER I 282 59.59 6.75 -26.73
CA SER I 282 59.89 5.46 -27.35
C SER I 282 60.82 5.62 -28.55
N ILE I 283 60.67 6.71 -29.30
CA ILE I 283 61.52 6.95 -30.47
C ILE I 283 62.97 7.18 -30.04
N ASN I 284 63.17 7.97 -28.99
CA ASN I 284 64.51 8.34 -28.56
C ASN I 284 65.29 7.18 -27.96
N LYS I 285 64.65 6.04 -27.71
CA LYS I 285 65.34 4.85 -27.24
C LYS I 285 65.97 4.05 -28.38
N CYS I 286 65.80 4.49 -29.62
CA CYS I 286 66.30 3.80 -30.80
C CYS I 286 67.59 4.47 -31.29
N ASP I 287 68.13 3.94 -32.38
CA ASP I 287 69.34 4.51 -32.97
C ASP I 287 69.08 5.90 -33.52
N ILE I 288 70.11 6.74 -33.49
CA ILE I 288 69.95 8.14 -33.85
C ILE I 288 69.61 8.29 -35.33
N ASP I 289 70.24 7.49 -36.19
CA ASP I 289 70.01 7.60 -37.62
C ASP I 289 68.66 7.04 -38.07
N VAL I 290 67.96 6.31 -37.21
CA VAL I 290 66.66 5.74 -37.57
C VAL I 290 65.49 6.57 -37.06
N ARG I 291 65.72 7.52 -36.16
CA ARG I 291 64.63 8.27 -35.54
C ARG I 291 63.86 9.09 -36.58
N ARG I 292 64.56 9.65 -37.56
CA ARG I 292 63.90 10.51 -38.54
C ARG I 292 62.86 9.73 -39.35
N GLU I 293 63.17 8.49 -39.72
CA GLU I 293 62.22 7.69 -40.47
C GLU I 293 61.02 7.29 -39.63
N LEU I 294 61.21 7.07 -38.32
CA LEU I 294 60.10 6.65 -37.48
C LEU I 294 59.09 7.78 -37.25
N TYR I 295 59.55 9.03 -37.26
CA TYR I 295 58.64 10.14 -37.01
C TYR I 295 57.59 10.28 -38.11
N GLY I 296 57.92 9.91 -39.33
CA GLY I 296 57.03 10.06 -40.45
C GLY I 296 56.12 8.87 -40.74
N ASN I 297 56.12 7.86 -39.88
CA ASN I 297 55.33 6.64 -40.10
C ASN I 297 54.61 6.23 -38.83
N ILE I 298 53.93 7.17 -38.19
CA ILE I 298 53.14 6.88 -37.00
C ILE I 298 51.79 6.31 -37.44
N VAL I 299 51.47 5.11 -36.97
CA VAL I 299 50.27 4.39 -37.37
C VAL I 299 49.41 4.15 -36.15
N LEU I 300 48.14 4.54 -36.24
CA LEU I 300 47.19 4.37 -35.14
C LEU I 300 46.46 3.04 -35.27
N SER I 301 46.13 2.46 -34.11
CA SER I 301 45.43 1.19 -34.08
C SER I 301 44.67 1.09 -32.76
N GLY I 302 43.73 0.15 -32.72
CA GLY I 302 42.94 -0.09 -31.53
C GLY I 302 41.61 0.64 -31.55
N GLY I 303 40.68 0.14 -30.74
CA GLY I 303 39.35 0.73 -30.69
C GLY I 303 39.30 2.07 -29.98
N SER I 304 40.24 2.31 -29.06
CA SER I 304 40.26 3.56 -28.31
C SER I 304 40.72 4.76 -29.14
N THR I 305 41.22 4.53 -30.35
CA THR I 305 41.65 5.59 -31.24
C THR I 305 40.54 6.04 -32.19
N MET I 306 39.32 5.55 -32.02
CA MET I 306 38.23 5.86 -32.92
C MET I 306 37.50 7.16 -32.56
N PHE I 307 37.95 7.87 -31.52
CA PHE I 307 37.33 9.13 -31.16
C PHE I 307 37.50 10.15 -32.28
N LEU I 308 36.49 11.00 -32.45
CA LEU I 308 36.50 12.00 -33.49
C LEU I 308 37.59 13.03 -33.23
N ASN I 309 38.26 13.45 -34.31
CA ASN I 309 39.29 14.49 -34.31
C ASN I 309 40.53 14.10 -33.52
N LEU I 310 40.65 12.83 -33.13
CA LEU I 310 41.84 12.39 -32.40
C LEU I 310 43.13 12.52 -33.23
N PRO I 311 43.20 12.05 -34.47
CA PRO I 311 44.48 12.16 -35.21
C PRO I 311 44.96 13.59 -35.39
N GLU I 312 44.04 14.54 -35.59
CA GLU I 312 44.46 15.93 -35.77
C GLU I 312 45.10 16.48 -34.50
N ARG I 313 44.51 16.17 -33.34
CA ARG I 313 45.07 16.66 -32.08
C ARG I 313 46.42 16.01 -31.80
N LEU I 314 46.55 14.71 -32.08
CA LEU I 314 47.78 14.00 -31.75
C LEU I 314 48.97 14.52 -32.55
N ALA I 315 48.76 14.86 -33.82
CA ALA I 315 49.85 15.35 -34.65
C ALA I 315 50.40 16.67 -34.11
N LYS I 316 49.51 17.57 -33.66
CA LYS I 316 49.95 18.85 -33.13
C LYS I 316 50.78 18.68 -31.85
N GLU I 317 50.36 17.77 -30.97
CA GLU I 317 51.06 17.60 -29.70
C GLU I 317 52.47 17.08 -29.91
N ILE I 318 52.65 16.10 -30.80
CA ILE I 318 53.97 15.53 -31.02
C ILE I 318 54.90 16.55 -31.67
N SER I 319 54.35 17.41 -32.55
CA SER I 319 55.17 18.38 -33.25
C SER I 319 55.85 19.35 -32.29
N ASN I 320 55.19 19.68 -31.18
CA ASN I 320 55.79 20.59 -30.20
C ASN I 320 57.02 19.96 -29.55
N LEU I 321 56.95 18.67 -29.22
CA LEU I 321 58.08 18.01 -28.59
C LEU I 321 59.23 17.80 -29.57
N ALA I 322 58.91 17.48 -30.83
CA ALA I 322 59.94 17.21 -31.82
C ALA I 322 60.69 18.50 -32.16
N PRO I 323 61.96 18.38 -32.56
CA PRO I 323 62.72 19.58 -32.96
C PRO I 323 62.18 20.17 -34.24
N SER I 324 62.60 21.41 -34.51
CA SER I 324 62.07 22.17 -35.64
C SER I 324 62.43 21.55 -36.99
N SER I 325 63.42 20.67 -37.03
CA SER I 325 63.84 20.04 -38.28
C SER I 325 63.09 18.75 -38.58
N ILE I 326 62.13 18.36 -37.73
CA ILE I 326 61.37 17.14 -37.90
C ILE I 326 59.90 17.50 -38.06
N LYS I 327 59.26 16.93 -39.08
CA LYS I 327 57.83 17.13 -39.33
C LYS I 327 57.10 15.80 -39.24
N PRO I 328 56.52 15.46 -38.09
CA PRO I 328 55.85 14.17 -37.95
C PRO I 328 54.60 14.08 -38.80
N LYS I 329 54.26 12.85 -39.19
CA LYS I 329 53.06 12.56 -39.95
C LYS I 329 52.30 11.43 -39.27
N VAL I 330 50.97 11.56 -39.23
CA VAL I 330 50.10 10.61 -38.56
C VAL I 330 49.21 9.94 -39.60
N VAL I 331 49.15 8.60 -39.55
CA VAL I 331 48.36 7.81 -40.48
C VAL I 331 47.26 7.12 -39.69
N ALA I 332 46.00 7.36 -40.08
CA ALA I 332 44.84 6.80 -39.40
C ALA I 332 43.93 6.14 -40.43
N PRO I 333 44.14 4.86 -40.73
CA PRO I 333 43.27 4.18 -41.67
C PRO I 333 41.86 4.07 -41.12
N PRO I 334 40.84 4.12 -41.98
CA PRO I 334 39.46 4.01 -41.49
C PRO I 334 39.16 2.69 -40.78
N GLU I 335 39.79 1.59 -41.19
CA GLU I 335 39.55 0.28 -40.61
C GLU I 335 40.52 -0.06 -39.49
N ARG I 336 41.01 0.95 -38.76
CA ARG I 336 41.98 0.71 -37.70
C ARG I 336 41.38 0.00 -36.50
N LYS I 337 40.06 -0.12 -36.42
CA LYS I 337 39.43 -0.76 -35.26
C LYS I 337 39.79 -2.25 -35.20
N TYR I 338 39.83 -2.92 -36.34
CA TYR I 338 40.12 -4.35 -36.40
C TYR I 338 41.32 -4.62 -37.31
N SER I 339 42.38 -3.82 -37.17
CA SER I 339 43.54 -3.99 -38.02
C SER I 339 44.21 -5.34 -37.80
N VAL I 340 44.31 -5.78 -36.55
CA VAL I 340 45.01 -7.02 -36.25
C VAL I 340 44.27 -8.21 -36.87
N TRP I 341 42.94 -8.24 -36.74
CA TRP I 341 42.18 -9.36 -37.27
C TRP I 341 42.10 -9.33 -38.79
N ILE I 342 41.92 -8.15 -39.37
CA ILE I 342 41.82 -8.04 -40.82
C ILE I 342 43.13 -8.47 -41.47
N GLY I 343 44.26 -8.03 -40.92
CA GLY I 343 45.55 -8.43 -41.47
C GLY I 343 45.76 -9.93 -41.40
N GLY I 344 45.37 -10.55 -40.29
CA GLY I 344 45.48 -12.00 -40.18
C GLY I 344 44.55 -12.73 -41.13
N SER I 345 43.34 -12.18 -41.34
CA SER I 345 42.39 -12.81 -42.25
C SER I 345 42.89 -12.79 -43.68
N ILE I 346 43.46 -11.65 -44.12
CA ILE I 346 43.97 -11.55 -45.49
C ILE I 346 45.14 -12.50 -45.69
N LEU I 347 46.04 -12.57 -44.72
CA LEU I 347 47.23 -13.42 -44.87
C LEU I 347 46.85 -14.89 -45.00
N SER I 348 45.88 -15.35 -44.22
CA SER I 348 45.49 -16.76 -44.26
C SER I 348 44.74 -17.11 -45.54
N SER I 349 44.19 -16.12 -46.24
CA SER I 349 43.46 -16.39 -47.48
C SER I 349 44.38 -16.53 -48.70
N LEU I 350 45.67 -16.26 -48.54
CA LEU I 350 46.59 -16.38 -49.66
C LEU I 350 46.77 -17.85 -50.06
N THR I 351 46.89 -18.09 -51.37
CA THR I 351 47.05 -19.45 -51.86
C THR I 351 48.41 -20.03 -51.49
N THR I 352 49.45 -19.20 -51.44
CA THR I 352 50.80 -19.66 -51.15
C THR I 352 51.06 -19.83 -49.65
N PHE I 353 50.13 -19.43 -48.79
CA PHE I 353 50.34 -19.50 -47.35
C PHE I 353 50.27 -20.93 -46.82
N GLN I 354 49.86 -21.89 -47.64
CA GLN I 354 49.67 -23.26 -47.15
C GLN I 354 50.97 -23.91 -46.70
N THR I 355 52.12 -23.37 -47.09
CA THR I 355 53.40 -23.92 -46.67
C THR I 355 53.94 -23.28 -45.40
N MET I 356 53.18 -22.36 -44.79
CA MET I 356 53.62 -21.67 -43.59
C MET I 356 53.03 -22.23 -42.31
N TRP I 357 52.02 -23.11 -42.40
CA TRP I 357 51.41 -23.67 -41.20
C TRP I 357 52.38 -24.64 -40.51
N VAL I 358 52.15 -24.83 -39.22
CA VAL I 358 52.92 -25.79 -38.42
C VAL I 358 52.04 -27.02 -38.21
N LYS I 359 52.45 -28.13 -38.81
CA LYS I 359 51.67 -29.35 -38.74
C LYS I 359 51.80 -30.00 -37.35
N LYS I 360 50.79 -30.79 -37.00
CA LYS I 360 50.79 -31.46 -35.70
C LYS I 360 51.88 -32.53 -35.62
N SER I 361 52.21 -33.17 -36.75
CA SER I 361 53.25 -34.18 -36.76
C SER I 361 54.61 -33.59 -36.41
N GLU I 362 54.88 -32.35 -36.83
CA GLU I 362 56.14 -31.71 -36.51
C GLU I 362 56.29 -31.51 -35.01
N TYR I 363 55.19 -31.16 -34.33
CA TYR I 363 55.24 -30.98 -32.88
C TYR I 363 55.54 -32.28 -32.17
N ASP I 364 55.01 -33.40 -32.67
CA ASP I 364 55.24 -34.69 -32.03
C ASP I 364 56.71 -35.09 -32.10
N GLU I 365 57.37 -34.82 -33.23
CA GLU I 365 58.75 -35.22 -33.44
C GLU I 365 59.76 -34.16 -33.00
N SER I 366 59.32 -33.00 -32.55
CA SER I 366 60.23 -31.93 -32.13
C SER I 366 59.90 -31.31 -30.80
N GLY I 367 58.65 -31.37 -30.33
CA GLY I 367 58.28 -30.79 -29.06
C GLY I 367 57.85 -29.34 -29.20
N PRO I 368 57.70 -28.65 -28.06
CA PRO I 368 57.24 -27.25 -28.09
C PRO I 368 58.22 -26.28 -28.74
N SER I 369 59.47 -26.68 -28.96
CA SER I 369 60.48 -25.78 -29.51
C SER I 369 60.25 -25.45 -30.97
N ILE I 370 59.32 -26.12 -31.64
CA ILE I 370 59.12 -25.90 -33.08
C ILE I 370 58.58 -24.50 -33.34
N VAL I 371 57.73 -23.98 -32.44
CA VAL I 371 57.12 -22.67 -32.67
C VAL I 371 58.17 -21.56 -32.63
N HIS I 372 59.18 -21.69 -31.79
CA HIS I 372 60.22 -20.66 -31.70
C HIS I 372 60.99 -20.54 -33.01
N ASN I 373 61.35 -21.67 -33.60
CA ASN I 373 62.11 -21.65 -34.85
C ASN I 373 61.26 -21.15 -36.02
N LYS I 374 60.03 -21.63 -36.13
CA LYS I 374 59.12 -21.21 -37.19
C LYS I 374 58.42 -19.91 -36.78
N CYS I 375 57.41 -19.53 -37.54
CA CYS I 375 56.63 -18.32 -37.29
C CYS I 375 57.50 -17.07 -37.24
N ALA J 1 59.83 -14.62 -47.11
CA ALA J 1 58.63 -13.84 -46.86
C ALA J 1 57.57 -14.67 -46.14
N ILE J 2 56.77 -14.03 -45.30
CA ILE J 2 55.73 -14.74 -44.57
C ILE J 2 54.54 -15.06 -45.47
N SER J 3 54.36 -14.31 -46.57
CA SER J 3 53.26 -14.59 -47.48
C SER J 3 53.49 -15.89 -48.25
N GLY J 4 54.75 -16.25 -48.49
CA GLY J 4 55.07 -17.49 -49.17
C GLY J 4 55.35 -17.37 -50.65
N VAL J 5 55.40 -16.16 -51.19
CA VAL J 5 55.68 -16.00 -52.62
C VAL J 5 57.18 -16.19 -52.87
N THR J 6 57.51 -16.46 -54.13
CA THR J 6 58.89 -16.66 -54.56
C THR J 6 59.16 -15.79 -55.78
N LEU J 7 60.38 -15.91 -56.31
CA LEU J 7 60.82 -15.10 -57.42
C LEU J 7 60.85 -15.93 -58.71
N GLU J 8 60.48 -15.29 -59.82
CA GLU J 8 60.59 -15.93 -61.12
C GLU J 8 62.07 -16.08 -61.50
N GLU J 9 62.35 -17.08 -62.33
CA GLU J 9 63.73 -17.36 -62.72
C GLU J 9 64.31 -16.20 -63.54
N SER J 10 63.48 -15.49 -64.29
CA SER J 10 63.96 -14.38 -65.10
C SER J 10 64.27 -13.13 -64.27
N VAL J 11 63.81 -13.07 -63.02
CA VAL J 11 64.05 -11.89 -62.20
C VAL J 11 65.53 -11.75 -61.87
N ARG J 12 66.20 -12.86 -61.53
CA ARG J 12 67.60 -12.79 -61.15
C ARG J 12 68.47 -12.35 -62.32
N GLY J 13 68.17 -12.84 -63.52
CA GLY J 13 68.95 -12.44 -64.68
C GLY J 13 68.78 -10.98 -65.03
N ALA J 14 67.57 -10.44 -64.86
CA ALA J 14 67.32 -9.04 -65.20
C ALA J 14 68.08 -8.11 -64.27
N ILE J 15 68.21 -8.48 -62.99
CA ILE J 15 68.92 -7.62 -62.04
C ILE J 15 70.40 -7.51 -62.41
N ASP J 16 71.00 -8.63 -62.82
CA ASP J 16 72.42 -8.61 -63.20
C ASP J 16 72.65 -7.70 -64.40
N ASP J 17 71.74 -7.73 -65.37
CA ASP J 17 71.86 -6.84 -66.53
C ASP J 17 71.79 -5.37 -66.11
N LEU J 18 70.91 -5.05 -65.14
CA LEU J 18 70.83 -3.69 -64.64
C LEU J 18 72.13 -3.28 -63.96
N ARG J 19 72.76 -4.21 -63.23
CA ARG J 19 74.01 -3.88 -62.55
C ARG J 19 75.12 -3.56 -63.55
N MET J 20 75.18 -4.28 -64.67
CA MET J 20 76.22 -4.07 -65.67
C MET J 20 75.89 -2.96 -66.65
N LYS J 21 75.00 -2.04 -66.28
CA LYS J 21 74.66 -0.87 -67.09
C LYS J 21 74.14 -1.25 -68.47
N LYS J 22 73.36 -2.34 -68.52
CA LYS J 22 72.69 -2.74 -69.75
C LYS J 22 71.26 -2.21 -69.85
N SER J 23 70.74 -1.59 -68.80
CA SER J 23 69.39 -1.06 -68.80
C SER J 23 69.29 0.00 -67.71
N ARG J 24 68.21 0.77 -67.76
CA ARG J 24 68.00 1.85 -66.79
C ARG J 24 67.23 1.39 -65.56
N TYR J 25 66.10 0.70 -65.75
CA TYR J 25 65.29 0.26 -64.63
C TYR J 25 64.56 -1.02 -65.00
N VAL J 26 64.14 -1.76 -63.97
CA VAL J 26 63.35 -2.96 -64.12
C VAL J 26 62.19 -2.89 -63.14
N MET J 27 60.97 -3.10 -63.63
CA MET J 27 59.77 -3.06 -62.80
C MET J 27 59.27 -4.47 -62.59
N MET J 28 58.96 -4.80 -61.34
CA MET J 28 58.51 -6.13 -60.95
C MET J 28 57.15 -6.04 -60.27
N CYS J 29 56.28 -7.00 -60.58
CA CYS J 29 54.95 -7.06 -60.00
C CYS J 29 54.57 -8.52 -59.75
N ILE J 30 53.60 -8.71 -58.87
CA ILE J 30 53.11 -10.05 -58.57
C ILE J 30 52.24 -10.54 -59.72
N GLY J 31 52.35 -11.83 -60.04
CA GLY J 31 51.65 -12.38 -61.16
C GLY J 31 50.14 -12.39 -60.98
N ALA J 32 49.45 -12.76 -62.07
CA ALA J 32 48.00 -12.78 -62.06
C ALA J 32 47.47 -13.80 -61.05
N ASP J 33 48.08 -14.98 -60.99
CA ASP J 33 47.68 -15.98 -60.00
C ASP J 33 48.15 -15.64 -58.60
N GLY J 34 49.01 -14.63 -58.44
CA GLY J 34 49.48 -14.23 -57.14
C GLY J 34 50.36 -15.26 -56.43
N LYS J 35 51.29 -15.87 -57.15
CA LYS J 35 52.18 -16.85 -56.58
C LYS J 35 53.66 -16.53 -56.75
N LYS J 36 54.03 -15.70 -57.72
CA LYS J 36 55.42 -15.37 -57.97
C LYS J 36 55.54 -13.93 -58.41
N ILE J 37 56.74 -13.37 -58.24
CA ILE J 37 57.06 -12.02 -58.69
C ILE J 37 57.75 -12.11 -60.05
N GLU J 38 57.21 -11.40 -61.03
CA GLU J 38 57.68 -11.50 -62.40
C GLU J 38 58.02 -10.11 -62.95
N VAL J 39 59.00 -10.08 -63.85
CA VAL J 39 59.42 -8.83 -64.45
C VAL J 39 58.33 -8.33 -65.39
N THR J 40 58.08 -7.02 -65.37
CA THR J 40 57.04 -6.41 -66.18
C THR J 40 57.59 -5.52 -67.30
N GLU J 41 58.43 -4.56 -66.97
CA GLU J 41 58.93 -3.60 -67.96
C GLU J 41 60.39 -3.29 -67.68
N VAL J 42 61.16 -3.16 -68.76
CA VAL J 42 62.58 -2.80 -68.69
C VAL J 42 62.81 -1.59 -69.59
N GLY J 43 63.50 -0.59 -69.07
CA GLY J 43 63.75 0.65 -69.79
C GLY J 43 65.21 0.79 -70.17
N GLU J 44 65.46 1.47 -71.28
CA GLU J 44 66.81 1.68 -71.77
C GLU J 44 67.45 2.89 -71.10
N ARG J 45 68.77 2.97 -71.21
CA ARG J 45 69.55 3.99 -70.50
C ARG J 45 69.27 5.40 -70.98
N GLY J 46 68.60 5.56 -72.13
CA GLY J 46 68.28 6.91 -72.60
C GLY J 46 67.32 7.64 -71.70
N VAL J 47 66.36 6.92 -71.10
CA VAL J 47 65.37 7.56 -70.26
C VAL J 47 65.99 7.99 -68.93
N ASN J 48 65.37 8.98 -68.31
CA ASN J 48 65.83 9.55 -67.04
C ASN J 48 64.79 9.26 -65.95
N TYR J 49 65.09 9.73 -64.73
CA TYR J 49 64.23 9.45 -63.60
C TYR J 49 62.90 10.20 -63.70
N THR J 50 62.92 11.41 -64.25
CA THR J 50 61.72 12.23 -64.31
C THR J 50 60.61 11.58 -65.12
N ASP J 51 60.95 10.94 -66.25
CA ASP J 51 59.94 10.26 -67.05
C ASP J 51 59.34 9.07 -66.32
N LEU J 52 60.16 8.32 -65.57
CA LEU J 52 59.66 7.16 -64.85
C LEU J 52 58.74 7.56 -63.71
N LYS J 53 58.98 8.73 -63.10
CA LYS J 53 58.14 9.18 -61.99
C LYS J 53 56.68 9.34 -62.41
N GLU J 54 56.45 9.65 -63.68
CA GLU J 54 55.09 9.80 -64.18
C GLU J 54 54.43 8.46 -64.52
N LYS J 55 55.18 7.37 -64.47
CA LYS J 55 54.64 6.04 -64.75
C LYS J 55 54.04 5.37 -63.52
N PHE J 56 54.19 5.94 -62.34
CA PHE J 56 53.60 5.36 -61.14
C PHE J 56 52.10 5.56 -61.14
N SER J 57 51.37 4.48 -60.84
CA SER J 57 49.92 4.50 -60.84
C SER J 57 49.41 4.46 -59.41
N ALA J 58 48.42 5.31 -59.10
CA ALA J 58 47.87 5.38 -57.75
C ALA J 58 47.00 4.19 -57.39
N GLU J 59 46.68 3.32 -58.36
CA GLU J 59 45.83 2.16 -58.10
C GLU J 59 46.58 0.84 -58.16
N LYS J 60 47.88 0.85 -58.47
CA LYS J 60 48.61 -0.39 -58.64
C LYS J 60 50.00 -0.30 -58.00
N PRO J 61 50.24 -0.99 -56.89
CA PRO J 61 51.59 -1.02 -56.31
C PRO J 61 52.54 -1.83 -57.17
N CYS J 62 53.82 -1.50 -57.06
CA CYS J 62 54.85 -2.20 -57.82
C CYS J 62 56.20 -2.01 -57.15
N TYR J 63 57.14 -2.87 -57.53
CA TYR J 63 58.53 -2.78 -57.09
C TYR J 63 59.38 -2.28 -58.26
N VAL J 64 60.16 -1.23 -58.02
CA VAL J 64 60.96 -0.61 -59.06
C VAL J 64 62.41 -0.59 -58.60
N ALA J 65 63.30 -1.15 -59.42
CA ALA J 65 64.74 -1.07 -59.21
C ALA J 65 65.31 -0.08 -60.22
N PHE J 66 65.98 0.94 -59.72
CA PHE J 66 66.41 2.06 -60.55
C PHE J 66 67.87 2.40 -60.27
N ASP J 67 68.53 2.92 -61.29
CA ASP J 67 69.92 3.39 -61.19
C ASP J 67 69.86 4.92 -61.18
N PHE J 68 69.94 5.51 -59.99
CA PHE J 68 69.68 6.93 -59.80
C PHE J 68 70.98 7.72 -59.80
N GLU J 69 71.01 8.80 -60.56
CA GLU J 69 72.13 9.73 -60.61
C GLU J 69 71.66 11.10 -60.14
N TYR J 70 72.48 11.75 -59.32
CA TYR J 70 72.09 13.01 -58.70
C TYR J 70 73.03 14.18 -59.01
N ASN J 71 74.16 13.94 -59.66
CA ASN J 71 75.08 15.00 -60.10
C ASN J 71 75.54 15.84 -58.91
N ASP J 72 76.27 15.18 -58.01
CA ASP J 72 76.77 15.85 -56.81
C ASP J 72 77.92 16.79 -57.15
N ALA J 73 77.59 18.08 -57.34
CA ALA J 73 78.59 19.13 -57.57
C ALA J 73 79.50 18.80 -58.75
N GLY J 74 78.89 18.53 -59.90
CA GLY J 74 79.65 18.25 -61.10
C GLY J 74 80.24 16.87 -61.19
N SER J 75 79.75 15.93 -60.38
CA SER J 75 80.21 14.54 -60.40
C SER J 75 79.09 13.65 -60.89
N LYS J 76 79.37 12.82 -61.89
CA LYS J 76 78.38 11.92 -62.48
C LYS J 76 78.23 10.66 -61.63
N ARG J 77 77.91 10.86 -60.36
CA ARG J 77 77.74 9.75 -59.44
C ARG J 77 76.39 9.06 -59.65
N GLU J 78 76.38 7.74 -59.51
CA GLU J 78 75.17 6.95 -59.65
C GLU J 78 75.05 6.00 -58.47
N LYS J 79 73.80 5.75 -58.08
CA LYS J 79 73.51 4.87 -56.95
C LYS J 79 72.33 3.96 -57.30
N LEU J 80 72.45 2.70 -56.94
CA LEU J 80 71.40 1.72 -57.18
C LEU J 80 70.42 1.74 -56.02
N ILE J 81 69.14 1.99 -56.31
CA ILE J 81 68.10 2.05 -55.30
C ILE J 81 66.97 1.11 -55.68
N LEU J 82 66.21 0.70 -54.68
CA LEU J 82 65.05 -0.18 -54.86
C LEU J 82 63.85 0.51 -54.21
N ILE J 83 62.89 0.91 -55.04
CA ILE J 83 61.74 1.69 -54.60
C ILE J 83 60.56 0.75 -54.35
N GLN J 84 59.96 0.88 -53.17
CA GLN J 84 58.75 0.15 -52.80
C GLN J 84 57.58 1.13 -52.85
N TRP J 85 56.76 1.03 -53.89
CA TRP J 85 55.66 1.95 -54.11
C TRP J 85 54.34 1.25 -53.79
N ILE J 86 53.76 1.60 -52.64
CA ILE J 86 52.45 1.07 -52.25
C ILE J 86 51.56 2.26 -51.89
N PRO J 87 50.74 2.76 -52.82
CA PRO J 87 49.88 3.90 -52.51
C PRO J 87 48.83 3.56 -51.47
N ASP J 88 48.44 4.57 -50.70
CA ASP J 88 47.42 4.38 -49.67
C ASP J 88 46.04 4.14 -50.25
N THR J 89 45.83 4.47 -51.53
CA THR J 89 44.53 4.30 -52.17
C THR J 89 44.32 2.91 -52.74
N ALA J 90 45.30 2.02 -52.61
CA ALA J 90 45.17 0.68 -53.13
C ALA J 90 44.21 -0.15 -52.28
N ARG J 91 43.82 -1.30 -52.81
CA ARG J 91 42.91 -2.18 -52.11
C ARG J 91 43.58 -2.75 -50.86
N PRO J 92 42.79 -3.02 -49.81
CA PRO J 92 43.39 -3.60 -48.59
C PRO J 92 44.08 -4.92 -48.82
N ARG J 93 43.57 -5.76 -49.74
CA ARG J 93 44.22 -7.02 -50.02
C ARG J 93 45.56 -6.81 -50.73
N GLU J 94 45.63 -5.83 -51.64
CA GLU J 94 46.87 -5.58 -52.37
C GLU J 94 47.96 -5.04 -51.46
N LYS J 95 47.61 -4.13 -50.54
CA LYS J 95 48.61 -3.56 -49.64
C LYS J 95 49.21 -4.62 -48.73
N MET J 96 48.37 -5.52 -48.21
CA MET J 96 48.88 -6.59 -47.34
C MET J 96 49.78 -7.54 -48.12
N MET J 97 49.40 -7.88 -49.35
CA MET J 97 50.15 -8.87 -50.11
C MET J 97 51.53 -8.34 -50.51
N TYR J 98 51.60 -7.08 -50.95
CA TYR J 98 52.88 -6.53 -51.40
C TYR J 98 53.81 -6.26 -50.23
N SER J 99 53.28 -5.79 -49.10
CA SER J 99 54.12 -5.46 -47.95
C SER J 99 54.79 -6.71 -47.38
N ALA J 100 54.04 -7.81 -47.27
CA ALA J 100 54.59 -9.04 -46.71
C ALA J 100 55.52 -9.77 -47.68
N SER J 101 55.53 -9.40 -48.95
CA SER J 101 56.36 -10.05 -49.95
C SER J 101 57.66 -9.31 -50.22
N ARG J 102 57.95 -8.25 -49.46
CA ARG J 102 59.17 -7.48 -49.69
C ARG J 102 60.42 -8.29 -49.36
N ASP J 103 60.31 -9.26 -48.44
CA ASP J 103 61.48 -10.02 -48.02
C ASP J 103 62.04 -10.91 -49.13
N ALA J 104 61.24 -11.22 -50.14
CA ALA J 104 61.72 -12.11 -51.21
C ALA J 104 62.86 -11.47 -51.99
N LEU J 105 62.77 -10.17 -52.24
CA LEU J 105 63.80 -9.49 -53.03
C LEU J 105 65.11 -9.30 -52.26
N SER J 106 65.13 -9.57 -50.95
CA SER J 106 66.34 -9.32 -50.17
C SER J 106 67.47 -10.25 -50.57
N SER J 107 67.17 -11.45 -51.05
CA SER J 107 68.21 -12.40 -51.41
C SER J 107 68.92 -12.05 -52.72
N VAL J 108 68.31 -11.20 -53.56
CA VAL J 108 68.89 -10.87 -54.85
C VAL J 108 69.22 -9.38 -54.99
N SER J 109 68.72 -8.53 -54.09
CA SER J 109 68.93 -7.09 -54.19
C SER J 109 70.03 -6.60 -53.25
N GLU J 110 71.08 -7.40 -53.07
CA GLU J 110 72.20 -6.96 -52.25
C GLU J 110 72.90 -5.77 -52.90
N GLY J 111 73.21 -4.75 -52.09
CA GLY J 111 73.80 -3.53 -52.58
C GLY J 111 72.83 -2.44 -52.94
N TYR J 112 71.56 -2.78 -53.14
CA TYR J 112 70.54 -1.77 -53.43
C TYR J 112 70.08 -1.09 -52.16
N LEU J 113 69.88 0.23 -52.24
CA LEU J 113 69.41 0.99 -51.10
C LEU J 113 67.88 0.93 -51.04
N PRO J 114 67.29 0.36 -49.99
CA PRO J 114 65.83 0.28 -49.93
C PRO J 114 65.21 1.64 -49.61
N ILE J 115 64.21 2.03 -50.39
CA ILE J 115 63.49 3.28 -50.20
C ILE J 115 62.01 2.98 -50.17
N GLN J 116 61.33 3.47 -49.14
CA GLN J 116 59.90 3.26 -48.95
C GLN J 116 59.14 4.54 -49.24
N ALA J 117 58.12 4.45 -50.09
CA ALA J 117 57.30 5.60 -50.45
C ALA J 117 55.84 5.18 -50.50
N ASN J 118 54.97 6.00 -49.91
CA ASN J 118 53.53 5.73 -49.90
C ASN J 118 52.72 6.87 -50.50
N ASP J 119 53.36 7.96 -50.93
CA ASP J 119 52.66 9.08 -51.53
C ASP J 119 53.60 9.80 -52.47
N GLU J 120 53.03 10.67 -53.32
CA GLU J 120 53.82 11.36 -54.34
C GLU J 120 54.87 12.28 -53.73
N SER J 121 54.67 12.75 -52.50
CA SER J 121 55.68 13.59 -51.87
C SER J 121 56.93 12.80 -51.49
N GLY J 122 56.81 11.49 -51.32
CA GLY J 122 57.96 10.67 -51.00
C GLY J 122 58.81 10.29 -52.20
N LEU J 123 58.37 10.60 -53.41
CA LEU J 123 59.12 10.33 -54.62
C LEU J 123 59.95 11.53 -55.08
N ASP J 124 60.01 12.58 -54.28
CA ASP J 124 60.77 13.77 -54.64
C ASP J 124 62.26 13.43 -54.77
N ALA J 125 62.92 14.10 -55.72
CA ALA J 125 64.34 13.88 -55.92
C ALA J 125 65.16 14.29 -54.71
N GLU J 126 64.79 15.40 -54.08
CA GLU J 126 65.52 15.86 -52.90
C GLU J 126 65.43 14.86 -51.76
N GLU J 127 64.27 14.20 -51.62
CA GLU J 127 64.13 13.16 -50.60
C GLU J 127 65.09 12.00 -50.87
N ILE J 128 65.20 11.58 -52.13
CA ILE J 128 66.08 10.47 -52.47
C ILE J 128 67.54 10.88 -52.33
N ILE J 129 67.88 12.10 -52.75
CA ILE J 129 69.27 12.56 -52.67
C ILE J 129 69.72 12.63 -51.21
N ARG J 130 68.84 13.06 -50.32
CA ARG J 130 69.20 13.15 -48.90
C ARG J 130 69.50 11.77 -48.32
N LYS J 131 68.71 10.76 -48.71
CA LYS J 131 68.87 9.43 -48.12
C LYS J 131 70.13 8.75 -48.63
N VAL J 132 70.47 8.91 -49.91
CA VAL J 132 71.64 8.22 -50.46
C VAL J 132 72.92 8.79 -49.87
N ARG J 133 72.95 10.09 -49.59
CA ARG J 133 74.16 10.71 -49.03
C ARG J 133 74.36 10.35 -47.57
N LEU J 134 73.30 9.96 -46.86
CA LEU J 134 73.42 9.66 -45.44
C LEU J 134 74.29 8.43 -45.21
N HIS J 135 74.16 7.41 -46.05
CA HIS J 135 74.85 6.15 -45.85
C HIS J 135 76.25 6.13 -46.47
N ARG J 136 76.66 7.19 -47.14
CA ARG J 136 77.98 7.27 -47.75
C ARG J 136 78.92 8.03 -46.81
N SER J 137 80.01 7.37 -46.43
CA SER J 137 81.00 8.03 -45.56
C SER J 137 81.66 9.19 -46.27
N VAL J 138 82.00 9.02 -47.55
CA VAL J 138 82.64 10.09 -48.32
C VAL J 138 81.63 11.16 -48.69
#